data_3ACD
# 
_entry.id   3ACD 
# 
_audit_conform.dict_name       mmcif_pdbx.dic 
_audit_conform.dict_version    5.380 
_audit_conform.dict_location   http://mmcif.pdb.org/dictionaries/ascii/mmcif_pdbx.dic 
# 
loop_
_database_2.database_id 
_database_2.database_code 
_database_2.pdbx_database_accession 
_database_2.pdbx_DOI 
PDB   3ACD         pdb_00003acd 10.2210/pdb3acd/pdb 
RCSB  RCSB029079   ?            ?                   
WWPDB D_1000029079 ?            ?                   
# 
_pdbx_database_PDB_obs_spr.id               SPRSDE 
_pdbx_database_PDB_obs_spr.date             2010-02-23 
_pdbx_database_PDB_obs_spr.pdb_id           3ACD 
_pdbx_database_PDB_obs_spr.replace_pdb_id   2YWU 
_pdbx_database_PDB_obs_spr.details          ? 
# 
loop_
_pdbx_database_related.db_name 
_pdbx_database_related.db_id 
_pdbx_database_related.details 
_pdbx_database_related.content_type 
PDB 3ACB . unspecified 
PDB 3ACC . unspecified 
# 
_pdbx_database_status.status_code                     REL 
_pdbx_database_status.entry_id                        3ACD 
_pdbx_database_status.recvd_initial_deposition_date   2009-12-30 
_pdbx_database_status.deposit_site                    PDBJ 
_pdbx_database_status.process_site                    PDBJ 
_pdbx_database_status.status_code_sf                  REL 
_pdbx_database_status.status_code_mr                  ? 
_pdbx_database_status.SG_entry                        Y 
_pdbx_database_status.pdb_format_compatible           Y 
_pdbx_database_status.status_code_cs                  ? 
_pdbx_database_status.status_code_nmr_data            ? 
_pdbx_database_status.methods_development_category    ? 
# 
loop_
_audit_author.name 
_audit_author.pdbx_ordinal 
'Kanagawa, M.'                                           1 
'Baba, S.'                                               2 
'Hirotsu, K.'                                            3 
'Kuramitsu, S.'                                          4 
'Yokoyama, S.'                                           5 
'Kawai, G.'                                              6 
'Sampei, G.'                                             7 
'RIKEN Structural Genomics/Proteomics Initiative (RSGI)' 8 
# 
_citation.id                        primary 
_citation.title                     
'Structures of hypoxanthine-guanine phosphoribosyltransferase (TTHA0220) from Thermus thermophilus HB8.' 
_citation.journal_abbrev            'Acta Crystallogr.,Sect.F' 
_citation.journal_volume            66 
_citation.page_first                893 
_citation.page_last                 898 
_citation.year                      2010 
_citation.journal_id_ASTM           ? 
_citation.country                   DK 
_citation.journal_id_ISSN           1744-3091 
_citation.journal_id_CSD            ? 
_citation.book_publisher            ? 
_citation.pdbx_database_id_PubMed   20693661 
_citation.pdbx_database_id_DOI      10.1107/S1744309110023079 
# 
loop_
_citation_author.citation_id 
_citation_author.name 
_citation_author.ordinal 
_citation_author.identifier_ORCID 
primary 'Kanagawa, M.'  1  ? 
primary 'Baba, S.'      2  ? 
primary 'Ebihara, A.'   3  ? 
primary 'Shinkai, A.'   4  ? 
primary 'Hirotsu, K.'   5  ? 
primary 'Mega, R.'      6  ? 
primary 'Kim, K.'       7  ? 
primary 'Kuramitsu, S.' 8  ? 
primary 'Sampei, G.'    9  ? 
primary 'Kawai, G.'     10 ? 
# 
_cell.entry_id           3ACD 
_cell.length_a           67.344 
_cell.length_b           67.344 
_cell.length_c           152.151 
_cell.angle_alpha        90.00 
_cell.angle_beta         90.00 
_cell.angle_gamma        120.00 
_cell.Z_PDB              12 
_cell.pdbx_unique_axis   ? 
_cell.length_a_esd       ? 
_cell.length_b_esd       ? 
_cell.length_c_esd       ? 
_cell.angle_alpha_esd    ? 
_cell.angle_beta_esd     ? 
_cell.angle_gamma_esd    ? 
# 
_symmetry.entry_id                         3ACD 
_symmetry.space_group_name_H-M             'P 65 2 2' 
_symmetry.pdbx_full_space_group_name_H-M   ? 
_symmetry.cell_setting                     ? 
_symmetry.Int_Tables_number                179 
_symmetry.space_group_name_Hall            ? 
# 
loop_
_entity.id 
_entity.type 
_entity.src_method 
_entity.pdbx_description 
_entity.formula_weight 
_entity.pdbx_number_of_molecules 
_entity.pdbx_ec 
_entity.pdbx_mutation 
_entity.pdbx_fragment 
_entity.details 
1 polymer     man 'Hypoxanthine-guanine phosphoribosyltransferase' 20193.264 1   2.4.2.8 ? ? ? 
2 non-polymer syn 'INOSINIC ACID'                                  348.206   1   ?       ? ? ? 
3 non-polymer syn '1,4-DIETHYLENE DIOXIDE'                         88.105    2   ?       ? ? ? 
4 water       nat water                                            18.015    185 ?       ? ? ? 
# 
_entity_poly.entity_id                      1 
_entity_poly.type                           'polypeptide(L)' 
_entity_poly.nstd_linkage                   no 
_entity_poly.nstd_monomer                   no 
_entity_poly.pdbx_seq_one_letter_code       
;MKGMFTPGNGPVQISAEAIKKRVEELGGEIARDYQGKTPHLICVLNGAFIFMADLVRAIPLPLTMDFIAISSYGNAFKSS
GEVELLKDLRLPIHGRDVIVVEDIVDTGLTLSYLLDYLEARKPASVRVAALLSKPSRRQVEVPIHYLGFEIEDAYVYGYG
LDRAQFDRNLPFITSIRPEEE
;
_entity_poly.pdbx_seq_one_letter_code_can   
;MKGMFTPGNGPVQISAEAIKKRVEELGGEIARDYQGKTPHLICVLNGAFIFMADLVRAIPLPLTMDFIAISSYGNAFKSS
GEVELLKDLRLPIHGRDVIVVEDIVDTGLTLSYLLDYLEARKPASVRVAALLSKPSRRQVEVPIHYLGFEIEDAYVYGYG
LDRAQFDRNLPFITSIRPEEE
;
_entity_poly.pdbx_strand_id                 A 
_entity_poly.pdbx_target_identifier         ? 
# 
loop_
_entity_poly_seq.entity_id 
_entity_poly_seq.num 
_entity_poly_seq.mon_id 
_entity_poly_seq.hetero 
1 1   MET n 
1 2   LYS n 
1 3   GLY n 
1 4   MET n 
1 5   PHE n 
1 6   THR n 
1 7   PRO n 
1 8   GLY n 
1 9   ASN n 
1 10  GLY n 
1 11  PRO n 
1 12  VAL n 
1 13  GLN n 
1 14  ILE n 
1 15  SER n 
1 16  ALA n 
1 17  GLU n 
1 18  ALA n 
1 19  ILE n 
1 20  LYS n 
1 21  LYS n 
1 22  ARG n 
1 23  VAL n 
1 24  GLU n 
1 25  GLU n 
1 26  LEU n 
1 27  GLY n 
1 28  GLY n 
1 29  GLU n 
1 30  ILE n 
1 31  ALA n 
1 32  ARG n 
1 33  ASP n 
1 34  TYR n 
1 35  GLN n 
1 36  GLY n 
1 37  LYS n 
1 38  THR n 
1 39  PRO n 
1 40  HIS n 
1 41  LEU n 
1 42  ILE n 
1 43  CYS n 
1 44  VAL n 
1 45  LEU n 
1 46  ASN n 
1 47  GLY n 
1 48  ALA n 
1 49  PHE n 
1 50  ILE n 
1 51  PHE n 
1 52  MET n 
1 53  ALA n 
1 54  ASP n 
1 55  LEU n 
1 56  VAL n 
1 57  ARG n 
1 58  ALA n 
1 59  ILE n 
1 60  PRO n 
1 61  LEU n 
1 62  PRO n 
1 63  LEU n 
1 64  THR n 
1 65  MET n 
1 66  ASP n 
1 67  PHE n 
1 68  ILE n 
1 69  ALA n 
1 70  ILE n 
1 71  SER n 
1 72  SER n 
1 73  TYR n 
1 74  GLY n 
1 75  ASN n 
1 76  ALA n 
1 77  PHE n 
1 78  LYS n 
1 79  SER n 
1 80  SER n 
1 81  GLY n 
1 82  GLU n 
1 83  VAL n 
1 84  GLU n 
1 85  LEU n 
1 86  LEU n 
1 87  LYS n 
1 88  ASP n 
1 89  LEU n 
1 90  ARG n 
1 91  LEU n 
1 92  PRO n 
1 93  ILE n 
1 94  HIS n 
1 95  GLY n 
1 96  ARG n 
1 97  ASP n 
1 98  VAL n 
1 99  ILE n 
1 100 VAL n 
1 101 VAL n 
1 102 GLU n 
1 103 ASP n 
1 104 ILE n 
1 105 VAL n 
1 106 ASP n 
1 107 THR n 
1 108 GLY n 
1 109 LEU n 
1 110 THR n 
1 111 LEU n 
1 112 SER n 
1 113 TYR n 
1 114 LEU n 
1 115 LEU n 
1 116 ASP n 
1 117 TYR n 
1 118 LEU n 
1 119 GLU n 
1 120 ALA n 
1 121 ARG n 
1 122 LYS n 
1 123 PRO n 
1 124 ALA n 
1 125 SER n 
1 126 VAL n 
1 127 ARG n 
1 128 VAL n 
1 129 ALA n 
1 130 ALA n 
1 131 LEU n 
1 132 LEU n 
1 133 SER n 
1 134 LYS n 
1 135 PRO n 
1 136 SER n 
1 137 ARG n 
1 138 ARG n 
1 139 GLN n 
1 140 VAL n 
1 141 GLU n 
1 142 VAL n 
1 143 PRO n 
1 144 ILE n 
1 145 HIS n 
1 146 TYR n 
1 147 LEU n 
1 148 GLY n 
1 149 PHE n 
1 150 GLU n 
1 151 ILE n 
1 152 GLU n 
1 153 ASP n 
1 154 ALA n 
1 155 TYR n 
1 156 VAL n 
1 157 TYR n 
1 158 GLY n 
1 159 TYR n 
1 160 GLY n 
1 161 LEU n 
1 162 ASP n 
1 163 ARG n 
1 164 ALA n 
1 165 GLN n 
1 166 PHE n 
1 167 ASP n 
1 168 ARG n 
1 169 ASN n 
1 170 LEU n 
1 171 PRO n 
1 172 PHE n 
1 173 ILE n 
1 174 THR n 
1 175 SER n 
1 176 ILE n 
1 177 ARG n 
1 178 PRO n 
1 179 GLU n 
1 180 GLU n 
1 181 GLU n 
# 
_entity_src_gen.entity_id                          1 
_entity_src_gen.pdbx_src_id                        1 
_entity_src_gen.pdbx_alt_source_flag               sample 
_entity_src_gen.pdbx_seq_type                      ? 
_entity_src_gen.pdbx_beg_seq_num                   ? 
_entity_src_gen.pdbx_end_seq_num                   ? 
_entity_src_gen.gene_src_common_name               ? 
_entity_src_gen.gene_src_genus                     ? 
_entity_src_gen.pdbx_gene_src_gene                 TTHA0220 
_entity_src_gen.gene_src_species                   ? 
_entity_src_gen.gene_src_strain                    HB8 
_entity_src_gen.gene_src_tissue                    ? 
_entity_src_gen.gene_src_tissue_fraction           ? 
_entity_src_gen.gene_src_details                   ? 
_entity_src_gen.pdbx_gene_src_fragment             ? 
_entity_src_gen.pdbx_gene_src_scientific_name      'Thermus thermophilus' 
_entity_src_gen.pdbx_gene_src_ncbi_taxonomy_id     300852 
_entity_src_gen.pdbx_gene_src_variant              ? 
_entity_src_gen.pdbx_gene_src_cell_line            ? 
_entity_src_gen.pdbx_gene_src_atcc                 ? 
_entity_src_gen.pdbx_gene_src_organ                ? 
_entity_src_gen.pdbx_gene_src_organelle            ? 
_entity_src_gen.pdbx_gene_src_cell                 ? 
_entity_src_gen.pdbx_gene_src_cellular_location    ? 
_entity_src_gen.host_org_common_name               ? 
_entity_src_gen.pdbx_host_org_scientific_name      'Escherichia coli' 
_entity_src_gen.pdbx_host_org_ncbi_taxonomy_id     562 
_entity_src_gen.host_org_genus                     ? 
_entity_src_gen.pdbx_host_org_gene                 ? 
_entity_src_gen.pdbx_host_org_organ                ? 
_entity_src_gen.host_org_species                   ? 
_entity_src_gen.pdbx_host_org_tissue               ? 
_entity_src_gen.pdbx_host_org_tissue_fraction      ? 
_entity_src_gen.pdbx_host_org_strain               ? 
_entity_src_gen.pdbx_host_org_variant              ? 
_entity_src_gen.pdbx_host_org_cell_line            ? 
_entity_src_gen.pdbx_host_org_atcc                 ? 
_entity_src_gen.pdbx_host_org_culture_collection   ? 
_entity_src_gen.pdbx_host_org_cell                 ? 
_entity_src_gen.pdbx_host_org_organelle            ? 
_entity_src_gen.pdbx_host_org_cellular_location    ? 
_entity_src_gen.pdbx_host_org_vector_type          PLASMID 
_entity_src_gen.pdbx_host_org_vector               ? 
_entity_src_gen.host_org_details                   ? 
_entity_src_gen.expression_system_id               ? 
_entity_src_gen.plasmid_name                       pET-11A 
_entity_src_gen.plasmid_details                    ? 
_entity_src_gen.pdbx_description                   ? 
# 
_struct_ref.id                         1 
_struct_ref.db_name                    UNP 
_struct_ref.db_code                    Q5SLS3_THET8 
_struct_ref.pdbx_db_accession          Q5SLS3 
_struct_ref.entity_id                  1 
_struct_ref.pdbx_seq_one_letter_code   
;MKGMFTPGNGPVQISAEAIKKRVEELGGEIARDYQGKTPHLICVLNGAFIFMADLVRAIPLPLTMDFIAISSYGNAFKSS
GEVELLKDLRLPIHGRDVIVVEDIVDTGLTLSYLLDYLEARKPASVRVAALLSKPSRRQVEVPIHYLGFEIEDAYVYGYG
LDRAQFDRNLPFITSIRPEEE
;
_struct_ref.pdbx_align_begin           1 
_struct_ref.pdbx_db_isoform            ? 
# 
_struct_ref_seq.align_id                      1 
_struct_ref_seq.ref_id                        1 
_struct_ref_seq.pdbx_PDB_id_code              3ACD 
_struct_ref_seq.pdbx_strand_id                A 
_struct_ref_seq.seq_align_beg                 1 
_struct_ref_seq.pdbx_seq_align_beg_ins_code   ? 
_struct_ref_seq.seq_align_end                 181 
_struct_ref_seq.pdbx_seq_align_end_ins_code   ? 
_struct_ref_seq.pdbx_db_accession             Q5SLS3 
_struct_ref_seq.db_align_beg                  1 
_struct_ref_seq.pdbx_db_align_beg_ins_code    ? 
_struct_ref_seq.db_align_end                  181 
_struct_ref_seq.pdbx_db_align_end_ins_code    ? 
_struct_ref_seq.pdbx_auth_seq_align_beg       1 
_struct_ref_seq.pdbx_auth_seq_align_end       181 
# 
loop_
_chem_comp.id 
_chem_comp.type 
_chem_comp.mon_nstd_flag 
_chem_comp.name 
_chem_comp.pdbx_synonyms 
_chem_comp.formula 
_chem_comp.formula_weight 
ALA 'L-peptide linking' y ALANINE                  ? 'C3 H7 N O2'      89.093  
ARG 'L-peptide linking' y ARGININE                 ? 'C6 H15 N4 O2 1'  175.209 
ASN 'L-peptide linking' y ASPARAGINE               ? 'C4 H8 N2 O3'     132.118 
ASP 'L-peptide linking' y 'ASPARTIC ACID'          ? 'C4 H7 N O4'      133.103 
CYS 'L-peptide linking' y CYSTEINE                 ? 'C3 H7 N O2 S'    121.158 
DIO non-polymer         . '1,4-DIETHYLENE DIOXIDE' ? 'C4 H8 O2'        88.105  
GLN 'L-peptide linking' y GLUTAMINE                ? 'C5 H10 N2 O3'    146.144 
GLU 'L-peptide linking' y 'GLUTAMIC ACID'          ? 'C5 H9 N O4'      147.129 
GLY 'peptide linking'   y GLYCINE                  ? 'C2 H5 N O2'      75.067  
HIS 'L-peptide linking' y HISTIDINE                ? 'C6 H10 N3 O2 1'  156.162 
HOH non-polymer         . WATER                    ? 'H2 O'            18.015  
ILE 'L-peptide linking' y ISOLEUCINE               ? 'C6 H13 N O2'     131.173 
IMP non-polymer         n 'INOSINIC ACID'          ? 'C10 H13 N4 O8 P' 348.206 
LEU 'L-peptide linking' y LEUCINE                  ? 'C6 H13 N O2'     131.173 
LYS 'L-peptide linking' y LYSINE                   ? 'C6 H15 N2 O2 1'  147.195 
MET 'L-peptide linking' y METHIONINE               ? 'C5 H11 N O2 S'   149.211 
PHE 'L-peptide linking' y PHENYLALANINE            ? 'C9 H11 N O2'     165.189 
PRO 'L-peptide linking' y PROLINE                  ? 'C5 H9 N O2'      115.130 
SER 'L-peptide linking' y SERINE                   ? 'C3 H7 N O3'      105.093 
THR 'L-peptide linking' y THREONINE                ? 'C4 H9 N O3'      119.119 
TYR 'L-peptide linking' y TYROSINE                 ? 'C9 H11 N O3'     181.189 
VAL 'L-peptide linking' y VALINE                   ? 'C5 H11 N O2'     117.146 
# 
_exptl.entry_id          3ACD 
_exptl.method            'X-RAY DIFFRACTION' 
_exptl.crystals_number   1 
# 
_exptl_crystal.id                    1 
_exptl_crystal.density_meas          ? 
_exptl_crystal.density_Matthews      2.47 
_exptl_crystal.density_percent_sol   50.12 
_exptl_crystal.description           ? 
# 
_exptl_crystal_grow.crystal_id      1 
_exptl_crystal_grow.method          'VAPOR DIFFUSION, HANGING DROP' 
_exptl_crystal_grow.temp            293 
_exptl_crystal_grow.temp_details    ? 
_exptl_crystal_grow.pH              8.0 
_exptl_crystal_grow.pdbx_details    '15% Glycerol, 29% Dioxane, 0.01M IMP, pH 8.0, VAPOR DIFFUSION, HANGING DROP, temperature 293K' 
_exptl_crystal_grow.pdbx_pH_range   . 
# 
_diffrn.id                     1 
_diffrn.ambient_temp           100 
_diffrn.ambient_temp_details   ? 
_diffrn.crystal_id             1 
# 
_diffrn_detector.diffrn_id              1 
_diffrn_detector.detector               CCD 
_diffrn_detector.type                   'RIGAKU JUPITER 210' 
_diffrn_detector.pdbx_collection_date   2007-03-23 
_diffrn_detector.details                ? 
# 
_diffrn_radiation.diffrn_id                        1 
_diffrn_radiation.wavelength_id                    1 
_diffrn_radiation.pdbx_monochromatic_or_laue_m_l   M 
_diffrn_radiation.monochromator                    'Fixed exit Si double crystal monochromator' 
_diffrn_radiation.pdbx_diffrn_protocol             'SINGLE WAVELENGTH' 
_diffrn_radiation.pdbx_scattering_type             x-ray 
# 
_diffrn_radiation_wavelength.id           1 
_diffrn_radiation_wavelength.wavelength   1.0000 
_diffrn_radiation_wavelength.wt           1.0 
# 
_diffrn_source.diffrn_id                   1 
_diffrn_source.source                      SYNCHROTRON 
_diffrn_source.type                        'SPRING-8 BEAMLINE BL26B2' 
_diffrn_source.pdbx_synchrotron_site       SPring-8 
_diffrn_source.pdbx_synchrotron_beamline   BL26B2 
_diffrn_source.pdbx_wavelength             ? 
_diffrn_source.pdbx_wavelength_list        1.0000 
# 
_reflns.entry_id                     3ACD 
_reflns.observed_criterion_sigma_I   ? 
_reflns.observed_criterion_sigma_F   ? 
_reflns.d_resolution_low             50.0 
_reflns.d_resolution_high            1.89 
_reflns.number_obs                   17152 
_reflns.number_all                   ? 
_reflns.percent_possible_obs         99.9 
_reflns.pdbx_Rmerge_I_obs            0.045 
_reflns.pdbx_Rsym_value              ? 
_reflns.B_iso_Wilson_estimate        13.1 
_reflns.pdbx_redundancy              10.7 
_reflns.pdbx_netI_over_sigmaI        ? 
_reflns.R_free_details               ? 
_reflns.limit_h_max                  ? 
_reflns.limit_h_min                  ? 
_reflns.limit_k_max                  ? 
_reflns.limit_k_min                  ? 
_reflns.limit_l_max                  ? 
_reflns.limit_l_min                  ? 
_reflns.observed_criterion_F_max     ? 
_reflns.observed_criterion_F_min     ? 
_reflns.pdbx_chi_squared             ? 
_reflns.pdbx_scaling_rejects         ? 
_reflns.pdbx_diffrn_id               1 
_reflns.pdbx_ordinal                 1 
# 
_reflns_shell.d_res_high             1.89 
_reflns_shell.d_res_low              1.96 
_reflns_shell.percent_possible_all   100.0 
_reflns_shell.Rmerge_I_obs           0.141 
_reflns_shell.pdbx_Rsym_value        ? 
_reflns_shell.meanI_over_sigI_obs    ? 
_reflns_shell.pdbx_redundancy        9.8 
_reflns_shell.percent_possible_obs   ? 
_reflns_shell.number_unique_all      1583 
_reflns_shell.number_measured_all    ? 
_reflns_shell.number_measured_obs    ? 
_reflns_shell.number_unique_obs      ? 
_reflns_shell.pdbx_chi_squared       ? 
_reflns_shell.pdbx_diffrn_id         ? 
_reflns_shell.pdbx_ordinal           1 
# 
_refine.entry_id                                 3ACD 
_refine.ls_number_reflns_obs                     16907 
_refine.ls_number_reflns_all                     ? 
_refine.pdbx_ls_sigma_I                          ? 
_refine.pdbx_ls_sigma_F                          0.0 
_refine.pdbx_data_cutoff_high_absF               192076.39 
_refine.pdbx_data_cutoff_low_absF                0.000000 
_refine.pdbx_data_cutoff_high_rms_absF           ? 
_refine.ls_d_res_low                             38.27 
_refine.ls_d_res_high                            1.89 
_refine.ls_percent_reflns_obs                    98.7 
_refine.ls_R_factor_obs                          0.199 
_refine.ls_R_factor_all                          ? 
_refine.ls_R_factor_R_work                       0.199 
_refine.ls_R_factor_R_free                       0.235 
_refine.ls_R_factor_R_free_error                 0.006 
_refine.ls_R_factor_R_free_error_details         ? 
_refine.ls_percent_reflns_R_free                 10.0 
_refine.ls_number_reflns_R_free                  1684 
_refine.ls_number_parameters                     ? 
_refine.ls_number_restraints                     ? 
_refine.occupancy_min                            ? 
_refine.occupancy_max                            ? 
_refine.correlation_coeff_Fo_to_Fc               ? 
_refine.correlation_coeff_Fo_to_Fc_free          ? 
_refine.B_iso_mean                               23.2 
_refine.aniso_B[1][1]                            2.03 
_refine.aniso_B[2][2]                            2.03 
_refine.aniso_B[3][3]                            -4.07 
_refine.aniso_B[1][2]                            0.64 
_refine.aniso_B[1][3]                            0.00 
_refine.aniso_B[2][3]                            0.00 
_refine.solvent_model_details                    'FLAT MODEL' 
_refine.solvent_model_param_ksol                 0.414341 
_refine.solvent_model_param_bsol                 59.2263 
_refine.pdbx_solvent_vdw_probe_radii             ? 
_refine.pdbx_solvent_ion_probe_radii             ? 
_refine.pdbx_solvent_shrinkage_radii             ? 
_refine.pdbx_ls_cross_valid_method               THROUGHOUT 
_refine.details                                  ? 
_refine.pdbx_starting_model                      3ACB 
_refine.pdbx_method_to_determine_struct          'MOLECULAR REPLACEMENT' 
_refine.pdbx_isotropic_thermal_model             RESTRAINED 
_refine.pdbx_stereochemistry_target_values       'MAXIMUM LIKELIHOOD' 
_refine.pdbx_stereochem_target_val_spec_case     ? 
_refine.pdbx_R_Free_selection_details            RANDOM 
_refine.pdbx_overall_ESU_R                       ? 
_refine.pdbx_overall_ESU_R_Free                  ? 
_refine.overall_SU_ML                            ? 
_refine.overall_SU_B                             ? 
_refine.ls_redundancy_reflns_obs                 ? 
_refine.B_iso_min                                ? 
_refine.B_iso_max                                ? 
_refine.overall_SU_R_Cruickshank_DPI             ? 
_refine.overall_SU_R_free                        ? 
_refine.ls_wR_factor_R_free                      ? 
_refine.ls_wR_factor_R_work                      ? 
_refine.overall_FOM_free_R_set                   ? 
_refine.overall_FOM_work_R_set                   ? 
_refine.pdbx_refine_id                           'X-RAY DIFFRACTION' 
_refine.pdbx_diffrn_id                           1 
_refine.pdbx_TLS_residual_ADP_flag               ? 
_refine.pdbx_overall_phase_error                 ? 
_refine.pdbx_overall_SU_R_free_Cruickshank_DPI   ? 
_refine.pdbx_overall_SU_R_Blow_DPI               ? 
_refine.pdbx_overall_SU_R_free_Blow_DPI          ? 
# 
_refine_analyze.entry_id                        3ACD 
_refine_analyze.Luzzati_coordinate_error_obs    0.20 
_refine_analyze.Luzzati_sigma_a_obs             0.06 
_refine_analyze.Luzzati_d_res_low_obs           5.00 
_refine_analyze.Luzzati_coordinate_error_free   0.25 
_refine_analyze.Luzzati_sigma_a_free            0.15 
_refine_analyze.Luzzati_d_res_low_free          ? 
_refine_analyze.number_disordered_residues      ? 
_refine_analyze.occupancy_sum_hydrogen          ? 
_refine_analyze.occupancy_sum_non_hydrogen      ? 
_refine_analyze.pdbx_Luzzati_d_res_high_obs     ? 
_refine_analyze.pdbx_refine_id                  'X-RAY DIFFRACTION' 
# 
_refine_hist.pdbx_refine_id                   'X-RAY DIFFRACTION' 
_refine_hist.cycle_id                         LAST 
_refine_hist.pdbx_number_atoms_protein        1295 
_refine_hist.pdbx_number_atoms_nucleic_acid   0 
_refine_hist.pdbx_number_atoms_ligand         35 
_refine_hist.number_atoms_solvent             185 
_refine_hist.number_atoms_total               1515 
_refine_hist.d_res_high                       1.89 
_refine_hist.d_res_low                        38.27 
# 
loop_
_refine_ls_restr.type 
_refine_ls_restr.dev_ideal 
_refine_ls_restr.dev_ideal_target 
_refine_ls_restr.weight 
_refine_ls_restr.number 
_refine_ls_restr.pdbx_refine_id 
_refine_ls_restr.pdbx_restraint_function 
c_bond_d           0.005 ? ? ? 'X-RAY DIFFRACTION' ? 
c_angle_deg        1.3   ? ? ? 'X-RAY DIFFRACTION' ? 
c_dihedral_angle_d 22.9  ? ? ? 'X-RAY DIFFRACTION' ? 
c_improper_angle_d 0.82  ? ? ? 'X-RAY DIFFRACTION' ? 
# 
_refine_ls_shell.pdbx_total_number_of_bins_used   6 
_refine_ls_shell.d_res_high                       1.89 
_refine_ls_shell.d_res_low                        2.01 
_refine_ls_shell.number_reflns_R_work             2391 
_refine_ls_shell.R_factor_R_work                  0.203 
_refine_ls_shell.percent_reflns_obs               96.3 
_refine_ls_shell.R_factor_R_free                  0.268 
_refine_ls_shell.R_factor_R_free_error            0.016 
_refine_ls_shell.percent_reflns_R_free            10.3 
_refine_ls_shell.number_reflns_R_free             276 
_refine_ls_shell.number_reflns_all                ? 
_refine_ls_shell.R_factor_all                     ? 
_refine_ls_shell.number_reflns_obs                ? 
_refine_ls_shell.redundancy_reflns_obs            ? 
_refine_ls_shell.pdbx_refine_id                   'X-RAY DIFFRACTION' 
# 
loop_
_pdbx_xplor_file.pdbx_refine_id 
_pdbx_xplor_file.serial_no 
_pdbx_xplor_file.param_file 
_pdbx_xplor_file.topol_file 
'X-RAY DIFFRACTION' 1 protein_rep.param protein.top   
'X-RAY DIFFRACTION' 2 water_rep.param   water_rep.top 
'X-RAY DIFFRACTION' 3 imp.param         imp.top       
'X-RAY DIFFRACTION' 4 dio.param         dio.top       
'X-RAY DIFFRACTION' 5 cis_peptide.param ?             
# 
_struct.entry_id                  3ACD 
_struct.title                     
'Crystal structure of hypoxanthine-guanine phosphoribosyltransferase with IMP from Thermus thermophilus HB8' 
_struct.pdbx_model_details        ? 
_struct.pdbx_CASP_flag            ? 
_struct.pdbx_model_type_details   ? 
# 
_struct_keywords.entry_id        3ACD 
_struct_keywords.pdbx_keywords   TRANSFERASE 
_struct_keywords.text            
;Rossmann fold, Structural Genomics, NPPSFA, National Project on Protein Structural and Functional Analyses, RIKEN Structural Genomics/Proteomics Initiative, RSGI, TRANSFERASE
;
# 
loop_
_struct_asym.id 
_struct_asym.pdbx_blank_PDB_chainid_flag 
_struct_asym.pdbx_modified 
_struct_asym.entity_id 
_struct_asym.details 
A N N 1 ? 
B N N 2 ? 
C N N 3 ? 
D N N 3 ? 
E N N 4 ? 
# 
_struct_biol.id        1 
_struct_biol.details   ? 
# 
loop_
_struct_conf.conf_type_id 
_struct_conf.id 
_struct_conf.pdbx_PDB_helix_id 
_struct_conf.beg_label_comp_id 
_struct_conf.beg_label_asym_id 
_struct_conf.beg_label_seq_id 
_struct_conf.pdbx_beg_PDB_ins_code 
_struct_conf.end_label_comp_id 
_struct_conf.end_label_asym_id 
_struct_conf.end_label_seq_id 
_struct_conf.pdbx_end_PDB_ins_code 
_struct_conf.beg_auth_comp_id 
_struct_conf.beg_auth_asym_id 
_struct_conf.beg_auth_seq_id 
_struct_conf.end_auth_comp_id 
_struct_conf.end_auth_asym_id 
_struct_conf.end_auth_seq_id 
_struct_conf.pdbx_PDB_helix_class 
_struct_conf.details 
_struct_conf.pdbx_PDB_helix_length 
HELX_P HELX_P1 1 SER A 15  ? TYR A 34  ? SER A 15  TYR A 34  1 ? 20 
HELX_P HELX_P2 2 ALA A 48  ? ARG A 57  ? ALA A 48  ARG A 57  1 ? 10 
HELX_P HELX_P3 3 GLY A 108 ? ALA A 120 ? GLY A 108 ALA A 120 1 ? 13 
HELX_P HELX_P4 4 PRO A 135 ? ARG A 138 ? PRO A 135 ARG A 138 5 ? 4  
# 
_struct_conf_type.id          HELX_P 
_struct_conf_type.criteria    ? 
_struct_conf_type.reference   ? 
# 
_struct_mon_prot_cis.pdbx_id                1 
_struct_mon_prot_cis.label_comp_id          LEU 
_struct_mon_prot_cis.label_seq_id           45 
_struct_mon_prot_cis.label_asym_id          A 
_struct_mon_prot_cis.label_alt_id           . 
_struct_mon_prot_cis.pdbx_PDB_ins_code      ? 
_struct_mon_prot_cis.auth_comp_id           LEU 
_struct_mon_prot_cis.auth_seq_id            45 
_struct_mon_prot_cis.auth_asym_id           A 
_struct_mon_prot_cis.pdbx_label_comp_id_2   ASN 
_struct_mon_prot_cis.pdbx_label_seq_id_2    46 
_struct_mon_prot_cis.pdbx_label_asym_id_2   A 
_struct_mon_prot_cis.pdbx_PDB_ins_code_2    ? 
_struct_mon_prot_cis.pdbx_auth_comp_id_2    ASN 
_struct_mon_prot_cis.pdbx_auth_seq_id_2     46 
_struct_mon_prot_cis.pdbx_auth_asym_id_2    A 
_struct_mon_prot_cis.pdbx_PDB_model_num     1 
_struct_mon_prot_cis.pdbx_omega_angle       0.51 
# 
loop_
_struct_sheet.id 
_struct_sheet.type 
_struct_sheet.number_strands 
_struct_sheet.details 
A ? 5 ? 
B ? 2 ? 
# 
loop_
_struct_sheet_order.sheet_id 
_struct_sheet_order.range_id_1 
_struct_sheet_order.range_id_2 
_struct_sheet_order.offset 
_struct_sheet_order.sense 
A 1 2 ? parallel      
A 2 3 ? parallel      
A 3 4 ? parallel      
A 4 5 ? parallel      
B 1 2 ? anti-parallel 
# 
loop_
_struct_sheet_range.sheet_id 
_struct_sheet_range.id 
_struct_sheet_range.beg_label_comp_id 
_struct_sheet_range.beg_label_asym_id 
_struct_sheet_range.beg_label_seq_id 
_struct_sheet_range.pdbx_beg_PDB_ins_code 
_struct_sheet_range.end_label_comp_id 
_struct_sheet_range.end_label_asym_id 
_struct_sheet_range.end_label_seq_id 
_struct_sheet_range.pdbx_end_PDB_ins_code 
_struct_sheet_range.beg_auth_comp_id 
_struct_sheet_range.beg_auth_asym_id 
_struct_sheet_range.beg_auth_seq_id 
_struct_sheet_range.end_auth_comp_id 
_struct_sheet_range.end_auth_asym_id 
_struct_sheet_range.end_auth_seq_id 
A 1 THR A 64  ? ALA A 69  ? THR A 64  ALA A 69  
A 2 HIS A 40  ? LEU A 45  ? HIS A 40  LEU A 45  
A 3 ASP A 97  ? VAL A 105 ? ASP A 97  VAL A 105 
A 4 SER A 125 ? SER A 133 ? SER A 125 SER A 133 
A 5 TYR A 146 ? GLU A 150 ? TYR A 146 GLU A 150 
B 1 VAL A 156 ? TYR A 157 ? VAL A 156 TYR A 157 
B 2 THR A 174 ? SER A 175 ? THR A 174 SER A 175 
# 
loop_
_pdbx_struct_sheet_hbond.sheet_id 
_pdbx_struct_sheet_hbond.range_id_1 
_pdbx_struct_sheet_hbond.range_id_2 
_pdbx_struct_sheet_hbond.range_1_label_atom_id 
_pdbx_struct_sheet_hbond.range_1_label_comp_id 
_pdbx_struct_sheet_hbond.range_1_label_asym_id 
_pdbx_struct_sheet_hbond.range_1_label_seq_id 
_pdbx_struct_sheet_hbond.range_1_PDB_ins_code 
_pdbx_struct_sheet_hbond.range_1_auth_atom_id 
_pdbx_struct_sheet_hbond.range_1_auth_comp_id 
_pdbx_struct_sheet_hbond.range_1_auth_asym_id 
_pdbx_struct_sheet_hbond.range_1_auth_seq_id 
_pdbx_struct_sheet_hbond.range_2_label_atom_id 
_pdbx_struct_sheet_hbond.range_2_label_comp_id 
_pdbx_struct_sheet_hbond.range_2_label_asym_id 
_pdbx_struct_sheet_hbond.range_2_label_seq_id 
_pdbx_struct_sheet_hbond.range_2_PDB_ins_code 
_pdbx_struct_sheet_hbond.range_2_auth_atom_id 
_pdbx_struct_sheet_hbond.range_2_auth_comp_id 
_pdbx_struct_sheet_hbond.range_2_auth_asym_id 
_pdbx_struct_sheet_hbond.range_2_auth_seq_id 
A 1 2 O ILE A 68  ? O ILE A 68  N LEU A 45  ? N LEU A 45  
A 2 3 N ILE A 42  ? N ILE A 42  O VAL A 101 ? O VAL A 101 
A 3 4 N VAL A 100 ? N VAL A 100 O ALA A 129 ? O ALA A 129 
A 4 5 N ALA A 130 ? N ALA A 130 O TYR A 146 ? O TYR A 146 
B 1 2 N TYR A 157 ? N TYR A 157 O THR A 174 ? O THR A 174 
# 
loop_
_struct_site.id 
_struct_site.pdbx_evidence_code 
_struct_site.pdbx_auth_asym_id 
_struct_site.pdbx_auth_comp_id 
_struct_site.pdbx_auth_seq_id 
_struct_site.pdbx_auth_ins_code 
_struct_site.pdbx_num_residues 
_struct_site.details 
AC1 Software A IMP 552 ? 20 'BINDING SITE FOR RESIDUE IMP A 552' 
AC2 Software A DIO 591 ? 5  'BINDING SITE FOR RESIDUE DIO A 591' 
AC3 Software A DIO 592 ? 7  'BINDING SITE FOR RESIDUE DIO A 592' 
# 
loop_
_struct_site_gen.id 
_struct_site_gen.site_id 
_struct_site_gen.pdbx_num_res 
_struct_site_gen.label_comp_id 
_struct_site_gen.label_asym_id 
_struct_site_gen.label_seq_id 
_struct_site_gen.pdbx_auth_ins_code 
_struct_site_gen.auth_comp_id 
_struct_site_gen.auth_asym_id 
_struct_site_gen.auth_seq_id 
_struct_site_gen.label_atom_id 
_struct_site_gen.label_alt_id 
_struct_site_gen.symmetry 
_struct_site_gen.details 
1  AC1 20 GLU A 102 ? GLU A 102 . ? 1_555  ? 
2  AC1 20 ASP A 103 ? ASP A 103 . ? 1_555  ? 
3  AC1 20 ILE A 104 ? ILE A 104 . ? 1_555  ? 
4  AC1 20 ASP A 106 ? ASP A 106 . ? 1_555  ? 
5  AC1 20 THR A 107 ? THR A 107 . ? 1_555  ? 
6  AC1 20 GLY A 108 ? GLY A 108 . ? 1_555  ? 
7  AC1 20 LEU A 109 ? LEU A 109 . ? 1_555  ? 
8  AC1 20 THR A 110 ? THR A 110 . ? 1_555  ? 
9  AC1 20 LYS A 134 ? LYS A 134 . ? 1_555  ? 
10 AC1 20 ALA A 154 ? ALA A 154 . ? 1_555  ? 
11 AC1 20 TYR A 155 ? TYR A 155 . ? 1_555  ? 
12 AC1 20 VAL A 156 ? VAL A 156 . ? 1_555  ? 
13 AC1 20 HOH E .   ? HOH A 609 . ? 1_555  ? 
14 AC1 20 HOH E .   ? HOH A 612 . ? 1_555  ? 
15 AC1 20 HOH E .   ? HOH A 634 . ? 1_555  ? 
16 AC1 20 HOH E .   ? HOH A 639 . ? 1_555  ? 
17 AC1 20 HOH E .   ? HOH A 640 . ? 1_555  ? 
18 AC1 20 HOH E .   ? HOH A 655 . ? 1_555  ? 
19 AC1 20 HOH E .   ? HOH A 696 . ? 1_555  ? 
20 AC1 20 HOH E .   ? HOH A 720 . ? 1_555  ? 
21 AC2 5  ASP A 33  ? ASP A 33  . ? 1_555  ? 
22 AC2 5  TYR A 34  ? TYR A 34  . ? 1_555  ? 
23 AC2 5  LYS A 37  ? LYS A 37  . ? 1_555  ? 
24 AC2 5  SER A 125 ? SER A 125 . ? 1_555  ? 
25 AC2 5  ARG A 127 ? ARG A 127 . ? 1_555  ? 
26 AC3 7  MET A 4   ? MET A 4   . ? 10_665 ? 
27 AC3 7  PHE A 5   ? PHE A 5   . ? 10_665 ? 
28 AC3 7  PRO A 60  ? PRO A 60  . ? 1_555  ? 
29 AC3 7  LEU A 61  ? LEU A 61  . ? 1_555  ? 
30 AC3 7  PRO A 62  ? PRO A 62  . ? 1_555  ? 
31 AC3 7  LEU A 170 ? LEU A 170 . ? 10_665 ? 
32 AC3 7  HOH E .   ? HOH A 631 . ? 10_665 ? 
# 
_atom_sites.entry_id                    3ACD 
_atom_sites.fract_transf_matrix[1][1]   -0.00728363 
_atom_sites.fract_transf_matrix[1][2]   0.00408463 
_atom_sites.fract_transf_matrix[1][3]   -0.01497510 
_atom_sites.fract_transf_matrix[2][1]   0.00648379 
_atom_sites.fract_transf_matrix[2][2]   0.01271504 
_atom_sites.fract_transf_matrix[2][3]   -0.00950123 
_atom_sites.fract_transf_matrix[3][1]   0.00391324 
_atom_sites.fract_transf_matrix[3][2]   -0.00429266 
_atom_sites.fract_transf_matrix[3][3]   -0.00307421 
_atom_sites.fract_transf_vector[1]      0.355857 
_atom_sites.fract_transf_vector[2]      0.408126 
_atom_sites.fract_transf_vector[3]      0.029395 
# 
loop_
_atom_type.symbol 
C 
N 
O 
P 
S 
# 
loop_
_atom_site.group_PDB 
_atom_site.id 
_atom_site.type_symbol 
_atom_site.label_atom_id 
_atom_site.label_alt_id 
_atom_site.label_comp_id 
_atom_site.label_asym_id 
_atom_site.label_entity_id 
_atom_site.label_seq_id 
_atom_site.pdbx_PDB_ins_code 
_atom_site.Cartn_x 
_atom_site.Cartn_y 
_atom_site.Cartn_z 
_atom_site.occupancy 
_atom_site.B_iso_or_equiv 
_atom_site.pdbx_formal_charge 
_atom_site.auth_seq_id 
_atom_site.auth_comp_id 
_atom_site.auth_asym_id 
_atom_site.auth_atom_id 
_atom_site.pdbx_PDB_model_num 
ATOM   1    N N     . MET A 1 4   ? 8.785   19.838  -13.690 1.00 40.47 ? 4   MET A N     1 
ATOM   2    C CA    . MET A 1 4   ? 7.700   20.799  -13.345 1.00 37.54 ? 4   MET A CA    1 
ATOM   3    C C     . MET A 1 4   ? 6.763   20.238  -12.284 1.00 33.39 ? 4   MET A C     1 
ATOM   4    O O     . MET A 1 4   ? 5.619   20.677  -12.168 1.00 32.87 ? 4   MET A O     1 
ATOM   5    C CB    . MET A 1 4   ? 6.887   21.156  -14.594 1.00 40.98 ? 4   MET A CB    1 
ATOM   6    C CG    . MET A 1 4   ? 7.673   21.858  -15.690 1.00 45.30 ? 4   MET A CG    1 
ATOM   7    S SD    . MET A 1 4   ? 8.967   20.830  -16.407 1.00 51.29 ? 4   MET A SD    1 
ATOM   8    C CE    . MET A 1 4   ? 10.419  21.471  -15.571 1.00 49.63 ? 4   MET A CE    1 
ATOM   9    N N     . PHE A 1 5   ? 7.240   19.266  -11.510 1.00 30.17 ? 5   PHE A N     1 
ATOM   10   C CA    . PHE A 1 5   ? 6.414   18.674  -10.460 1.00 25.74 ? 5   PHE A CA    1 
ATOM   11   C C     . PHE A 1 5   ? 6.112   19.741  -9.413  1.00 25.83 ? 5   PHE A C     1 
ATOM   12   O O     . PHE A 1 5   ? 7.015   20.231  -8.741  1.00 24.92 ? 5   PHE A O     1 
ATOM   13   C CB    . PHE A 1 5   ? 7.134   17.489  -9.805  1.00 23.70 ? 5   PHE A CB    1 
ATOM   14   C CG    . PHE A 1 5   ? 7.393   16.337  -10.743 1.00 20.65 ? 5   PHE A CG    1 
ATOM   15   C CD1   . PHE A 1 5   ? 6.343   15.733  -11.428 1.00 19.44 ? 5   PHE A CD1   1 
ATOM   16   C CD2   . PHE A 1 5   ? 8.683   15.855  -10.936 1.00 20.25 ? 5   PHE A CD2   1 
ATOM   17   C CE1   . PHE A 1 5   ? 6.572   14.663  -12.296 1.00 19.58 ? 5   PHE A CE1   1 
ATOM   18   C CE2   . PHE A 1 5   ? 8.926   14.786  -11.799 1.00 20.56 ? 5   PHE A CE2   1 
ATOM   19   C CZ    . PHE A 1 5   ? 7.866   14.190  -12.482 1.00 20.66 ? 5   PHE A CZ    1 
ATOM   20   N N     . THR A 1 6   ? 4.839   20.102  -9.284  1.00 24.85 ? 6   THR A N     1 
ATOM   21   C CA    . THR A 1 6   ? 4.432   21.125  -8.325  1.00 26.46 ? 6   THR A CA    1 
ATOM   22   C C     . THR A 1 6   ? 3.429   20.603  -7.300  1.00 24.56 ? 6   THR A C     1 
ATOM   23   O O     . THR A 1 6   ? 2.453   19.943  -7.650  1.00 23.82 ? 6   THR A O     1 
ATOM   24   C CB    . THR A 1 6   ? 3.810   22.343  -9.045  1.00 28.84 ? 6   THR A CB    1 
ATOM   25   O OG1   . THR A 1 6   ? 3.367   23.298  -8.073  1.00 32.60 ? 6   THR A OG1   1 
ATOM   26   C CG2   . THR A 1 6   ? 2.627   21.916  -9.896  1.00 31.39 ? 6   THR A CG2   1 
ATOM   27   N N     . PRO A 1 7   ? 3.665   20.898  -6.015  1.00 23.03 ? 7   PRO A N     1 
ATOM   28   C CA    . PRO A 1 7   ? 2.787   20.464  -4.922  1.00 22.95 ? 7   PRO A CA    1 
ATOM   29   C C     . PRO A 1 7   ? 1.444   21.189  -4.935  1.00 22.29 ? 7   PRO A C     1 
ATOM   30   O O     . PRO A 1 7   ? 1.347   22.330  -5.397  1.00 20.51 ? 7   PRO A O     1 
ATOM   31   C CB    . PRO A 1 7   ? 3.593   20.808  -3.669  1.00 23.91 ? 7   PRO A CB    1 
ATOM   32   C CG    . PRO A 1 7   ? 5.015   20.800  -4.149  1.00 26.20 ? 7   PRO A CG    1 
ATOM   33   C CD    . PRO A 1 7   ? 4.903   21.485  -5.477  1.00 24.05 ? 7   PRO A CD    1 
ATOM   34   N N     . GLY A 1 8   ? 0.411   20.518  -4.436  1.00 21.80 ? 8   GLY A N     1 
ATOM   35   C CA    . GLY A 1 8   ? -0.899  21.134  -4.361  1.00 21.56 ? 8   GLY A CA    1 
ATOM   36   C C     . GLY A 1 8   ? -0.883  21.991  -3.109  1.00 21.22 ? 8   GLY A C     1 
ATOM   37   O O     . GLY A 1 8   ? 0.132   22.023  -2.412  1.00 21.34 ? 8   GLY A O     1 
ATOM   38   N N     . ASN A 1 9   ? -1.981  22.675  -2.804  1.00 22.62 ? 9   ASN A N     1 
ATOM   39   C CA    . ASN A 1 9   ? -2.012  23.527  -1.617  1.00 24.18 ? 9   ASN A CA    1 
ATOM   40   C C     . ASN A 1 9   ? -2.742  22.897  -0.437  1.00 24.33 ? 9   ASN A C     1 
ATOM   41   O O     . ASN A 1 9   ? -3.200  23.605  0.462   1.00 24.16 ? 9   ASN A O     1 
ATOM   42   C CB    . ASN A 1 9   ? -2.649  24.880  -1.943  1.00 28.19 ? 9   ASN A CB    1 
ATOM   43   C CG    . ASN A 1 9   ? -4.110  24.762  -2.330  1.00 28.45 ? 9   ASN A CG    1 
ATOM   44   O OD1   . ASN A 1 9   ? -4.776  25.763  -2.589  1.00 34.35 ? 9   ASN A OD1   1 
ATOM   45   N ND2   . ASN A 1 9   ? -4.614  23.538  -2.374  1.00 30.92 ? 9   ASN A ND2   1 
ATOM   46   N N     . GLY A 1 10  ? -2.848  21.571  -0.445  1.00 21.12 ? 10  GLY A N     1 
ATOM   47   C CA    . GLY A 1 10  ? -3.516  20.873  0.640   1.00 21.26 ? 10  GLY A CA    1 
ATOM   48   C C     . GLY A 1 10  ? -2.671  20.806  1.903   1.00 20.43 ? 10  GLY A C     1 
ATOM   49   O O     . GLY A 1 10  ? -1.507  21.204  1.891   1.00 21.32 ? 10  GLY A O     1 
ATOM   50   N N     . PRO A 1 11  ? -3.227  20.289  3.010   1.00 20.67 ? 11  PRO A N     1 
ATOM   51   C CA    . PRO A 1 11  ? -2.527  20.172  4.292   1.00 21.11 ? 11  PRO A CA    1 
ATOM   52   C C     . PRO A 1 11  ? -1.468  19.073  4.393   1.00 21.45 ? 11  PRO A C     1 
ATOM   53   O O     . PRO A 1 11  ? -0.576  19.149  5.236   1.00 21.04 ? 11  PRO A O     1 
ATOM   54   C CB    . PRO A 1 11  ? -3.669  19.954  5.277   1.00 21.59 ? 11  PRO A CB    1 
ATOM   55   C CG    . PRO A 1 11  ? -4.618  19.127  4.473   1.00 21.12 ? 11  PRO A CG    1 
ATOM   56   C CD    . PRO A 1 11  ? -4.628  19.848  3.141   1.00 21.97 ? 11  PRO A CD    1 
ATOM   57   N N     . VAL A 1 12  ? -1.568  18.054  3.544   1.00 20.01 ? 12  VAL A N     1 
ATOM   58   C CA    . VAL A 1 12  ? -0.611  16.950  3.572   1.00 18.22 ? 12  VAL A CA    1 
ATOM   59   C C     . VAL A 1 12  ? 0.449   17.075  2.481   1.00 18.47 ? 12  VAL A C     1 
ATOM   60   O O     . VAL A 1 12  ? 0.129   17.200  1.299   1.00 18.87 ? 12  VAL A O     1 
ATOM   61   C CB    . VAL A 1 12  ? -1.334  15.594  3.419   1.00 18.68 ? 12  VAL A CB    1 
ATOM   62   C CG1   . VAL A 1 12  ? -0.322  14.453  3.407   1.00 18.94 ? 12  VAL A CG1   1 
ATOM   63   C CG2   . VAL A 1 12  ? -2.323  15.415  4.564   1.00 17.20 ? 12  VAL A CG2   1 
ATOM   64   N N     . GLN A 1 13  ? 1.712   17.040  2.895   1.00 18.75 ? 13  GLN A N     1 
ATOM   65   C CA    . GLN A 1 13  ? 2.841   17.147  1.984   1.00 19.00 ? 13  GLN A CA    1 
ATOM   66   C C     . GLN A 1 13  ? 3.960   16.235  2.491   1.00 19.65 ? 13  GLN A C     1 
ATOM   67   O O     . GLN A 1 13  ? 4.428   16.393  3.621   1.00 18.83 ? 13  GLN A O     1 
ATOM   68   C CB    . GLN A 1 13  ? 3.356   18.593  1.942   1.00 20.55 ? 13  GLN A CB    1 
ATOM   69   C CG    . GLN A 1 13  ? 2.301   19.667  1.656   1.00 21.42 ? 13  GLN A CG    1 
ATOM   70   C CD    . GLN A 1 13  ? 1.757   19.619  0.238   1.00 20.27 ? 13  GLN A CD    1 
ATOM   71   O OE1   . GLN A 1 13  ? 2.436   19.169  -0.687  1.00 20.80 ? 13  GLN A OE1   1 
ATOM   72   N NE2   . GLN A 1 13  ? 0.534   20.107  0.057   1.00 18.93 ? 13  GLN A NE2   1 
ATOM   73   N N     . ILE A 1 14  ? 4.383   15.280  1.667   1.00 17.58 ? 14  ILE A N     1 
ATOM   74   C CA    . ILE A 1 14  ? 5.451   14.364  2.059   1.00 17.73 ? 14  ILE A CA    1 
ATOM   75   C C     . ILE A 1 14  ? 6.451   14.269  0.911   1.00 18.51 ? 14  ILE A C     1 
ATOM   76   O O     . ILE A 1 14  ? 6.109   13.820  -0.186  1.00 17.07 ? 14  ILE A O     1 
ATOM   77   C CB    . ILE A 1 14  ? 4.897   12.955  2.382   1.00 16.66 ? 14  ILE A CB    1 
ATOM   78   C CG1   . ILE A 1 14  ? 3.670   13.074  3.291   1.00 19.21 ? 14  ILE A CG1   1 
ATOM   79   C CG2   . ILE A 1 14  ? 5.961   12.132  3.086   1.00 14.73 ? 14  ILE A CG2   1 
ATOM   80   C CD1   . ILE A 1 14  ? 3.029   11.738  3.648   1.00 20.68 ? 14  ILE A CD1   1 
ATOM   81   N N     . SER A 1 15  ? 7.686   14.688  1.169   1.00 17.64 ? 15  SER A N     1 
ATOM   82   C CA    . SER A 1 15  ? 8.724   14.696  0.142   1.00 17.72 ? 15  SER A CA    1 
ATOM   83   C C     . SER A 1 15  ? 9.180   13.324  -0.330  1.00 16.86 ? 15  SER A C     1 
ATOM   84   O O     . SER A 1 15  ? 9.019   12.322  0.365   1.00 17.08 ? 15  SER A O     1 
ATOM   85   C CB    . SER A 1 15  ? 9.951   15.466  0.633   1.00 15.63 ? 15  SER A CB    1 
ATOM   86   O OG    . SER A 1 15  ? 10.637  14.743  1.641   1.00 18.10 ? 15  SER A OG    1 
ATOM   87   N N     . ALA A 1 16  ? 9.772   13.298  -1.519  1.00 17.45 ? 16  ALA A N     1 
ATOM   88   C CA    . ALA A 1 16  ? 10.280  12.059  -2.088  1.00 17.82 ? 16  ALA A CA    1 
ATOM   89   C C     . ALA A 1 16  ? 11.339  11.488  -1.153  1.00 17.77 ? 16  ALA A C     1 
ATOM   90   O O     . ALA A 1 16  ? 11.452  10.276  -0.999  1.00 15.96 ? 16  ALA A O     1 
ATOM   91   C CB    . ALA A 1 16  ? 10.881  12.320  -3.465  1.00 16.47 ? 16  ALA A CB    1 
ATOM   92   N N     . GLU A 1 17  ? 12.111  12.374  -0.529  1.00 17.92 ? 17  GLU A N     1 
ATOM   93   C CA    . GLU A 1 17  ? 13.161  11.954  0.390   1.00 18.64 ? 17  GLU A CA    1 
ATOM   94   C C     . GLU A 1 17  ? 12.584  11.299  1.640   1.00 17.51 ? 17  GLU A C     1 
ATOM   95   O O     . GLU A 1 17  ? 13.084  10.268  2.097   1.00 16.32 ? 17  GLU A O     1 
ATOM   96   C CB    . GLU A 1 17  ? 14.021  13.154  0.797   1.00 22.96 ? 17  GLU A CB    1 
ATOM   97   C CG    . GLU A 1 17  ? 14.732  13.826  -0.363  1.00 29.98 ? 17  GLU A CG    1 
ATOM   98   C CD    . GLU A 1 17  ? 15.548  15.027  0.073   1.00 34.76 ? 17  GLU A CD    1 
ATOM   99   O OE1   . GLU A 1 17  ? 14.952  15.992  0.600   1.00 39.17 ? 17  GLU A OE1   1 
ATOM   100  O OE2   . GLU A 1 17  ? 16.784  15.006  -0.110  1.00 38.80 ? 17  GLU A OE2   1 
ATOM   101  N N     . ALA A 1 18  ? 11.541  11.907  2.198   1.00 16.52 ? 18  ALA A N     1 
ATOM   102  C CA    . ALA A 1 18  ? 10.902  11.366  3.393   1.00 16.33 ? 18  ALA A CA    1 
ATOM   103  C C     . ALA A 1 18  ? 10.276  10.012  3.073   1.00 14.94 ? 18  ALA A C     1 
ATOM   104  O O     . ALA A 1 18  ? 10.334  9.081   3.878   1.00 16.08 ? 18  ALA A O     1 
ATOM   105  C CB    . ALA A 1 18  ? 9.833   12.328  3.897   1.00 17.10 ? 18  ALA A CB    1 
ATOM   106  N N     . ILE A 1 19  ? 9.678   9.909   1.890   1.00 15.57 ? 19  ILE A N     1 
ATOM   107  C CA    . ILE A 1 19  ? 9.052   8.662   1.466   1.00 15.09 ? 19  ILE A CA    1 
ATOM   108  C C     . ILE A 1 19  ? 10.114  7.586   1.268   1.00 15.88 ? 19  ILE A C     1 
ATOM   109  O O     . ILE A 1 19  ? 9.946   6.446   1.705   1.00 15.68 ? 19  ILE A O     1 
ATOM   110  C CB    . ILE A 1 19  ? 8.262   8.841   0.143   1.00 13.67 ? 19  ILE A CB    1 
ATOM   111  C CG1   . ILE A 1 19  ? 7.105   9.824   0.358   1.00 15.12 ? 19  ILE A CG1   1 
ATOM   112  C CG2   . ILE A 1 19  ? 7.713   7.488   -0.324  1.00 14.09 ? 19  ILE A CG2   1 
ATOM   113  C CD1   . ILE A 1 19  ? 6.312   10.143  -0.895  1.00 14.08 ? 19  ILE A CD1   1 
ATOM   114  N N     . LYS A 1 20  ? 11.214  7.951   0.615   1.00 15.83 ? 20  LYS A N     1 
ATOM   115  C CA    . LYS A 1 20  ? 12.286  6.992   0.371   1.00 16.48 ? 20  LYS A CA    1 
ATOM   116  C C     . LYS A 1 20  ? 12.805  6.388   1.672   1.00 17.92 ? 20  LYS A C     1 
ATOM   117  O O     . LYS A 1 20  ? 12.957  5.170   1.785   1.00 16.53 ? 20  LYS A O     1 
ATOM   118  C CB    . LYS A 1 20  ? 13.441  7.659   -0.381  1.00 18.74 ? 20  LYS A CB    1 
ATOM   119  C CG    . LYS A 1 20  ? 14.608  6.716   -0.660  1.00 19.28 ? 20  LYS A CG    1 
ATOM   120  C CD    . LYS A 1 20  ? 15.737  7.410   -1.417  1.00 24.13 ? 20  LYS A CD    1 
ATOM   121  C CE    . LYS A 1 20  ? 16.915  6.463   -1.624  1.00 24.72 ? 20  LYS A CE    1 
ATOM   122  N NZ    . LYS A 1 20  ? 18.081  7.138   -2.258  1.00 30.61 ? 20  LYS A NZ    1 
ATOM   123  N N     . LYS A 1 21  ? 13.075  7.243   2.653   1.00 18.47 ? 21  LYS A N     1 
ATOM   124  C CA    . LYS A 1 21  ? 13.576  6.787   3.943   1.00 19.17 ? 21  LYS A CA    1 
ATOM   125  C C     . LYS A 1 21  ? 12.589  5.875   4.664   1.00 15.84 ? 21  LYS A C     1 
ATOM   126  O O     . LYS A 1 21  ? 12.978  4.846   5.209   1.00 15.88 ? 21  LYS A O     1 
ATOM   127  C CB    . LYS A 1 21  ? 13.903  7.985   4.842   1.00 23.35 ? 21  LYS A CB    1 
ATOM   128  C CG    . LYS A 1 21  ? 15.254  8.628   4.572   1.00 29.94 ? 21  LYS A CG    1 
ATOM   129  C CD    . LYS A 1 21  ? 16.391  7.676   4.917   1.00 34.30 ? 21  LYS A CD    1 
ATOM   130  C CE    . LYS A 1 21  ? 17.753  8.315   4.683   1.00 36.43 ? 21  LYS A CE    1 
ATOM   131  N NZ    . LYS A 1 21  ? 17.969  9.525   5.526   1.00 39.02 ? 21  LYS A NZ    1 
ATOM   132  N N     . ARG A 1 22  ? 11.317  6.251   4.668   1.00 14.79 ? 22  ARG A N     1 
ATOM   133  C CA    . ARG A 1 22  ? 10.303  5.446   5.339   1.00 14.77 ? 22  ARG A CA    1 
ATOM   134  C C     . ARG A 1 22  ? 10.121  4.082   4.676   1.00 14.65 ? 22  ARG A C     1 
ATOM   135  O O     . ARG A 1 22  ? 10.020  3.055   5.354   1.00 14.76 ? 22  ARG A O     1 
ATOM   136  C CB    . ARG A 1 22  ? 8.969   6.197   5.366   1.00 15.09 ? 22  ARG A CB    1 
ATOM   137  C CG    . ARG A 1 22  ? 7.878   5.497   6.170   1.00 14.92 ? 22  ARG A CG    1 
ATOM   138  C CD    . ARG A 1 22  ? 8.349   5.190   7.587   1.00 17.23 ? 22  ARG A CD    1 
ATOM   139  N NE    . ARG A 1 22  ? 7.345   4.457   8.355   1.00 15.70 ? 22  ARG A NE    1 
ATOM   140  C CZ    . ARG A 1 22  ? 7.631   3.627   9.350   1.00 16.44 ? 22  ARG A CZ    1 
ATOM   141  N NH1   . ARG A 1 22  ? 8.895   3.425   9.699   1.00 17.17 ? 22  ARG A NH1   1 
ATOM   142  N NH2   . ARG A 1 22  ? 6.658   2.988   9.990   1.00 17.57 ? 22  ARG A NH2   1 
ATOM   143  N N     . VAL A 1 23  ? 10.078  4.069   3.350   1.00 14.99 ? 23  VAL A N     1 
ATOM   144  C CA    . VAL A 1 23  ? 9.914   2.819   2.620   1.00 14.33 ? 23  VAL A CA    1 
ATOM   145  C C     . VAL A 1 23  ? 11.087  1.886   2.894   1.00 15.39 ? 23  VAL A C     1 
ATOM   146  O O     . VAL A 1 23  ? 10.906  0.680   3.056   1.00 15.48 ? 23  VAL A O     1 
ATOM   147  C CB    . VAL A 1 23  ? 9.775   3.090   1.103   1.00 14.52 ? 23  VAL A CB    1 
ATOM   148  C CG1   . VAL A 1 23  ? 9.776   1.777   0.322   1.00 15.70 ? 23  VAL A CG1   1 
ATOM   149  C CG2   . VAL A 1 23  ? 8.483   3.847   0.843   1.00 13.10 ? 23  VAL A CG2   1 
ATOM   150  N N     . GLU A 1 24  ? 12.294  2.442   2.961   1.00 16.62 ? 24  GLU A N     1 
ATOM   151  C CA    . GLU A 1 24  ? 13.466  1.626   3.243   1.00 17.62 ? 24  GLU A CA    1 
ATOM   152  C C     . GLU A 1 24  ? 13.353  1.039   4.645   1.00 17.08 ? 24  GLU A C     1 
ATOM   153  O O     . GLU A 1 24  ? 13.756  -0.102  4.880   1.00 16.75 ? 24  GLU A O     1 
ATOM   154  C CB    . GLU A 1 24  ? 14.743  2.459   3.125   1.00 19.26 ? 24  GLU A CB    1 
ATOM   155  C CG    . GLU A 1 24  ? 14.956  3.037   1.735   1.00 24.57 ? 24  GLU A CG    1 
ATOM   156  C CD    . GLU A 1 24  ? 16.226  3.850   1.628   1.00 26.68 ? 24  GLU A CD    1 
ATOM   157  O OE1   . GLU A 1 24  ? 16.521  4.623   2.564   1.00 30.69 ? 24  GLU A OE1   1 
ATOM   158  O OE2   . GLU A 1 24  ? 16.923  3.729   0.603   1.00 30.66 ? 24  GLU A OE2   1 
ATOM   159  N N     . GLU A 1 25  ? 12.802  1.819   5.569   1.00 17.37 ? 25  GLU A N     1 
ATOM   160  C CA    . GLU A 1 25  ? 12.621  1.362   6.944   1.00 18.87 ? 25  GLU A CA    1 
ATOM   161  C C     . GLU A 1 25  ? 11.617  0.213   6.964   1.00 16.36 ? 25  GLU A C     1 
ATOM   162  O O     . GLU A 1 25  ? 11.835  -0.803  7.624   1.00 16.83 ? 25  GLU A O     1 
ATOM   163  C CB    . GLU A 1 25  ? 12.116  2.505   7.836   1.00 20.01 ? 25  GLU A CB    1 
ATOM   164  C CG    . GLU A 1 25  ? 13.016  3.743   7.843   1.00 23.99 ? 25  GLU A CG    1 
ATOM   165  C CD    . GLU A 1 25  ? 12.556  4.819   8.820   1.00 26.13 ? 25  GLU A CD    1 
ATOM   166  O OE1   . GLU A 1 25  ? 11.333  5.029   8.958   1.00 23.63 ? 25  GLU A OE1   1 
ATOM   167  O OE2   . GLU A 1 25  ? 13.426  5.467   9.444   1.00 28.14 ? 25  GLU A OE2   1 
ATOM   168  N N     . LEU A 1 26  ? 10.512  0.373   6.239   1.00 15.99 ? 26  LEU A N     1 
ATOM   169  C CA    . LEU A 1 26  ? 9.490   -0.667  6.182   1.00 14.19 ? 26  LEU A CA    1 
ATOM   170  C C     . LEU A 1 26  ? 10.053  -1.942  5.567   1.00 14.26 ? 26  LEU A C     1 
ATOM   171  O O     . LEU A 1 26  ? 9.789   -3.045  6.050   1.00 14.58 ? 26  LEU A O     1 
ATOM   172  C CB    . LEU A 1 26  ? 8.274   -0.190  5.373   1.00 14.56 ? 26  LEU A CB    1 
ATOM   173  C CG    . LEU A 1 26  ? 7.417   0.920   5.997   1.00 17.23 ? 26  LEU A CG    1 
ATOM   174  C CD1   . LEU A 1 26  ? 6.232   1.240   5.086   1.00 18.67 ? 26  LEU A CD1   1 
ATOM   175  C CD2   . LEU A 1 26  ? 6.919   0.473   7.366   1.00 16.90 ? 26  LEU A CD2   1 
ATOM   176  N N     . GLY A 1 27  ? 10.829  -1.790  4.498   1.00 15.20 ? 27  GLY A N     1 
ATOM   177  C CA    . GLY A 1 27  ? 11.417  -2.950  3.857   1.00 15.47 ? 27  GLY A CA    1 
ATOM   178  C C     . GLY A 1 27  ? 12.328  -3.684  4.827   1.00 16.77 ? 27  GLY A C     1 
ATOM   179  O O     . GLY A 1 27  ? 12.349  -4.914  4.869   1.00 16.98 ? 27  GLY A O     1 
ATOM   180  N N     . GLY A 1 28  ? 13.085  -2.922  5.609   1.00 17.84 ? 28  GLY A N     1 
ATOM   181  C CA    . GLY A 1 28  ? 13.983  -3.521  6.580   1.00 18.66 ? 28  GLY A CA    1 
ATOM   182  C C     . GLY A 1 28  ? 13.221  -4.292  7.640   1.00 18.97 ? 28  GLY A C     1 
ATOM   183  O O     . GLY A 1 28  ? 13.631  -5.388  8.031   1.00 18.59 ? 28  GLY A O     1 
ATOM   184  N N     . GLU A 1 29  ? 12.113  -3.723  8.111   1.00 18.46 ? 29  GLU A N     1 
ATOM   185  C CA    . GLU A 1 29  ? 11.294  -4.377  9.126   1.00 19.06 ? 29  GLU A CA    1 
ATOM   186  C C     . GLU A 1 29  ? 10.739  -5.687  8.580   1.00 17.67 ? 29  GLU A C     1 
ATOM   187  O O     . GLU A 1 29  ? 10.756  -6.714  9.260   1.00 18.46 ? 29  GLU A O     1 
ATOM   188  C CB    . GLU A 1 29  ? 10.121  -3.485  9.551   1.00 21.97 ? 29  GLU A CB    1 
ATOM   189  C CG    . GLU A 1 29  ? 10.501  -2.119  10.096  1.00 27.67 ? 29  GLU A CG    1 
ATOM   190  C CD    . GLU A 1 29  ? 9.317   -1.392  10.717  1.00 32.82 ? 29  GLU A CD    1 
ATOM   191  O OE1   . GLU A 1 29  ? 8.234   -1.367  10.095  1.00 34.25 ? 29  GLU A OE1   1 
ATOM   192  O OE2   . GLU A 1 29  ? 9.469   -0.839  11.826  1.00 35.74 ? 29  GLU A OE2   1 
ATOM   193  N N     . ILE A 1 30  ? 10.237  -5.647  7.349   1.00 16.89 ? 30  ILE A N     1 
ATOM   194  C CA    . ILE A 1 30  ? 9.677   -6.838  6.725   1.00 15.66 ? 30  ILE A CA    1 
ATOM   195  C C     . ILE A 1 30  ? 10.737  -7.926  6.584   1.00 16.25 ? 30  ILE A C     1 
ATOM   196  O O     . ILE A 1 30  ? 10.486  -9.089  6.894   1.00 16.71 ? 30  ILE A O     1 
ATOM   197  C CB    . ILE A 1 30  ? 9.080   -6.501  5.333   1.00 15.93 ? 30  ILE A CB    1 
ATOM   198  C CG1   . ILE A 1 30  ? 7.829   -5.637  5.512   1.00 13.83 ? 30  ILE A CG1   1 
ATOM   199  C CG2   . ILE A 1 30  ? 8.744   -7.782  4.573   1.00 14.78 ? 30  ILE A CG2   1 
ATOM   200  C CD1   . ILE A 1 30  ? 7.255   -5.077  4.226   1.00 15.00 ? 30  ILE A CD1   1 
ATOM   201  N N     . ALA A 1 31  ? 11.924  -7.541  6.127   1.00 16.76 ? 31  ALA A N     1 
ATOM   202  C CA    . ALA A 1 31  ? 13.015  -8.492  5.944   1.00 18.02 ? 31  ALA A CA    1 
ATOM   203  C C     . ALA A 1 31  ? 13.348  -9.178  7.268   1.00 19.34 ? 31  ALA A C     1 
ATOM   204  O O     . ALA A 1 31  ? 13.590  -10.385 7.312   1.00 17.02 ? 31  ALA A O     1 
ATOM   205  C CB    . ALA A 1 31  ? 14.243  -7.775  5.395   1.00 17.15 ? 31  ALA A CB    1 
ATOM   206  N N     . ARG A 1 32  ? 13.349  -8.399  8.343   1.00 19.78 ? 32  ARG A N     1 
ATOM   207  C CA    . ARG A 1 32  ? 13.641  -8.928  9.672   1.00 22.82 ? 32  ARG A CA    1 
ATOM   208  C C     . ARG A 1 32  ? 12.518  -9.839  10.157  1.00 21.83 ? 32  ARG A C     1 
ATOM   209  O O     . ARG A 1 32  ? 12.770  -10.949 10.628  1.00 21.43 ? 32  ARG A O     1 
ATOM   210  C CB    . ARG A 1 32  ? 13.825  -7.783  10.673  1.00 26.68 ? 32  ARG A CB    1 
ATOM   211  C CG    . ARG A 1 32  ? 14.004  -8.250  12.110  1.00 34.54 ? 32  ARG A CG    1 
ATOM   212  C CD    . ARG A 1 32  ? 14.016  -7.089  13.091  1.00 42.52 ? 32  ARG A CD    1 
ATOM   213  N NE    . ARG A 1 32  ? 15.144  -6.188  12.871  1.00 49.32 ? 32  ARG A NE    1 
ATOM   214  C CZ    . ARG A 1 32  ? 15.423  -5.141  13.641  1.00 52.52 ? 32  ARG A CZ    1 
ATOM   215  N NH1   . ARG A 1 32  ? 14.656  -4.861  14.687  1.00 53.73 ? 32  ARG A NH1   1 
ATOM   216  N NH2   . ARG A 1 32  ? 16.469  -4.372  13.367  1.00 54.31 ? 32  ARG A NH2   1 
ATOM   217  N N     . ASP A 1 33  ? 11.279  -9.365  10.041  1.00 20.21 ? 33  ASP A N     1 
ATOM   218  C CA    . ASP A 1 33  ? 10.120  -10.136 10.478  1.00 19.23 ? 33  ASP A CA    1 
ATOM   219  C C     . ASP A 1 33  ? 9.941   -11.431 9.698   1.00 19.94 ? 33  ASP A C     1 
ATOM   220  O O     . ASP A 1 33  ? 9.467   -12.428 10.242  1.00 18.91 ? 33  ASP A O     1 
ATOM   221  C CB    . ASP A 1 33  ? 8.835   -9.308  10.349  1.00 18.77 ? 33  ASP A CB    1 
ATOM   222  C CG    . ASP A 1 33  ? 8.777   -8.148  11.325  1.00 20.60 ? 33  ASP A CG    1 
ATOM   223  O OD1   . ASP A 1 33  ? 9.664   -8.055  12.201  1.00 18.19 ? 33  ASP A OD1   1 
ATOM   224  O OD2   . ASP A 1 33  ? 7.835   -7.333  11.219  1.00 17.77 ? 33  ASP A OD2   1 
ATOM   225  N N     . TYR A 1 34  ? 10.317  -11.414 8.422   1.00 19.77 ? 34  TYR A N     1 
ATOM   226  C CA    . TYR A 1 34  ? 10.162  -12.587 7.570   1.00 19.37 ? 34  TYR A CA    1 
ATOM   227  C C     . TYR A 1 34  ? 11.436  -13.372 7.304   1.00 19.96 ? 34  TYR A C     1 
ATOM   228  O O     . TYR A 1 34  ? 11.530  -14.091 6.308   1.00 20.11 ? 34  TYR A O     1 
ATOM   229  C CB    . TYR A 1 34  ? 9.529   -12.176 6.238   1.00 18.25 ? 34  TYR A CB    1 
ATOM   230  C CG    . TYR A 1 34  ? 8.068   -11.817 6.361   1.00 16.78 ? 34  TYR A CG    1 
ATOM   231  C CD1   . TYR A 1 34  ? 7.078   -12.706 5.949   1.00 15.36 ? 34  TYR A CD1   1 
ATOM   232  C CD2   . TYR A 1 34  ? 7.675   -10.603 6.923   1.00 16.40 ? 34  TYR A CD2   1 
ATOM   233  C CE1   . TYR A 1 34  ? 5.734   -12.396 6.088   1.00 13.80 ? 34  TYR A CE1   1 
ATOM   234  C CE2   . TYR A 1 34  ? 6.333   -10.284 7.072   1.00 15.40 ? 34  TYR A CE2   1 
ATOM   235  C CZ    . TYR A 1 34  ? 5.368   -11.184 6.651   1.00 14.99 ? 34  TYR A CZ    1 
ATOM   236  O OH    . TYR A 1 34  ? 4.038   -10.877 6.797   1.00 14.87 ? 34  TYR A OH    1 
ATOM   237  N N     . GLN A 1 35  ? 12.418  -13.242 8.187   1.00 20.64 ? 35  GLN A N     1 
ATOM   238  C CA    . GLN A 1 35  ? 13.663  -13.977 8.010   1.00 23.79 ? 35  GLN A CA    1 
ATOM   239  C C     . GLN A 1 35  ? 13.339  -15.468 7.930   1.00 23.56 ? 35  GLN A C     1 
ATOM   240  O O     . GLN A 1 35  ? 12.516  -15.974 8.697   1.00 23.08 ? 35  GLN A O     1 
ATOM   241  C CB    . GLN A 1 35  ? 14.614  -13.701 9.178   1.00 26.94 ? 35  GLN A CB    1 
ATOM   242  C CG    . GLN A 1 35  ? 14.040  -14.031 10.547  1.00 33.68 ? 35  GLN A CG    1 
ATOM   243  C CD    . GLN A 1 35  ? 14.967  -13.632 11.681  1.00 38.60 ? 35  GLN A CD    1 
ATOM   244  O OE1   . GLN A 1 35  ? 16.101  -14.107 11.769  1.00 40.55 ? 35  GLN A OE1   1 
ATOM   245  N NE2   . GLN A 1 35  ? 14.488  -12.753 12.556  1.00 40.55 ? 35  GLN A NE2   1 
ATOM   246  N N     . GLY A 1 36  ? 13.969  -16.157 6.984   1.00 24.75 ? 36  GLY A N     1 
ATOM   247  C CA    . GLY A 1 36  ? 13.745  -17.582 6.820   1.00 24.35 ? 36  GLY A CA    1 
ATOM   248  C C     . GLY A 1 36  ? 12.453  -17.928 6.102   1.00 25.12 ? 36  GLY A C     1 
ATOM   249  O O     . GLY A 1 36  ? 12.128  -19.102 5.933   1.00 24.06 ? 36  GLY A O     1 
ATOM   250  N N     . LYS A 1 37  ? 11.716  -16.904 5.676   1.00 23.80 ? 37  LYS A N     1 
ATOM   251  C CA    . LYS A 1 37  ? 10.450  -17.110 4.983   1.00 23.47 ? 37  LYS A CA    1 
ATOM   252  C C     . LYS A 1 37  ? 10.542  -16.605 3.546   1.00 20.99 ? 37  LYS A C     1 
ATOM   253  O O     . LYS A 1 37  ? 11.512  -15.955 3.172   1.00 18.62 ? 37  LYS A O     1 
ATOM   254  C CB    . LYS A 1 37  ? 9.330   -16.366 5.716   1.00 26.35 ? 37  LYS A CB    1 
ATOM   255  C CG    . LYS A 1 37  ? 9.343   -16.564 7.224   1.00 31.99 ? 37  LYS A CG    1 
ATOM   256  C CD    . LYS A 1 37  ? 9.059   -18.005 7.606   1.00 34.88 ? 37  LYS A CD    1 
ATOM   257  C CE    . LYS A 1 37  ? 7.575   -18.307 7.529   1.00 37.88 ? 37  LYS A CE    1 
ATOM   258  N NZ    . LYS A 1 37  ? 6.825   -17.510 8.539   1.00 39.96 ? 37  LYS A NZ    1 
ATOM   259  N N     . THR A 1 38  ? 9.530   -16.927 2.745   1.00 20.91 ? 38  THR A N     1 
ATOM   260  C CA    . THR A 1 38  ? 9.476   -16.492 1.352   1.00 20.06 ? 38  THR A CA    1 
ATOM   261  C C     . THR A 1 38  ? 8.091   -15.888 1.166   1.00 18.75 ? 38  THR A C     1 
ATOM   262  O O     . THR A 1 38  ? 7.151   -16.562 0.743   1.00 18.59 ? 38  THR A O     1 
ATOM   263  C CB    . THR A 1 38  ? 9.661   -17.675 0.375   1.00 23.12 ? 38  THR A CB    1 
ATOM   264  O OG1   . THR A 1 38  ? 8.543   -18.564 0.473   1.00 29.74 ? 38  THR A OG1   1 
ATOM   265  C CG2   . THR A 1 38  ? 10.927  -18.438 0.704   1.00 20.93 ? 38  THR A CG2   1 
ATOM   266  N N     . PRO A 1 39  ? 7.948   -14.599 1.492   1.00 16.56 ? 39  PRO A N     1 
ATOM   267  C CA    . PRO A 1 39  ? 6.653   -13.937 1.359   1.00 15.18 ? 39  PRO A CA    1 
ATOM   268  C C     . PRO A 1 39  ? 6.169   -13.766 -0.070  1.00 13.41 ? 39  PRO A C     1 
ATOM   269  O O     . PRO A 1 39  ? 6.942   -13.835 -1.028  1.00 12.47 ? 39  PRO A O     1 
ATOM   270  C CB    . PRO A 1 39  ? 6.881   -12.604 2.063   1.00 15.15 ? 39  PRO A CB    1 
ATOM   271  C CG    . PRO A 1 39  ? 8.300   -12.313 1.743   1.00 18.80 ? 39  PRO A CG    1 
ATOM   272  C CD    . PRO A 1 39  ? 8.979   -13.650 1.949   1.00 15.81 ? 39  PRO A CD    1 
ATOM   273  N N     . HIS A 1 40  ? 4.866   -13.559 -0.186  1.00 13.14 ? 40  HIS A N     1 
ATOM   274  C CA    . HIS A 1 40  ? 4.210   -13.340 -1.461  1.00 14.03 ? 40  HIS A CA    1 
ATOM   275  C C     . HIS A 1 40  ? 3.534   -11.985 -1.321  1.00 13.34 ? 40  HIS A C     1 
ATOM   276  O O     . HIS A 1 40  ? 2.567   -11.845 -0.572  1.00 15.19 ? 40  HIS A O     1 
ATOM   277  C CB    . HIS A 1 40  ? 3.163   -14.428 -1.705  1.00 13.76 ? 40  HIS A CB    1 
ATOM   278  C CG    . HIS A 1 40  ? 2.423   -14.272 -2.996  1.00 13.36 ? 40  HIS A CG    1 
ATOM   279  N ND1   . HIS A 1 40  ? 3.056   -14.250 -4.220  1.00 14.54 ? 40  HIS A ND1   1 
ATOM   280  C CD2   . HIS A 1 40  ? 1.100   -14.140 -3.254  1.00 14.34 ? 40  HIS A CD2   1 
ATOM   281  C CE1   . HIS A 1 40  ? 2.157   -14.111 -5.176  1.00 13.71 ? 40  HIS A CE1   1 
ATOM   282  N NE2   . HIS A 1 40  ? 0.961   -14.041 -4.616  1.00 13.43 ? 40  HIS A NE2   1 
ATOM   283  N N     . LEU A 1 41  ? 4.051   -10.985 -2.025  1.00 13.21 ? 41  LEU A N     1 
ATOM   284  C CA    . LEU A 1 41  ? 3.487   -9.643  -1.949  1.00 13.71 ? 41  LEU A CA    1 
ATOM   285  C C     . LEU A 1 41  ? 2.461   -9.383  -3.045  1.00 13.26 ? 41  LEU A C     1 
ATOM   286  O O     . LEU A 1 41  ? 2.736   -9.564  -4.229  1.00 12.00 ? 41  LEU A O     1 
ATOM   287  C CB    . LEU A 1 41  ? 4.597   -8.589  -2.024  1.00 15.90 ? 41  LEU A CB    1 
ATOM   288  C CG    . LEU A 1 41  ? 5.513   -8.444  -0.804  1.00 16.70 ? 41  LEU A CG    1 
ATOM   289  C CD1   . LEU A 1 41  ? 6.296   -9.727  -0.584  1.00 17.79 ? 41  LEU A CD1   1 
ATOM   290  C CD2   . LEU A 1 41  ? 6.465   -7.279  -1.020  1.00 20.54 ? 41  LEU A CD2   1 
ATOM   291  N N     . ILE A 1 42  ? 1.270   -8.959  -2.636  1.00 11.46 ? 42  ILE A N     1 
ATOM   292  C CA    . ILE A 1 42  ? 0.204   -8.672  -3.585  1.00 11.50 ? 42  ILE A CA    1 
ATOM   293  C C     . ILE A 1 42  ? -0.037  -7.170  -3.666  1.00 11.91 ? 42  ILE A C     1 
ATOM   294  O O     . ILE A 1 42  ? -0.504  -6.551  -2.709  1.00 12.23 ? 42  ILE A O     1 
ATOM   295  C CB    . ILE A 1 42  ? -1.103  -9.367  -3.169  1.00 11.47 ? 42  ILE A CB    1 
ATOM   296  C CG1   . ILE A 1 42  ? -0.873  -10.880 -3.090  1.00 12.42 ? 42  ILE A CG1   1 
ATOM   297  C CG2   . ILE A 1 42  ? -2.217  -9.018  -4.156  1.00 12.04 ? 42  ILE A CG2   1 
ATOM   298  C CD1   . ILE A 1 42  ? -2.097  -11.668 -2.668  1.00 16.74 ? 42  ILE A CD1   1 
ATOM   299  N N     . CYS A 1 43  ? 0.293   -6.597  -4.818  1.00 11.12 ? 43  CYS A N     1 
ATOM   300  C CA    . CYS A 1 43  ? 0.122   -5.174  -5.052  1.00 11.61 ? 43  CYS A CA    1 
ATOM   301  C C     . CYS A 1 43  ? -1.299  -4.848  -5.497  1.00 11.42 ? 43  CYS A C     1 
ATOM   302  O O     . CYS A 1 43  ? -1.796  -5.405  -6.477  1.00 12.43 ? 43  CYS A O     1 
ATOM   303  C CB    . CYS A 1 43  ? 1.109   -4.700  -6.120  1.00 13.11 ? 43  CYS A CB    1 
ATOM   304  S SG    . CYS A 1 43  ? 0.864   -2.981  -6.643  1.00 13.41 ? 43  CYS A SG    1 
ATOM   305  N N     . VAL A 1 44  ? -1.955  -3.951  -4.766  1.00 11.10 ? 44  VAL A N     1 
ATOM   306  C CA    . VAL A 1 44  ? -3.307  -3.545  -5.121  1.00 13.32 ? 44  VAL A CA    1 
ATOM   307  C C     . VAL A 1 44  ? -3.216  -2.394  -6.120  1.00 14.01 ? 44  VAL A C     1 
ATOM   308  O O     . VAL A 1 44  ? -2.883  -1.262  -5.761  1.00 12.66 ? 44  VAL A O     1 
ATOM   309  C CB    . VAL A 1 44  ? -4.113  -3.094  -3.876  1.00 14.36 ? 44  VAL A CB    1 
ATOM   310  C CG1   . VAL A 1 44  ? -5.502  -2.620  -4.295  1.00 16.85 ? 44  VAL A CG1   1 
ATOM   311  C CG2   . VAL A 1 44  ? -4.241  -4.253  -2.892  1.00 16.80 ? 44  VAL A CG2   1 
ATOM   312  N N     . LEU A 1 45  ? -3.499  -2.697  -7.383  1.00 14.86 ? 45  LEU A N     1 
ATOM   313  C CA    . LEU A 1 45  ? -3.453  -1.703  -8.457  1.00 15.43 ? 45  LEU A CA    1 
ATOM   314  C C     . LEU A 1 45  ? -4.680  -0.795  -8.397  1.00 15.84 ? 45  LEU A C     1 
ATOM   315  O O     . LEU A 1 45  ? -5.719  -1.197  -7.878  1.00 16.91 ? 45  LEU A O     1 
ATOM   316  C CB    . LEU A 1 45  ? -3.404  -2.412  -9.815  1.00 16.14 ? 45  LEU A CB    1 
ATOM   317  C CG    . LEU A 1 45  ? -2.131  -3.204  -10.122 1.00 16.38 ? 45  LEU A CG    1 
ATOM   318  C CD1   . LEU A 1 45  ? -2.310  -3.997  -11.408 1.00 18.41 ? 45  LEU A CD1   1 
ATOM   319  C CD2   . LEU A 1 45  ? -0.958  -2.242  -10.239 1.00 18.20 ? 45  LEU A CD2   1 
ATOM   320  N N     . ASN A 1 46  ? -4.584  0.415   -8.944  1.00 14.36 ? 46  ASN A N     1 
ATOM   321  C CA    . ASN A 1 46  ? -3.381  0.927   -9.608  1.00 15.58 ? 46  ASN A CA    1 
ATOM   322  C C     . ASN A 1 46  ? -2.491  1.743   -8.672  1.00 14.22 ? 46  ASN A C     1 
ATOM   323  O O     . ASN A 1 46  ? -1.277  1.819   -8.867  1.00 13.68 ? 46  ASN A O     1 
ATOM   324  C CB    . ASN A 1 46  ? -3.771  1.847   -10.775 1.00 17.32 ? 46  ASN A CB    1 
ATOM   325  C CG    . ASN A 1 46  ? -4.425  1.109   -11.928 1.00 19.70 ? 46  ASN A CG    1 
ATOM   326  O OD1   . ASN A 1 46  ? -4.996  1.730   -12.825 1.00 26.06 ? 46  ASN A OD1   1 
ATOM   327  N ND2   . ASN A 1 46  ? -4.333  -0.209  -11.922 1.00 15.86 ? 46  ASN A ND2   1 
ATOM   328  N N     . GLY A 1 47  ? -3.107  2.353   -7.667  1.00 13.02 ? 47  GLY A N     1 
ATOM   329  C CA    . GLY A 1 47  ? -2.394  3.224   -6.743  1.00 13.07 ? 47  GLY A CA    1 
ATOM   330  C C     . GLY A 1 47  ? -1.137  2.795   -6.006  1.00 11.13 ? 47  GLY A C     1 
ATOM   331  O O     . GLY A 1 47  ? -0.280  3.633   -5.722  1.00 11.97 ? 47  GLY A O     1 
ATOM   332  N N     . ALA A 1 48  ? -1.001  1.515   -5.692  1.00 9.92  ? 48  ALA A N     1 
ATOM   333  C CA    . ALA A 1 48  ? 0.165   1.064   -4.938  1.00 9.59  ? 48  ALA A CA    1 
ATOM   334  C C     . ALA A 1 48  ? 1.379   0.618   -5.744  1.00 10.46 ? 48  ALA A C     1 
ATOM   335  O O     . ALA A 1 48  ? 2.379   0.205   -5.158  1.00 9.05  ? 48  ALA A O     1 
ATOM   336  C CB    . ALA A 1 48  ? -0.254  -0.064  -3.992  1.00 10.01 ? 48  ALA A CB    1 
ATOM   337  N N     . PHE A 1 49  ? 1.336   0.728   -7.067  1.00 10.84 ? 49  PHE A N     1 
ATOM   338  C CA    . PHE A 1 49  ? 2.460   0.220   -7.846  1.00 11.59 ? 49  PHE A CA    1 
ATOM   339  C C     . PHE A 1 49  ? 3.832   0.859   -7.626  1.00 10.77 ? 49  PHE A C     1 
ATOM   340  O O     . PHE A 1 49  ? 4.847   0.171   -7.750  1.00 10.34 ? 49  PHE A O     1 
ATOM   341  C CB    . PHE A 1 49  ? 2.094   0.174   -9.343  1.00 11.70 ? 49  PHE A CB    1 
ATOM   342  C CG    . PHE A 1 49  ? 2.450   1.411   -10.115 1.00 11.30 ? 49  PHE A CG    1 
ATOM   343  C CD1   . PHE A 1 49  ? 3.618   1.455   -10.872 1.00 11.39 ? 49  PHE A CD1   1 
ATOM   344  C CD2   . PHE A 1 49  ? 1.594   2.506   -10.138 1.00 13.79 ? 49  PHE A CD2   1 
ATOM   345  C CE1   . PHE A 1 49  ? 3.926   2.572   -11.649 1.00 12.31 ? 49  PHE A CE1   1 
ATOM   346  C CE2   . PHE A 1 49  ? 1.893   3.636   -10.915 1.00 14.37 ? 49  PHE A CE2   1 
ATOM   347  C CZ    . PHE A 1 49  ? 3.061   3.662   -11.672 1.00 13.12 ? 49  PHE A CZ    1 
ATOM   348  N N     . ILE A 1 50  ? 3.883   2.145   -7.285  1.00 12.63 ? 50  ILE A N     1 
ATOM   349  C CA    . ILE A 1 50  ? 5.173   2.791   -7.047  1.00 9.64  ? 50  ILE A CA    1 
ATOM   350  C C     . ILE A 1 50  ? 5.678   2.417   -5.651  1.00 10.88 ? 50  ILE A C     1 
ATOM   351  O O     . ILE A 1 50  ? 6.861   2.113   -5.465  1.00 10.68 ? 50  ILE A O     1 
ATOM   352  C CB    . ILE A 1 50  ? 5.066   4.333   -7.234  1.00 10.77 ? 50  ILE A CB    1 
ATOM   353  C CG1   . ILE A 1 50  ? 4.729   4.626   -8.705  1.00 10.05 ? 50  ILE A CG1   1 
ATOM   354  C CG2   . ILE A 1 50  ? 6.377   5.011   -6.842  1.00 10.75 ? 50  ILE A CG2   1 
ATOM   355  C CD1   . ILE A 1 50  ? 4.791   6.093   -9.115  1.00 10.36 ? 50  ILE A CD1   1 
ATOM   356  N N     . PHE A 1 51  ? 4.777   2.429   -4.672  1.00 10.54 ? 51  PHE A N     1 
ATOM   357  C CA    . PHE A 1 51  ? 5.114   2.034   -3.308  1.00 9.79  ? 51  PHE A CA    1 
ATOM   358  C C     . PHE A 1 51  ? 5.652   0.599   -3.382  1.00 10.74 ? 51  PHE A C     1 
ATOM   359  O O     . PHE A 1 51  ? 6.672   0.264   -2.774  1.00 10.73 ? 51  PHE A O     1 
ATOM   360  C CB    . PHE A 1 51  ? 3.853   2.099   -2.439  1.00 9.64  ? 51  PHE A CB    1 
ATOM   361  C CG    . PHE A 1 51  ? 4.022   1.542   -1.048  1.00 10.60 ? 51  PHE A CG    1 
ATOM   362  C CD1   . PHE A 1 51  ? 5.139   1.851   -0.279  1.00 11.14 ? 51  PHE A CD1   1 
ATOM   363  C CD2   . PHE A 1 51  ? 3.020   0.755   -0.482  1.00 9.34  ? 51  PHE A CD2   1 
ATOM   364  C CE1   . PHE A 1 51  ? 5.254   1.389   1.038   1.00 13.03 ? 51  PHE A CE1   1 
ATOM   365  C CE2   . PHE A 1 51  ? 3.125   0.289   0.832   1.00 11.68 ? 51  PHE A CE2   1 
ATOM   366  C CZ    . PHE A 1 51  ? 4.247   0.610   1.593   1.00 11.79 ? 51  PHE A CZ    1 
ATOM   367  N N     . MET A 1 52  ? 4.962   -0.244  -4.144  1.00 9.29  ? 52  MET A N     1 
ATOM   368  C CA    . MET A 1 52  ? 5.370   -1.636  -4.325  1.00 9.80  ? 52  MET A CA    1 
ATOM   369  C C     . MET A 1 52  ? 6.776   -1.721  -4.933  1.00 9.87  ? 52  MET A C     1 
ATOM   370  O O     . MET A 1 52  ? 7.642   -2.444  -4.431  1.00 10.01 ? 52  MET A O     1 
ATOM   371  C CB    . MET A 1 52  ? 4.374   -2.349  -5.245  1.00 11.18 ? 52  MET A CB    1 
ATOM   372  C CG    . MET A 1 52  ? 4.727   -3.797  -5.557  1.00 11.38 ? 52  MET A CG    1 
ATOM   373  S SD    . MET A 1 52  ? 4.248   -4.963  -4.263  1.00 13.36 ? 52  MET A SD    1 
ATOM   374  C CE    . MET A 1 52  ? 4.304   -6.521  -5.195  1.00 12.99 ? 52  MET A CE    1 
ATOM   375  N N     . ALA A 1 53  ? 6.999   -0.985  -6.021  1.00 8.66  ? 53  ALA A N     1 
ATOM   376  C CA    . ALA A 1 53  ? 8.297   -0.995  -6.694  1.00 10.84 ? 53  ALA A CA    1 
ATOM   377  C C     . ALA A 1 53  ? 9.443   -0.614  -5.760  1.00 11.25 ? 53  ALA A C     1 
ATOM   378  O O     . ALA A 1 53  ? 10.499  -1.246  -5.778  1.00 10.41 ? 53  ALA A O     1 
ATOM   379  C CB    . ALA A 1 53  ? 8.273   -0.049  -7.900  1.00 9.59  ? 53  ALA A CB    1 
ATOM   380  N N     . ASP A 1 54  ? 9.241   0.413   -4.942  1.00 10.27 ? 54  ASP A N     1 
ATOM   381  C CA    . ASP A 1 54  ? 10.291  0.840   -4.020  1.00 11.59 ? 54  ASP A CA    1 
ATOM   382  C C     . ASP A 1 54  ? 10.430  -0.103  -2.828  1.00 11.80 ? 54  ASP A C     1 
ATOM   383  O O     . ASP A 1 54  ? 11.542  -0.413  -2.398  1.00 12.04 ? 54  ASP A O     1 
ATOM   384  C CB    . ASP A 1 54  ? 10.016  2.260   -3.517  1.00 12.57 ? 54  ASP A CB    1 
ATOM   385  C CG    . ASP A 1 54  ? 10.135  3.301   -4.610  1.00 13.13 ? 54  ASP A CG    1 
ATOM   386  O OD1   . ASP A 1 54  ? 10.539  2.941   -5.736  1.00 14.31 ? 54  ASP A OD1   1 
ATOM   387  O OD2   . ASP A 1 54  ? 9.826   4.480   -4.346  1.00 12.07 ? 54  ASP A OD2   1 
ATOM   388  N N     . LEU A 1 55  ? 9.299   -0.563  -2.304  1.00 10.96 ? 55  LEU A N     1 
ATOM   389  C CA    . LEU A 1 55  ? 9.293   -1.460  -1.154  1.00 12.01 ? 55  LEU A CA    1 
ATOM   390  C C     . LEU A 1 55  ? 10.000  -2.795  -1.403  1.00 13.80 ? 55  LEU A C     1 
ATOM   391  O O     . LEU A 1 55  ? 10.837  -3.211  -0.599  1.00 13.20 ? 55  LEU A O     1 
ATOM   392  C CB    . LEU A 1 55  ? 7.851   -1.733  -0.695  1.00 12.18 ? 55  LEU A CB    1 
ATOM   393  C CG    . LEU A 1 55  ? 7.697   -2.636  0.538   1.00 12.18 ? 55  LEU A CG    1 
ATOM   394  C CD1   . LEU A 1 55  ? 8.310   -1.953  1.747   1.00 12.52 ? 55  LEU A CD1   1 
ATOM   395  C CD2   . LEU A 1 55  ? 6.224   -2.934  0.797   1.00 12.33 ? 55  LEU A CD2   1 
ATOM   396  N N     . VAL A 1 56  ? 9.677   -3.474  -2.503  1.00 12.40 ? 56  VAL A N     1 
ATOM   397  C CA    . VAL A 1 56  ? 10.302  -4.765  -2.763  1.00 12.09 ? 56  VAL A CA    1 
ATOM   398  C C     . VAL A 1 56  ? 11.818  -4.666  -2.916  1.00 13.42 ? 56  VAL A C     1 
ATOM   399  O O     . VAL A 1 56  ? 12.546  -5.572  -2.512  1.00 13.15 ? 56  VAL A O     1 
ATOM   400  C CB    . VAL A 1 56  ? 9.686   -5.477  -4.004  1.00 13.65 ? 56  VAL A CB    1 
ATOM   401  C CG1   . VAL A 1 56  ? 8.194   -5.707  -3.770  1.00 10.91 ? 56  VAL A CG1   1 
ATOM   402  C CG2   . VAL A 1 56  ? 9.923   -4.666  -5.274  1.00 13.84 ? 56  VAL A CG2   1 
ATOM   403  N N     . ARG A 1 57  ? 12.294  -3.556  -3.470  1.00 13.52 ? 57  ARG A N     1 
ATOM   404  C CA    . ARG A 1 57  ? 13.727  -3.365  -3.644  1.00 13.74 ? 57  ARG A CA    1 
ATOM   405  C C     . ARG A 1 57  ? 14.432  -3.111  -2.315  1.00 15.18 ? 57  ARG A C     1 
ATOM   406  O O     . ARG A 1 57  ? 15.659  -3.012  -2.268  1.00 13.57 ? 57  ARG A O     1 
ATOM   407  C CB    . ARG A 1 57  ? 13.997  -2.213  -4.613  1.00 14.09 ? 57  ARG A CB    1 
ATOM   408  C CG    . ARG A 1 57  ? 13.772  -2.603  -6.070  1.00 14.78 ? 57  ARG A CG    1 
ATOM   409  C CD    . ARG A 1 57  ? 14.047  -1.449  -7.013  1.00 12.92 ? 57  ARG A CD    1 
ATOM   410  N NE    . ARG A 1 57  ? 12.986  -0.445  -6.992  1.00 12.31 ? 57  ARG A NE    1 
ATOM   411  C CZ    . ARG A 1 57  ? 12.953  0.608   -7.803  1.00 13.77 ? 57  ARG A CZ    1 
ATOM   412  N NH1   . ARG A 1 57  ? 13.928  0.781   -8.689  1.00 13.61 ? 57  ARG A NH1   1 
ATOM   413  N NH2   . ARG A 1 57  ? 11.947  1.477   -7.745  1.00 11.75 ? 57  ARG A NH2   1 
ATOM   414  N N     . ALA A 1 58  ? 13.649  -3.014  -1.241  1.00 14.55 ? 58  ALA A N     1 
ATOM   415  C CA    . ALA A 1 58  ? 14.202  -2.798  0.097   1.00 15.94 ? 58  ALA A CA    1 
ATOM   416  C C     . ALA A 1 58  ? 13.963  -4.030  0.970   1.00 15.01 ? 58  ALA A C     1 
ATOM   417  O O     . ALA A 1 58  ? 14.099  -3.974  2.191   1.00 14.98 ? 58  ALA A O     1 
ATOM   418  C CB    . ALA A 1 58  ? 13.572  -1.567  0.739   1.00 16.06 ? 58  ALA A CB    1 
ATOM   419  N N     . ILE A 1 59  ? 13.600  -5.144  0.338   1.00 14.15 ? 59  ILE A N     1 
ATOM   420  C CA    . ILE A 1 59  ? 13.361  -6.389  1.058   1.00 14.20 ? 59  ILE A CA    1 
ATOM   421  C C     . ILE A 1 59  ? 14.283  -7.477  0.508   1.00 15.75 ? 59  ILE A C     1 
ATOM   422  O O     . ILE A 1 59  ? 13.939  -8.175  -0.450  1.00 14.23 ? 59  ILE A O     1 
ATOM   423  C CB    . ILE A 1 59  ? 11.904  -6.873  0.909   1.00 13.30 ? 59  ILE A CB    1 
ATOM   424  C CG1   . ILE A 1 59  ? 10.939  -5.815  1.448   1.00 13.86 ? 59  ILE A CG1   1 
ATOM   425  C CG2   . ILE A 1 59  ? 11.712  -8.183  1.675   1.00 14.77 ? 59  ILE A CG2   1 
ATOM   426  C CD1   . ILE A 1 59  ? 9.480   -6.145  1.194   1.00 12.53 ? 59  ILE A CD1   1 
ATOM   427  N N     . PRO A 1 60  ? 15.475  -7.625  1.101   1.00 17.35 ? 60  PRO A N     1 
ATOM   428  C CA    . PRO A 1 60  ? 16.425  -8.642  0.643   1.00 18.24 ? 60  PRO A CA    1 
ATOM   429  C C     . PRO A 1 60  ? 16.072  -10.047 1.127   1.00 20.00 ? 60  PRO A C     1 
ATOM   430  O O     . PRO A 1 60  ? 16.730  -10.601 2.009   1.00 19.65 ? 60  PRO A O     1 
ATOM   431  C CB    . PRO A 1 60  ? 17.757  -8.139  1.197   1.00 19.39 ? 60  PRO A CB    1 
ATOM   432  C CG    . PRO A 1 60  ? 17.353  -7.496  2.477   1.00 19.85 ? 60  PRO A CG    1 
ATOM   433  C CD    . PRO A 1 60  ? 16.101  -6.734  2.095   1.00 18.12 ? 60  PRO A CD    1 
ATOM   434  N N     . LEU A 1 61  ? 15.022  -10.606 0.531   1.00 19.48 ? 61  LEU A N     1 
ATOM   435  C CA    . LEU A 1 61  ? 14.537  -11.948 0.838   1.00 18.99 ? 61  LEU A CA    1 
ATOM   436  C C     . LEU A 1 61  ? 13.995  -12.552 -0.449  1.00 18.51 ? 61  LEU A C     1 
ATOM   437  O O     . LEU A 1 61  ? 13.658  -11.825 -1.383  1.00 16.41 ? 61  LEU A O     1 
ATOM   438  C CB    . LEU A 1 61  ? 13.381  -11.899 1.843   1.00 19.38 ? 61  LEU A CB    1 
ATOM   439  C CG    . LEU A 1 61  ? 13.618  -11.544 3.307   1.00 20.71 ? 61  LEU A CG    1 
ATOM   440  C CD1   . LEU A 1 61  ? 12.271  -11.448 4.020   1.00 22.01 ? 61  LEU A CD1   1 
ATOM   441  C CD2   . LEU A 1 61  ? 14.491  -12.606 3.957   1.00 20.39 ? 61  LEU A CD2   1 
ATOM   442  N N     . PRO A 1 62  ? 13.923  -13.891 -0.527  1.00 18.47 ? 62  PRO A N     1 
ATOM   443  C CA    . PRO A 1 62  ? 13.386  -14.495 -1.749  1.00 18.08 ? 62  PRO A CA    1 
ATOM   444  C C     . PRO A 1 62  ? 11.879  -14.301 -1.626  1.00 18.31 ? 62  PRO A C     1 
ATOM   445  O O     . PRO A 1 62  ? 11.296  -14.598 -0.583  1.00 17.83 ? 62  PRO A O     1 
ATOM   446  C CB    . PRO A 1 62  ? 13.800  -15.955 -1.620  1.00 20.36 ? 62  PRO A CB    1 
ATOM   447  C CG    . PRO A 1 62  ? 13.728  -16.181 -0.135  1.00 19.76 ? 62  PRO A CG    1 
ATOM   448  C CD    . PRO A 1 62  ? 14.378  -14.927 0.418   1.00 17.68 ? 62  PRO A CD    1 
ATOM   449  N N     . LEU A 1 63  ? 11.247  -13.781 -2.668  1.00 15.62 ? 63  LEU A N     1 
ATOM   450  C CA    . LEU A 1 63  ? 9.814   -13.545 -2.599  1.00 14.92 ? 63  LEU A CA    1 
ATOM   451  C C     . LEU A 1 63  ? 9.174   -13.538 -3.972  1.00 13.33 ? 63  LEU A C     1 
ATOM   452  O O     . LEU A 1 63  ? 9.859   -13.381 -4.984  1.00 12.20 ? 63  LEU A O     1 
ATOM   453  C CB    . LEU A 1 63  ? 9.551   -12.209 -1.891  1.00 15.24 ? 63  LEU A CB    1 
ATOM   454  C CG    . LEU A 1 63  ? 10.223  -10.951 -2.463  1.00 17.69 ? 63  LEU A CG    1 
ATOM   455  C CD1   . LEU A 1 63  ? 9.446   -10.435 -3.670  1.00 18.45 ? 63  LEU A CD1   1 
ATOM   456  C CD2   . LEU A 1 63  ? 10.269  -9.870  -1.384  1.00 15.74 ? 63  LEU A CD2   1 
ATOM   457  N N     . THR A 1 64  ? 7.857   -13.721 -3.995  1.00 13.29 ? 64  THR A N     1 
ATOM   458  C CA    . THR A 1 64  ? 7.097   -13.716 -5.236  1.00 13.59 ? 64  THR A CA    1 
ATOM   459  C C     . THR A 1 64  ? 6.104   -12.564 -5.166  1.00 13.48 ? 64  THR A C     1 
ATOM   460  O O     . THR A 1 64  ? 5.889   -11.983 -4.098  1.00 13.40 ? 64  THR A O     1 
ATOM   461  C CB    . THR A 1 64  ? 6.335   -15.046 -5.450  1.00 13.11 ? 64  THR A CB    1 
ATOM   462  O OG1   . THR A 1 64  ? 5.481   -15.301 -4.330  1.00 13.58 ? 64  THR A OG1   1 
ATOM   463  C CG2   . THR A 1 64  ? 7.318   -16.198 -5.608  1.00 14.79 ? 64  THR A CG2   1 
ATOM   464  N N     . MET A 1 65  ? 5.496   -12.237 -6.300  1.00 12.46 ? 65  MET A N     1 
ATOM   465  C CA    . MET A 1 65  ? 4.556   -11.126 -6.349  1.00 13.44 ? 65  MET A CA    1 
ATOM   466  C C     . MET A 1 65  ? 3.368   -11.414 -7.248  1.00 13.77 ? 65  MET A C     1 
ATOM   467  O O     . MET A 1 65  ? 3.406   -12.304 -8.099  1.00 12.68 ? 65  MET A O     1 
ATOM   468  C CB    . MET A 1 65  ? 5.246   -9.869  -6.900  1.00 14.69 ? 65  MET A CB    1 
ATOM   469  C CG    . MET A 1 65  ? 6.582   -9.494  -6.267  1.00 16.40 ? 65  MET A CG    1 
ATOM   470  S SD    . MET A 1 65  ? 7.320   -8.093  -7.174  1.00 17.34 ? 65  MET A SD    1 
ATOM   471  C CE    . MET A 1 65  ? 8.999   -8.078  -6.493  1.00 18.85 ? 65  MET A CE    1 
ATOM   472  N N     . ASP A 1 66  ? 2.314   -10.632 -7.053  1.00 14.11 ? 66  ASP A N     1 
ATOM   473  C CA    . ASP A 1 66  ? 1.128   -10.721 -7.881  1.00 15.83 ? 66  ASP A CA    1 
ATOM   474  C C     . ASP A 1 66  ? 0.471   -9.345  -7.834  1.00 16.72 ? 66  ASP A C     1 
ATOM   475  O O     . ASP A 1 66  ? 0.808   -8.512  -6.983  1.00 13.21 ? 66  ASP A O     1 
ATOM   476  C CB    . ASP A 1 66  ? 0.163   -11.802 -7.380  1.00 17.21 ? 66  ASP A CB    1 
ATOM   477  C CG    . ASP A 1 66  ? -0.654  -12.407 -8.507  1.00 19.83 ? 66  ASP A CG    1 
ATOM   478  O OD1   . ASP A 1 66  ? -0.646  -11.829 -9.616  1.00 17.37 ? 66  ASP A OD1   1 
ATOM   479  O OD2   . ASP A 1 66  ? -1.305  -13.452 -8.294  1.00 22.58 ? 66  ASP A OD2   1 
ATOM   480  N N     . PHE A 1 67  ? -0.448  -9.107  -8.760  1.00 16.91 ? 67  PHE A N     1 
ATOM   481  C CA    . PHE A 1 67  ? -1.144  -7.832  -8.846  1.00 20.75 ? 67  PHE A CA    1 
ATOM   482  C C     . PHE A 1 67  ? -2.641  -8.072  -8.954  1.00 22.86 ? 67  PHE A C     1 
ATOM   483  O O     . PHE A 1 67  ? -3.082  -8.990  -9.648  1.00 25.71 ? 67  PHE A O     1 
ATOM   484  C CB    . PHE A 1 67  ? -0.652  -7.059  -10.073 1.00 19.87 ? 67  PHE A CB    1 
ATOM   485  C CG    . PHE A 1 67  ? 0.795   -6.669  -9.999  1.00 21.24 ? 67  PHE A CG    1 
ATOM   486  C CD1   . PHE A 1 67  ? 1.165   -5.404  -9.553  1.00 20.33 ? 67  PHE A CD1   1 
ATOM   487  C CD2   . PHE A 1 67  ? 1.791   -7.579  -10.332 1.00 22.39 ? 67  PHE A CD2   1 
ATOM   488  C CE1   . PHE A 1 67  ? 2.507   -5.050  -9.438  1.00 22.87 ? 67  PHE A CE1   1 
ATOM   489  C CE2   . PHE A 1 67  ? 3.139   -7.236  -10.220 1.00 24.04 ? 67  PHE A CE2   1 
ATOM   490  C CZ    . PHE A 1 67  ? 3.496   -5.971  -9.771  1.00 24.15 ? 67  PHE A CZ    1 
ATOM   491  N N     . ILE A 1 68  ? -3.419  -7.252  -8.258  1.00 22.15 ? 68  ILE A N     1 
ATOM   492  C CA    . ILE A 1 68  ? -4.870  -7.372  -8.291  1.00 22.92 ? 68  ILE A CA    1 
ATOM   493  C C     . ILE A 1 68  ? -5.504  -5.989  -8.357  1.00 23.87 ? 68  ILE A C     1 
ATOM   494  O O     . ILE A 1 68  ? -4.934  -5.013  -7.877  1.00 20.40 ? 68  ILE A O     1 
ATOM   495  C CB    . ILE A 1 68  ? -5.401  -8.089  -7.036  1.00 23.35 ? 68  ILE A CB    1 
ATOM   496  C CG1   . ILE A 1 68  ? -4.996  -7.306  -5.786  1.00 22.15 ? 68  ILE A CG1   1 
ATOM   497  C CG2   . ILE A 1 68  ? -4.871  -9.509  -6.986  1.00 26.21 ? 68  ILE A CG2   1 
ATOM   498  C CD1   . ILE A 1 68  ? -5.517  -7.891  -4.498  1.00 26.11 ? 68  ILE A CD1   1 
ATOM   499  N N     . ALA A 1 69  ? -6.683  -5.909  -8.959  1.00 27.49 ? 69  ALA A N     1 
ATOM   500  C CA    . ALA A 1 69  ? -7.401  -4.645  -9.062  1.00 30.33 ? 69  ALA A CA    1 
ATOM   501  C C     . ALA A 1 69  ? -8.715  -4.797  -8.311  1.00 32.88 ? 69  ALA A C     1 
ATOM   502  O O     . ALA A 1 69  ? -9.452  -5.758  -8.527  1.00 32.00 ? 69  ALA A O     1 
ATOM   503  C CB    . ALA A 1 69  ? -7.658  -4.300  -10.521 1.00 30.79 ? 69  ALA A CB    1 
ATOM   504  N N     . ILE A 1 70  ? -9.000  -3.851  -7.422  1.00 36.53 ? 70  ILE A N     1 
ATOM   505  C CA    . ILE A 1 70  ? -10.222 -3.883  -6.628  1.00 40.55 ? 70  ILE A CA    1 
ATOM   506  C C     . ILE A 1 70  ? -10.875 -2.500  -6.618  1.00 42.86 ? 70  ILE A C     1 
ATOM   507  O O     . ILE A 1 70  ? -10.217 -1.494  -6.884  1.00 43.02 ? 70  ILE A O     1 
ATOM   508  C CB    . ILE A 1 70  ? -9.911  -4.314  -5.174  1.00 42.38 ? 70  ILE A CB    1 
ATOM   509  C CG1   . ILE A 1 70  ? -11.203 -4.431  -4.366  1.00 43.11 ? 70  ILE A CG1   1 
ATOM   510  C CG2   . ILE A 1 70  ? -8.961  -3.319  -4.531  1.00 43.58 ? 70  ILE A CG2   1 
ATOM   511  C CD1   . ILE A 1 70  ? -12.120 -5.535  -4.836  1.00 44.05 ? 70  ILE A CD1   1 
ATOM   512  N N     . SER A 1 71  ? -12.170 -2.457  -6.320  1.00 44.44 ? 71  SER A N     1 
ATOM   513  C CA    . SER A 1 71  ? -12.901 -1.195  -6.276  1.00 46.52 ? 71  SER A CA    1 
ATOM   514  C C     . SER A 1 71  ? -14.128 -1.294  -5.375  1.00 46.47 ? 71  SER A C     1 
ATOM   515  O O     . SER A 1 71  ? -14.754 -2.350  -5.275  1.00 47.42 ? 71  SER A O     1 
ATOM   516  C CB    . SER A 1 71  ? -13.330 -0.788  -7.687  1.00 47.26 ? 71  SER A CB    1 
ATOM   517  O OG    . SER A 1 71  ? -12.206 -0.635  -8.535  1.00 50.31 ? 71  SER A OG    1 
ATOM   518  N N     . GLU A 1 84  ? -16.109 -5.136  -5.985  1.00 72.19 ? 84  GLU A N     1 
ATOM   519  C CA    . GLU A 1 84  ? -15.676 -6.309  -6.736  1.00 71.29 ? 84  GLU A CA    1 
ATOM   520  C C     . GLU A 1 84  ? -14.260 -6.123  -7.268  1.00 69.90 ? 84  GLU A C     1 
ATOM   521  O O     . GLU A 1 84  ? -13.769 -4.998  -7.369  1.00 69.54 ? 84  GLU A O     1 
ATOM   522  C CB    . GLU A 1 84  ? -16.634 -6.571  -7.901  1.00 71.46 ? 84  GLU A CB    1 
ATOM   523  C CG    . GLU A 1 84  ? -18.062 -6.856  -7.472  1.00 72.38 ? 84  GLU A CG    1 
ATOM   524  C CD    . GLU A 1 84  ? -18.168 -8.067  -6.567  1.00 73.17 ? 84  GLU A CD    1 
ATOM   525  O OE1   . GLU A 1 84  ? -17.791 -9.175  -7.006  1.00 73.35 ? 84  GLU A OE1   1 
ATOM   526  O OE2   . GLU A 1 84  ? -18.627 -7.911  -5.416  1.00 73.24 ? 84  GLU A OE2   1 
ATOM   527  N N     . LEU A 1 85  ? -13.605 -7.230  -7.607  1.00 67.38 ? 85  LEU A N     1 
ATOM   528  C CA    . LEU A 1 85  ? -12.245 -7.176  -8.129  1.00 65.83 ? 85  LEU A CA    1 
ATOM   529  C C     . LEU A 1 85  ? -12.249 -7.107  -9.651  1.00 65.15 ? 85  LEU A C     1 
ATOM   530  O O     . LEU A 1 85  ? -12.986 -7.835  -10.317 1.00 65.13 ? 85  LEU A O     1 
ATOM   531  C CB    . LEU A 1 85  ? -11.441 -8.397  -7.664  1.00 64.61 ? 85  LEU A CB    1 
ATOM   532  C CG    . LEU A 1 85  ? -11.904 -9.791  -8.094  1.00 63.43 ? 85  LEU A CG    1 
ATOM   533  C CD1   . LEU A 1 85  ? -10.843 -10.813 -7.713  1.00 62.25 ? 85  LEU A CD1   1 
ATOM   534  C CD2   . LEU A 1 85  ? -13.233 -10.126 -7.438  1.00 63.27 ? 85  LEU A CD2   1 
ATOM   535  N N     . LEU A 1 86  ? -11.418 -6.222  -10.194 1.00 63.77 ? 86  LEU A N     1 
ATOM   536  C CA    . LEU A 1 86  ? -11.319 -6.039  -11.636 1.00 61.97 ? 86  LEU A CA    1 
ATOM   537  C C     . LEU A 1 86  ? -10.158 -6.847  -12.211 1.00 61.17 ? 86  LEU A C     1 
ATOM   538  O O     . LEU A 1 86  ? -10.015 -6.968  -13.429 1.00 61.09 ? 86  LEU A O     1 
ATOM   539  C CB    . LEU A 1 86  ? -11.127 -4.555  -11.957 1.00 61.29 ? 86  LEU A CB    1 
ATOM   540  C CG    . LEU A 1 86  ? -12.115 -3.594  -11.286 1.00 60.90 ? 86  LEU A CG    1 
ATOM   541  C CD1   . LEU A 1 86  ? -11.804 -2.166  -11.711 1.00 60.60 ? 86  LEU A CD1   1 
ATOM   542  C CD2   . LEU A 1 86  ? -13.541 -3.965  -11.661 1.00 60.28 ? 86  LEU A CD2   1 
ATOM   543  N N     . LYS A 1 87  ? -9.331  -7.395  -11.324 1.00 60.21 ? 87  LYS A N     1 
ATOM   544  C CA    . LYS A 1 87  ? -8.179  -8.199  -11.723 1.00 59.30 ? 87  LYS A CA    1 
ATOM   545  C C     . LYS A 1 87  ? -7.967  -9.305  -10.694 1.00 57.22 ? 87  LYS A C     1 
ATOM   546  O O     . LYS A 1 87  ? -7.778  -9.031  -9.510  1.00 57.37 ? 87  LYS A O     1 
ATOM   547  C CB    . LYS A 1 87  ? -6.925  -7.324  -11.809 1.00 61.02 ? 87  LYS A CB    1 
ATOM   548  C CG    . LYS A 1 87  ? -5.671  -8.058  -12.265 1.00 64.14 ? 87  LYS A CG    1 
ATOM   549  C CD    . LYS A 1 87  ? -5.810  -8.571  -13.689 1.00 66.32 ? 87  LYS A CD    1 
ATOM   550  C CE    . LYS A 1 87  ? -4.535  -9.252  -14.164 1.00 67.23 ? 87  LYS A CE    1 
ATOM   551  N NZ    . LYS A 1 87  ? -4.192  -10.441 -13.336 1.00 67.77 ? 87  LYS A NZ    1 
ATOM   552  N N     . ASP A 1 88  ? -7.999  -10.552 -11.154 1.00 54.24 ? 88  ASP A N     1 
ATOM   553  C CA    . ASP A 1 88  ? -7.826  -11.699 -10.268 1.00 52.08 ? 88  ASP A CA    1 
ATOM   554  C C     . ASP A 1 88  ? -6.369  -12.090 -10.050 1.00 49.04 ? 88  ASP A C     1 
ATOM   555  O O     . ASP A 1 88  ? -5.476  -11.656 -10.778 1.00 48.54 ? 88  ASP A O     1 
ATOM   556  C CB    . ASP A 1 88  ? -8.592  -12.905 -10.817 1.00 53.21 ? 88  ASP A CB    1 
ATOM   557  C CG    . ASP A 1 88  ? -10.084 -12.667 -10.883 1.00 54.08 ? 88  ASP A CG    1 
ATOM   558  O OD1   . ASP A 1 88  ? -10.505 -11.718 -11.575 1.00 57.09 ? 88  ASP A OD1   1 
ATOM   559  O OD2   . ASP A 1 88  ? -10.836 -13.431 -10.242 1.00 56.54 ? 88  ASP A OD2   1 
ATOM   560  N N     . LEU A 1 89  ? -6.153  -12.922 -9.037  1.00 45.14 ? 89  LEU A N     1 
ATOM   561  C CA    . LEU A 1 89  ? -4.826  -13.414 -8.686  1.00 41.11 ? 89  LEU A CA    1 
ATOM   562  C C     . LEU A 1 89  ? -4.407  -14.494 -9.678  1.00 38.94 ? 89  LEU A C     1 
ATOM   563  O O     . LEU A 1 89  ? -5.249  -15.233 -10.186 1.00 38.70 ? 89  LEU A O     1 
ATOM   564  C CB    . LEU A 1 89  ? -4.839  -14.005 -7.270  1.00 41.12 ? 89  LEU A CB    1 
ATOM   565  C CG    . LEU A 1 89  ? -5.114  -13.095 -6.065  1.00 40.35 ? 89  LEU A CG    1 
ATOM   566  C CD1   . LEU A 1 89  ? -6.457  -12.397 -6.211  1.00 42.22 ? 89  LEU A CD1   1 
ATOM   567  C CD2   . LEU A 1 89  ? -5.098  -13.932 -4.798  1.00 39.56 ? 89  LEU A CD2   1 
ATOM   568  N N     . ARG A 1 90  ? -3.108  -14.585 -9.945  1.00 35.74 ? 90  ARG A N     1 
ATOM   569  C CA    . ARG A 1 90  ? -2.582  -15.578 -10.876 1.00 34.60 ? 90  ARG A CA    1 
ATOM   570  C C     . ARG A 1 90  ? -1.778  -16.664 -10.168 1.00 30.23 ? 90  ARG A C     1 
ATOM   571  O O     . ARG A 1 90  ? -1.745  -17.811 -10.616 1.00 30.37 ? 90  ARG A O     1 
ATOM   572  C CB    . ARG A 1 90  ? -1.708  -14.901 -11.934 1.00 39.57 ? 90  ARG A CB    1 
ATOM   573  C CG    . ARG A 1 90  ? -2.477  -14.028 -12.909 1.00 49.19 ? 90  ARG A CG    1 
ATOM   574  C CD    . ARG A 1 90  ? -1.538  -13.284 -13.845 1.00 57.26 ? 90  ARG A CD    1 
ATOM   575  N NE    . ARG A 1 90  ? -0.659  -14.191 -14.579 1.00 64.58 ? 90  ARG A NE    1 
ATOM   576  C CZ    . ARG A 1 90  ? 0.257   -13.796 -15.458 1.00 67.14 ? 90  ARG A CZ    1 
ATOM   577  N NH1   . ARG A 1 90  ? 0.420   -12.506 -15.720 1.00 68.55 ? 90  ARG A NH1   1 
ATOM   578  N NH2   . ARG A 1 90  ? 1.013   -14.693 -16.078 1.00 68.87 ? 90  ARG A NH2   1 
ATOM   579  N N     . LEU A 1 91  ? -1.128  -16.301 -9.068  1.00 24.39 ? 91  LEU A N     1 
ATOM   580  C CA    . LEU A 1 91  ? -0.325  -17.247 -8.302  1.00 20.49 ? 91  LEU A CA    1 
ATOM   581  C C     . LEU A 1 91  ? -1.091  -17.733 -7.077  1.00 18.07 ? 91  LEU A C     1 
ATOM   582  O O     . LEU A 1 91  ? -1.911  -17.009 -6.518  1.00 15.35 ? 91  LEU A O     1 
ATOM   583  C CB    . LEU A 1 91  ? 0.994   -16.600 -7.866  1.00 21.14 ? 91  LEU A CB    1 
ATOM   584  C CG    . LEU A 1 91  ? 2.074   -16.412 -8.941  1.00 24.39 ? 91  LEU A CG    1 
ATOM   585  C CD1   . LEU A 1 91  ? 1.562   -15.526 -10.065 1.00 25.67 ? 91  LEU A CD1   1 
ATOM   586  C CD2   . LEU A 1 91  ? 3.310   -15.801 -8.307  1.00 23.38 ? 91  LEU A CD2   1 
ATOM   587  N N     . PRO A 1 92  ? -0.838  -18.978 -6.649  1.00 17.98 ? 92  PRO A N     1 
ATOM   588  C CA    . PRO A 1 92  ? -1.523  -19.542 -5.482  1.00 17.48 ? 92  PRO A CA    1 
ATOM   589  C C     . PRO A 1 92  ? -1.150  -18.816 -4.196  1.00 16.90 ? 92  PRO A C     1 
ATOM   590  O O     . PRO A 1 92  ? -0.009  -18.384 -4.033  1.00 16.94 ? 92  PRO A O     1 
ATOM   591  C CB    . PRO A 1 92  ? -1.040  -20.994 -5.463  1.00 18.43 ? 92  PRO A CB    1 
ATOM   592  C CG    . PRO A 1 92  ? -0.695  -21.274 -6.900  1.00 19.86 ? 92  PRO A CG    1 
ATOM   593  C CD    . PRO A 1 92  ? -0.005  -19.996 -7.312  1.00 18.22 ? 92  PRO A CD    1 
ATOM   594  N N     . ILE A 1 93  ? -2.109  -18.665 -3.289  1.00 16.04 ? 93  ILE A N     1 
ATOM   595  C CA    . ILE A 1 93  ? -1.802  -18.023 -2.018  1.00 16.56 ? 93  ILE A CA    1 
ATOM   596  C C     . ILE A 1 93  ? -2.034  -18.989 -0.864  1.00 16.42 ? 93  ILE A C     1 
ATOM   597  O O     . ILE A 1 93  ? -1.684  -18.697 0.277   1.00 15.21 ? 93  ILE A O     1 
ATOM   598  C CB    . ILE A 1 93  ? -2.631  -16.745 -1.782  1.00 17.63 ? 93  ILE A CB    1 
ATOM   599  C CG1   . ILE A 1 93  ? -4.107  -17.091 -1.617  1.00 19.14 ? 93  ILE A CG1   1 
ATOM   600  C CG2   . ILE A 1 93  ? -2.414  -15.766 -2.933  1.00 16.74 ? 93  ILE A CG2   1 
ATOM   601  C CD1   . ILE A 1 93  ? -4.936  -15.913 -1.137  1.00 20.12 ? 93  ILE A CD1   1 
ATOM   602  N N     . HIS A 1 94  ? -2.623  -20.145 -1.156  1.00 15.93 ? 94  HIS A N     1 
ATOM   603  C CA    . HIS A 1 94  ? -2.857  -21.123 -0.100  1.00 18.10 ? 94  HIS A CA    1 
ATOM   604  C C     . HIS A 1 94  ? -1.518  -21.555 0.481   1.00 17.33 ? 94  HIS A C     1 
ATOM   605  O O     . HIS A 1 94  ? -0.594  -21.912 -0.254  1.00 16.01 ? 94  HIS A O     1 
ATOM   606  C CB    . HIS A 1 94  ? -3.617  -22.343 -0.638  1.00 19.22 ? 94  HIS A CB    1 
ATOM   607  C CG    . HIS A 1 94  ? -3.860  -23.400 0.394   1.00 21.01 ? 94  HIS A CG    1 
ATOM   608  N ND1   . HIS A 1 94  ? -2.953  -24.404 0.661   1.00 24.05 ? 94  HIS A ND1   1 
ATOM   609  C CD2   . HIS A 1 94  ? -4.887  -23.584 1.258   1.00 19.12 ? 94  HIS A CD2   1 
ATOM   610  C CE1   . HIS A 1 94  ? -3.411  -25.160 1.643   1.00 22.11 ? 94  HIS A CE1   1 
ATOM   611  N NE2   . HIS A 1 94  ? -4.582  -24.683 2.024   1.00 22.73 ? 94  HIS A NE2   1 
ATOM   612  N N     . GLY A 1 95  ? -1.409  -21.495 1.803   1.00 17.72 ? 95  GLY A N     1 
ATOM   613  C CA    . GLY A 1 95  ? -0.178  -21.892 2.460   1.00 18.17 ? 95  GLY A CA    1 
ATOM   614  C C     . GLY A 1 95  ? 0.966   -20.901 2.340   1.00 17.49 ? 95  GLY A C     1 
ATOM   615  O O     . GLY A 1 95  ? 2.069   -21.185 2.795   1.00 18.90 ? 95  GLY A O     1 
ATOM   616  N N     . ARG A 1 96  ? 0.720   -19.742 1.731   1.00 16.57 ? 96  ARG A N     1 
ATOM   617  C CA    . ARG A 1 96  ? 1.770   -18.733 1.586   1.00 14.90 ? 96  ARG A CA    1 
ATOM   618  C C     . ARG A 1 96  ? 1.651   -17.666 2.669   1.00 15.23 ? 96  ARG A C     1 
ATOM   619  O O     . ARG A 1 96  ? 0.569   -17.439 3.220   1.00 14.98 ? 96  ARG A O     1 
ATOM   620  C CB    . ARG A 1 96  ? 1.688   -18.021 0.219   1.00 15.79 ? 96  ARG A CB    1 
ATOM   621  C CG    . ARG A 1 96  ? 1.963   -18.871 -1.029  1.00 15.17 ? 96  ARG A CG    1 
ATOM   622  C CD    . ARG A 1 96  ? 3.367   -19.465 -1.040  1.00 16.83 ? 96  ARG A CD    1 
ATOM   623  N NE    . ARG A 1 96  ? 4.432   -18.460 -1.007  1.00 16.60 ? 96  ARG A NE    1 
ATOM   624  C CZ    . ARG A 1 96  ? 4.812   -17.716 -2.043  1.00 17.03 ? 96  ARG A CZ    1 
ATOM   625  N NH1   . ARG A 1 96  ? 4.217   -17.847 -3.225  1.00 12.45 ? 96  ARG A NH1   1 
ATOM   626  N NH2   . ARG A 1 96  ? 5.802   -16.843 -1.899  1.00 14.49 ? 96  ARG A NH2   1 
ATOM   627  N N     . ASP A 1 97  ? 2.773   -17.023 2.977   1.00 14.73 ? 97  ASP A N     1 
ATOM   628  C CA    . ASP A 1 97  ? 2.785   -15.931 3.941   1.00 15.42 ? 97  ASP A CA    1 
ATOM   629  C C     . ASP A 1 97  ? 2.612   -14.703 3.059   1.00 14.51 ? 97  ASP A C     1 
ATOM   630  O O     . ASP A 1 97  ? 3.557   -14.224 2.434   1.00 15.96 ? 97  ASP A O     1 
ATOM   631  C CB    . ASP A 1 97  ? 4.110   -15.904 4.698   1.00 14.33 ? 97  ASP A CB    1 
ATOM   632  C CG    . ASP A 1 97  ? 4.255   -17.086 5.632   1.00 17.14 ? 97  ASP A CG    1 
ATOM   633  O OD1   . ASP A 1 97  ? 3.388   -17.243 6.518   1.00 17.24 ? 97  ASP A OD1   1 
ATOM   634  O OD2   . ASP A 1 97  ? 5.215   -17.862 5.478   1.00 17.13 ? 97  ASP A OD2   1 
ATOM   635  N N     . VAL A 1 98  ? 1.375   -14.226 2.996   1.00 15.64 ? 98  VAL A N     1 
ATOM   636  C CA    . VAL A 1 98  ? 1.006   -13.097 2.156   1.00 14.44 ? 98  VAL A CA    1 
ATOM   637  C C     . VAL A 1 98  ? 1.136   -11.715 2.784   1.00 14.54 ? 98  VAL A C     1 
ATOM   638  O O     . VAL A 1 98  ? 0.862   -11.520 3.970   1.00 12.76 ? 98  VAL A O     1 
ATOM   639  C CB    . VAL A 1 98  ? -0.458  -13.258 1.669   1.00 16.19 ? 98  VAL A CB    1 
ATOM   640  C CG1   . VAL A 1 98  ? -0.846  -12.097 0.758   1.00 16.69 ? 98  VAL A CG1   1 
ATOM   641  C CG2   . VAL A 1 98  ? -0.621  -14.592 0.944   1.00 15.49 ? 98  VAL A CG2   1 
ATOM   642  N N     . ILE A 1 99  ? 1.570   -10.757 1.971   1.00 14.26 ? 99  ILE A N     1 
ATOM   643  C CA    . ILE A 1 99  ? 1.676   -9.373  2.409   1.00 13.97 ? 99  ILE A CA    1 
ATOM   644  C C     . ILE A 1 99  ? 0.942   -8.540  1.367   1.00 13.02 ? 99  ILE A C     1 
ATOM   645  O O     . ILE A 1 99  ? 1.342   -8.498  0.205   1.00 12.41 ? 99  ILE A O     1 
ATOM   646  C CB    . ILE A 1 99  ? 3.135   -8.864  2.482   1.00 13.53 ? 99  ILE A CB    1 
ATOM   647  C CG1   . ILE A 1 99  ? 3.946   -9.676  3.498   1.00 13.01 ? 99  ILE A CG1   1 
ATOM   648  C CG2   . ILE A 1 99  ? 3.133   -7.385  2.888   1.00 14.14 ? 99  ILE A CG2   1 
ATOM   649  C CD1   . ILE A 1 99  ? 5.416   -9.270  3.563   1.00 14.28 ? 99  ILE A CD1   1 
ATOM   650  N N     . VAL A 1 100 ? -0.146  -7.901  1.782   1.00 12.54 ? 100 VAL A N     1 
ATOM   651  C CA    . VAL A 1 100 ? -0.924  -7.052  0.888   1.00 13.19 ? 100 VAL A CA    1 
ATOM   652  C C     . VAL A 1 100 ? -0.235  -5.689  0.863   1.00 13.96 ? 100 VAL A C     1 
ATOM   653  O O     . VAL A 1 100 ? 0.142   -5.168  1.909   1.00 13.82 ? 100 VAL A O     1 
ATOM   654  C CB    . VAL A 1 100 ? -2.369  -6.865  1.405   1.00 14.92 ? 100 VAL A CB    1 
ATOM   655  C CG1   . VAL A 1 100 ? -3.143  -5.931  0.479   1.00 15.65 ? 100 VAL A CG1   1 
ATOM   656  C CG2   . VAL A 1 100 ? -3.070  -8.219  1.500   1.00 15.45 ? 100 VAL A CG2   1 
ATOM   657  N N     . VAL A 1 101 ? -0.058  -5.125  -0.327  1.00 12.25 ? 101 VAL A N     1 
ATOM   658  C CA    . VAL A 1 101 ? 0.584   -3.823  -0.454  1.00 12.47 ? 101 VAL A CA    1 
ATOM   659  C C     . VAL A 1 101 ? -0.438  -2.832  -1.012  1.00 12.53 ? 101 VAL A C     1 
ATOM   660  O O     . VAL A 1 101 ? -0.820  -2.900  -2.184  1.00 11.65 ? 101 VAL A O     1 
ATOM   661  C CB    . VAL A 1 101 ? 1.821   -3.894  -1.381  1.00 12.17 ? 101 VAL A CB    1 
ATOM   662  C CG1   . VAL A 1 101 ? 2.484   -2.524  -1.475  1.00 13.38 ? 101 VAL A CG1   1 
ATOM   663  C CG2   . VAL A 1 101 ? 2.812   -4.923  -0.840  1.00 12.36 ? 101 VAL A CG2   1 
ATOM   664  N N     . GLU A 1 102 ? -0.871  -1.917  -0.148  1.00 13.30 ? 102 GLU A N     1 
ATOM   665  C CA    . GLU A 1 102 ? -1.874  -0.910  -0.477  1.00 13.02 ? 102 GLU A CA    1 
ATOM   666  C C     . GLU A 1 102 ? -1.304  0.496   -0.542  1.00 11.89 ? 102 GLU A C     1 
ATOM   667  O O     . GLU A 1 102 ? -0.251  0.767   0.023   1.00 12.80 ? 102 GLU A O     1 
ATOM   668  C CB    . GLU A 1 102 ? -2.984  -0.941  0.579   1.00 16.01 ? 102 GLU A CB    1 
ATOM   669  C CG    . GLU A 1 102 ? -4.091  -1.924  0.283   1.00 20.70 ? 102 GLU A CG    1 
ATOM   670  C CD    . GLU A 1 102 ? -5.088  -1.371  -0.706  1.00 20.74 ? 102 GLU A CD    1 
ATOM   671  O OE1   . GLU A 1 102 ? -4.698  -0.514  -1.526  1.00 20.42 ? 102 GLU A OE1   1 
ATOM   672  O OE2   . GLU A 1 102 ? -6.259  -1.799  -0.669  1.00 27.26 ? 102 GLU A OE2   1 
ATOM   673  N N     . ASP A 1 103 ? -2.008  1.393   -1.227  1.00 11.88 ? 103 ASP A N     1 
ATOM   674  C CA    . ASP A 1 103 ? -1.551  2.772   -1.324  1.00 11.80 ? 103 ASP A CA    1 
ATOM   675  C C     . ASP A 1 103 ? -1.982  3.561   -0.094  1.00 11.96 ? 103 ASP A C     1 
ATOM   676  O O     . ASP A 1 103 ? -1.144  4.095   0.635   1.00 12.10 ? 103 ASP A O     1 
ATOM   677  C CB    . ASP A 1 103 ? -2.067  3.452   -2.609  1.00 13.32 ? 103 ASP A CB    1 
ATOM   678  C CG    . ASP A 1 103 ? -3.585  3.344   -2.796  1.00 16.85 ? 103 ASP A CG    1 
ATOM   679  O OD1   . ASP A 1 103 ? -4.273  2.654   -2.014  1.00 14.51 ? 103 ASP A OD1   1 
ATOM   680  O OD2   . ASP A 1 103 ? -4.093  3.965   -3.758  1.00 17.13 ? 103 ASP A OD2   1 
ATOM   681  N N     . ILE A 1 104 ? -3.285  3.609   0.152   1.00 10.86 ? 104 ILE A N     1 
ATOM   682  C CA    . ILE A 1 104 ? -3.806  4.345   1.296   1.00 11.50 ? 104 ILE A CA    1 
ATOM   683  C C     . ILE A 1 104 ? -5.097  3.725   1.817   1.00 12.78 ? 104 ILE A C     1 
ATOM   684  O O     . ILE A 1 104 ? -5.968  3.339   1.041   1.00 14.31 ? 104 ILE A O     1 
ATOM   685  C CB    . ILE A 1 104 ? -4.055  5.828   0.921   1.00 10.41 ? 104 ILE A CB    1 
ATOM   686  C CG1   . ILE A 1 104 ? -4.630  6.598   2.113   1.00 10.87 ? 104 ILE A CG1   1 
ATOM   687  C CG2   . ILE A 1 104 ? -5.007  5.911   -0.260  1.00 12.10 ? 104 ILE A CG2   1 
ATOM   688  C CD1   . ILE A 1 104 ? -4.680  8.101   1.870   1.00 11.34 ? 104 ILE A CD1   1 
ATOM   689  N N     . VAL A 1 105 ? -5.195  3.606   3.137   1.00 12.21 ? 105 VAL A N     1 
ATOM   690  C CA    . VAL A 1 105 ? -6.386  3.052   3.765   1.00 12.51 ? 105 VAL A CA    1 
ATOM   691  C C     . VAL A 1 105 ? -7.219  4.243   4.224   1.00 14.50 ? 105 VAL A C     1 
ATOM   692  O O     . VAL A 1 105 ? -6.777  5.050   5.047   1.00 13.52 ? 105 VAL A O     1 
ATOM   693  C CB    . VAL A 1 105 ? -6.024  2.146   4.969   1.00 13.94 ? 105 VAL A CB    1 
ATOM   694  C CG1   . VAL A 1 105 ? -7.297  1.539   5.577   1.00 15.33 ? 105 VAL A CG1   1 
ATOM   695  C CG2   . VAL A 1 105 ? -5.079  1.034   4.509   1.00 12.77 ? 105 VAL A CG2   1 
ATOM   696  N N     . ASP A 1 106 ? -8.416  4.358   3.659   1.00 13.87 ? 106 ASP A N     1 
ATOM   697  C CA    . ASP A 1 106 ? -9.323  5.455   3.970   1.00 15.72 ? 106 ASP A CA    1 
ATOM   698  C C     . ASP A 1 106 ? -10.399 4.941   4.918   1.00 15.71 ? 106 ASP A C     1 
ATOM   699  O O     . ASP A 1 106 ? -10.180 4.906   6.129   1.00 15.39 ? 106 ASP A O     1 
ATOM   700  C CB    . ASP A 1 106 ? -9.929  5.991   2.669   1.00 17.17 ? 106 ASP A CB    1 
ATOM   701  C CG    . ASP A 1 106 ? -10.791 7.224   2.875   1.00 19.88 ? 106 ASP A CG    1 
ATOM   702  O OD1   . ASP A 1 106 ? -10.702 7.862   3.944   1.00 20.25 ? 106 ASP A OD1   1 
ATOM   703  O OD2   . ASP A 1 106 ? -11.550 7.565   1.944   1.00 20.91 ? 106 ASP A OD2   1 
ATOM   704  N N     . THR A 1 107 ? -11.547 4.530   4.383   1.00 15.19 ? 107 THR A N     1 
ATOM   705  C CA    . THR A 1 107 ? -12.612 4.003   5.238   1.00 15.54 ? 107 THR A CA    1 
ATOM   706  C C     . THR A 1 107 ? -12.258 2.582   5.672   1.00 15.79 ? 107 THR A C     1 
ATOM   707  O O     . THR A 1 107 ? -12.733 2.102   6.704   1.00 16.31 ? 107 THR A O     1 
ATOM   708  C CB    . THR A 1 107 ? -13.981 3.957   4.511   1.00 17.35 ? 107 THR A CB    1 
ATOM   709  O OG1   . THR A 1 107 ? -13.944 2.976   3.466   1.00 16.91 ? 107 THR A OG1   1 
ATOM   710  C CG2   . THR A 1 107 ? -14.323 5.319   3.923   1.00 17.69 ? 107 THR A CG2   1 
ATOM   711  N N     . GLY A 1 108 ? -11.425 1.915   4.876   1.00 13.69 ? 108 GLY A N     1 
ATOM   712  C CA    . GLY A 1 108 ? -11.017 0.557   5.186   1.00 14.26 ? 108 GLY A CA    1 
ATOM   713  C C     . GLY A 1 108 ? -11.896 -0.514  4.555   1.00 16.04 ? 108 GLY A C     1 
ATOM   714  O O     . GLY A 1 108 ? -11.599 -1.702  4.648   1.00 15.25 ? 108 GLY A O     1 
ATOM   715  N N     . LEU A 1 109 ? -12.982 -0.098  3.912   1.00 17.04 ? 109 LEU A N     1 
ATOM   716  C CA    . LEU A 1 109 ? -13.900 -1.043  3.282   1.00 18.13 ? 109 LEU A CA    1 
ATOM   717  C C     . LEU A 1 109 ? -13.225 -1.942  2.245   1.00 17.72 ? 109 LEU A C     1 
ATOM   718  O O     . LEU A 1 109 ? -13.395 -3.162  2.266   1.00 17.67 ? 109 LEU A O     1 
ATOM   719  C CB    . LEU A 1 109 ? -15.064 -0.288  2.632   1.00 21.60 ? 109 LEU A CB    1 
ATOM   720  C CG    . LEU A 1 109 ? -15.953 0.500   3.603   1.00 26.15 ? 109 LEU A CG    1 
ATOM   721  C CD1   . LEU A 1 109 ? -16.978 1.315   2.829   1.00 28.18 ? 109 LEU A CD1   1 
ATOM   722  C CD2   . LEU A 1 109 ? -16.640 -0.463  4.560   1.00 28.47 ? 109 LEU A CD2   1 
ATOM   723  N N     . THR A 1 110 ? -12.457 -1.345  1.340   1.00 17.22 ? 110 THR A N     1 
ATOM   724  C CA    . THR A 1 110 ? -11.788 -2.129  0.306   1.00 19.04 ? 110 THR A CA    1 
ATOM   725  C C     . THR A 1 110 ? -10.830 -3.160  0.888   1.00 18.36 ? 110 THR A C     1 
ATOM   726  O O     . THR A 1 110 ? -10.872 -4.333  0.519   1.00 17.99 ? 110 THR A O     1 
ATOM   727  C CB    . THR A 1 110 ? -11.013 -1.229  -0.669  1.00 19.96 ? 110 THR A CB    1 
ATOM   728  O OG1   . THR A 1 110 ? -11.916 -0.292  -1.268  1.00 25.09 ? 110 THR A OG1   1 
ATOM   729  C CG2   . THR A 1 110 ? -10.380 -2.067  -1.770  1.00 24.34 ? 110 THR A CG2   1 
ATOM   730  N N     . LEU A 1 111 ? -9.961  -2.726  1.796   1.00 16.21 ? 111 LEU A N     1 
ATOM   731  C CA    . LEU A 1 111 ? -9.012  -3.644  2.405   1.00 17.39 ? 111 LEU A CA    1 
ATOM   732  C C     . LEU A 1 111 ? -9.748  -4.751  3.155   1.00 17.68 ? 111 LEU A C     1 
ATOM   733  O O     . LEU A 1 111 ? -9.328  -5.909  3.130   1.00 16.57 ? 111 LEU A O     1 
ATOM   734  C CB    . LEU A 1 111 ? -8.075  -2.890  3.357   1.00 17.40 ? 111 LEU A CB    1 
ATOM   735  C CG    . LEU A 1 111 ? -7.000  -3.718  4.070   1.00 17.71 ? 111 LEU A CG    1 
ATOM   736  C CD1   . LEU A 1 111 ? -6.161  -4.481  3.051   1.00 17.14 ? 111 LEU A CD1   1 
ATOM   737  C CD2   . LEU A 1 111 ? -6.119  -2.796  4.904   1.00 16.53 ? 111 LEU A CD2   1 
ATOM   738  N N     . SER A 1 112 ? -10.847 -4.395  3.818   1.00 18.36 ? 112 SER A N     1 
ATOM   739  C CA    . SER A 1 112 ? -11.633 -5.375  4.560   1.00 19.65 ? 112 SER A CA    1 
ATOM   740  C C     . SER A 1 112 ? -12.129 -6.476  3.621   1.00 19.17 ? 112 SER A C     1 
ATOM   741  O O     . SER A 1 112 ? -12.021 -7.664  3.927   1.00 18.20 ? 112 SER A O     1 
ATOM   742  C CB    . SER A 1 112 ? -12.827 -4.699  5.236   1.00 21.56 ? 112 SER A CB    1 
ATOM   743  O OG    . SER A 1 112 ? -13.551 -5.633  6.019   1.00 25.39 ? 112 SER A OG    1 
ATOM   744  N N     . TYR A 1 113 ? -12.671 -6.073  2.477   1.00 20.02 ? 113 TYR A N     1 
ATOM   745  C CA    . TYR A 1 113 ? -13.165 -7.029  1.494   1.00 21.71 ? 113 TYR A CA    1 
ATOM   746  C C     . TYR A 1 113 ? -12.012 -7.888  0.985   1.00 20.02 ? 113 TYR A C     1 
ATOM   747  O O     . TYR A 1 113 ? -12.125 -9.112  0.895   1.00 18.51 ? 113 TYR A O     1 
ATOM   748  C CB    . TYR A 1 113 ? -13.807 -6.301  0.311   1.00 27.48 ? 113 TYR A CB    1 
ATOM   749  C CG    . TYR A 1 113 ? -14.254 -7.229  -0.796  1.00 34.93 ? 113 TYR A CG    1 
ATOM   750  C CD1   . TYR A 1 113 ? -15.363 -8.059  -0.633  1.00 38.50 ? 113 TYR A CD1   1 
ATOM   751  C CD2   . TYR A 1 113 ? -13.550 -7.300  -1.999  1.00 39.04 ? 113 TYR A CD2   1 
ATOM   752  C CE1   . TYR A 1 113 ? -15.762 -8.936  -1.641  1.00 42.45 ? 113 TYR A CE1   1 
ATOM   753  C CE2   . TYR A 1 113 ? -13.940 -8.175  -3.014  1.00 42.30 ? 113 TYR A CE2   1 
ATOM   754  C CZ    . TYR A 1 113 ? -15.046 -8.989  -2.828  1.00 43.01 ? 113 TYR A CZ    1 
ATOM   755  O OH    . TYR A 1 113 ? -15.435 -9.854  -3.826  1.00 46.89 ? 113 TYR A OH    1 
ATOM   756  N N     . LEU A 1 114 ? -10.901 -7.239  0.652   1.00 18.76 ? 114 LEU A N     1 
ATOM   757  C CA    . LEU A 1 114 ? -9.735  -7.950  0.147   1.00 18.13 ? 114 LEU A CA    1 
ATOM   758  C C     . LEU A 1 114 ? -9.223  -8.991  1.136   1.00 18.03 ? 114 LEU A C     1 
ATOM   759  O O     . LEU A 1 114 ? -8.925  -10.121 0.749   1.00 17.13 ? 114 LEU A O     1 
ATOM   760  C CB    . LEU A 1 114 ? -8.615  -6.960  -0.194  1.00 17.90 ? 114 LEU A CB    1 
ATOM   761  C CG    . LEU A 1 114 ? -7.323  -7.572  -0.746  1.00 20.32 ? 114 LEU A CG    1 
ATOM   762  C CD1   . LEU A 1 114 ? -7.635  -8.369  -2.008  1.00 18.84 ? 114 LEU A CD1   1 
ATOM   763  C CD2   . LEU A 1 114 ? -6.310  -6.470  -1.045  1.00 19.37 ? 114 LEU A CD2   1 
ATOM   764  N N     . LEU A 1 115 ? -9.125  -8.621  2.411   1.00 16.13 ? 115 LEU A N     1 
ATOM   765  C CA    . LEU A 1 115 ? -8.639  -9.555  3.417   1.00 15.90 ? 115 LEU A CA    1 
ATOM   766  C C     . LEU A 1 115 ? -9.534  -10.784 3.544   1.00 18.22 ? 115 LEU A C     1 
ATOM   767  O O     . LEU A 1 115 ? -9.037  -11.896 3.694   1.00 19.03 ? 115 LEU A O     1 
ATOM   768  C CB    . LEU A 1 115 ? -8.495  -8.866  4.778   1.00 15.91 ? 115 LEU A CB    1 
ATOM   769  C CG    . LEU A 1 115 ? -7.369  -7.824  4.871   1.00 15.49 ? 115 LEU A CG    1 
ATOM   770  C CD1   . LEU A 1 115 ? -7.323  -7.232  6.264   1.00 17.13 ? 115 LEU A CD1   1 
ATOM   771  C CD2   . LEU A 1 115 ? -6.036  -8.478  4.536   1.00 13.82 ? 115 LEU A CD2   1 
ATOM   772  N N     . ASP A 1 116 ? -10.846 -10.589 3.492   1.00 20.30 ? 116 ASP A N     1 
ATOM   773  C CA    . ASP A 1 116 ? -11.761 -11.721 3.592   1.00 22.85 ? 116 ASP A CA    1 
ATOM   774  C C     . ASP A 1 116 ? -11.589 -12.625 2.375   1.00 22.86 ? 116 ASP A C     1 
ATOM   775  O O     . ASP A 1 116 ? -11.615 -13.852 2.491   1.00 21.47 ? 116 ASP A O     1 
ATOM   776  C CB    . ASP A 1 116 ? -13.215 -11.249 3.676   1.00 26.43 ? 116 ASP A CB    1 
ATOM   777  C CG    . ASP A 1 116 ? -13.531 -10.547 4.985   1.00 30.15 ? 116 ASP A CG    1 
ATOM   778  O OD1   . ASP A 1 116 ? -13.059 -11.013 6.043   1.00 31.26 ? 116 ASP A OD1   1 
ATOM   779  O OD2   . ASP A 1 116 ? -14.265 -9.536  4.957   1.00 34.04 ? 116 ASP A OD2   1 
ATOM   780  N N     . TYR A 1 117 ? -11.415 -12.012 1.209   1.00 22.10 ? 117 TYR A N     1 
ATOM   781  C CA    . TYR A 1 117 ? -11.232 -12.763 -0.028  1.00 23.60 ? 117 TYR A CA    1 
ATOM   782  C C     . TYR A 1 117 ? -9.986  -13.642 0.054   1.00 23.09 ? 117 TYR A C     1 
ATOM   783  O O     . TYR A 1 117 ? -10.031 -14.838 -0.253  1.00 23.42 ? 117 TYR A O     1 
ATOM   784  C CB    . TYR A 1 117 ? -11.103 -11.804 -1.212  1.00 25.66 ? 117 TYR A CB    1 
ATOM   785  C CG    . TYR A 1 117 ? -10.853 -12.497 -2.533  1.00 28.72 ? 117 TYR A CG    1 
ATOM   786  C CD1   . TYR A 1 117 ? -11.848 -13.265 -3.139  1.00 31.44 ? 117 TYR A CD1   1 
ATOM   787  C CD2   . TYR A 1 117 ? -9.619  -12.391 -3.175  1.00 30.09 ? 117 TYR A CD2   1 
ATOM   788  C CE1   . TYR A 1 117 ? -11.619 -13.912 -4.355  1.00 33.23 ? 117 TYR A CE1   1 
ATOM   789  C CE2   . TYR A 1 117 ? -9.378  -13.034 -4.390  1.00 31.61 ? 117 TYR A CE2   1 
ATOM   790  C CZ    . TYR A 1 117 ? -10.383 -13.791 -4.975  1.00 33.50 ? 117 TYR A CZ    1 
ATOM   791  O OH    . TYR A 1 117 ? -10.155 -14.426 -6.173  1.00 33.64 ? 117 TYR A OH    1 
ATOM   792  N N     . LEU A 1 118 ? -8.875  -13.042 0.470   1.00 20.92 ? 118 LEU A N     1 
ATOM   793  C CA    . LEU A 1 118 ? -7.613  -13.759 0.591   1.00 20.29 ? 118 LEU A CA    1 
ATOM   794  C C     . LEU A 1 118 ? -7.659  -14.852 1.657   1.00 20.05 ? 118 LEU A C     1 
ATOM   795  O O     . LEU A 1 118 ? -7.166  -15.963 1.444   1.00 18.93 ? 118 LEU A O     1 
ATOM   796  C CB    . LEU A 1 118 ? -6.482  -12.780 0.923   1.00 19.71 ? 118 LEU A CB    1 
ATOM   797  C CG    . LEU A 1 118 ? -6.206  -11.653 -0.079  1.00 19.76 ? 118 LEU A CG    1 
ATOM   798  C CD1   . LEU A 1 118 ? -5.059  -10.793 0.433   1.00 19.54 ? 118 LEU A CD1   1 
ATOM   799  C CD2   . LEU A 1 118 ? -5.860  -12.242 -1.444  1.00 21.43 ? 118 LEU A CD2   1 
ATOM   800  N N     . GLU A 1 119 ? -8.249  -14.540 2.807   1.00 19.92 ? 119 GLU A N     1 
ATOM   801  C CA    . GLU A 1 119 ? -8.327  -15.514 3.890   1.00 22.01 ? 119 GLU A CA    1 
ATOM   802  C C     . GLU A 1 119 ? -9.123  -16.752 3.491   1.00 21.17 ? 119 GLU A C     1 
ATOM   803  O O     . GLU A 1 119 ? -8.860  -17.849 3.985   1.00 21.95 ? 119 GLU A O     1 
ATOM   804  C CB    . GLU A 1 119 ? -8.948  -14.876 5.136   1.00 24.22 ? 119 GLU A CB    1 
ATOM   805  C CG    . GLU A 1 119 ? -8.058  -13.833 5.802   1.00 28.42 ? 119 GLU A CG    1 
ATOM   806  C CD    . GLU A 1 119 ? -6.771  -14.421 6.359   1.00 29.95 ? 119 GLU A CD    1 
ATOM   807  O OE1   . GLU A 1 119 ? -6.501  -15.619 6.122   1.00 31.48 ? 119 GLU A OE1   1 
ATOM   808  O OE2   . GLU A 1 119 ? -6.026  -13.682 7.036   1.00 32.55 ? 119 GLU A OE2   1 
ATOM   809  N N     . ALA A 1 120 ? -10.088 -16.570 2.596   1.00 21.16 ? 120 ALA A N     1 
ATOM   810  C CA    . ALA A 1 120 ? -10.923 -17.674 2.129   1.00 22.88 ? 120 ALA A CA    1 
ATOM   811  C C     . ALA A 1 120 ? -10.097 -18.765 1.445   1.00 23.86 ? 120 ALA A C     1 
ATOM   812  O O     . ALA A 1 120 ? -10.523 -19.920 1.379   1.00 23.88 ? 120 ALA A O     1 
ATOM   813  C CB    . ALA A 1 120 ? -11.987 -17.152 1.178   1.00 24.69 ? 120 ALA A CB    1 
ATOM   814  N N     . ARG A 1 121 ? -8.920  -18.402 0.939   1.00 22.37 ? 121 ARG A N     1 
ATOM   815  C CA    . ARG A 1 121 ? -8.059  -19.377 0.276   1.00 21.80 ? 121 ARG A CA    1 
ATOM   816  C C     . ARG A 1 121 ? -7.075  -20.021 1.242   1.00 21.41 ? 121 ARG A C     1 
ATOM   817  O O     . ARG A 1 121 ? -6.234  -20.831 0.850   1.00 20.95 ? 121 ARG A O     1 
ATOM   818  C CB    . ARG A 1 121 ? -7.315  -18.728 -0.889  1.00 20.10 ? 121 ARG A CB    1 
ATOM   819  C CG    . ARG A 1 121 ? -8.245  -18.305 -2.009  1.00 22.81 ? 121 ARG A CG    1 
ATOM   820  C CD    . ARG A 1 121 ? -7.481  -18.070 -3.286  1.00 24.89 ? 121 ARG A CD    1 
ATOM   821  N NE    . ARG A 1 121 ? -8.374  -17.766 -4.398  1.00 25.78 ? 121 ARG A NE    1 
ATOM   822  C CZ    . ARG A 1 121 ? -7.986  -17.709 -5.664  1.00 24.06 ? 121 ARG A CZ    1 
ATOM   823  N NH1   . ARG A 1 121 ? -6.721  -17.938 -5.976  1.00 23.51 ? 121 ARG A NH1   1 
ATOM   824  N NH2   . ARG A 1 121 ? -8.861  -17.416 -6.614  1.00 26.31 ? 121 ARG A NH2   1 
ATOM   825  N N     . LYS A 1 122 ? -7.187  -19.642 2.509   1.00 20.35 ? 122 LYS A N     1 
ATOM   826  C CA    . LYS A 1 122 ? -6.358  -20.195 3.569   1.00 21.60 ? 122 LYS A CA    1 
ATOM   827  C C     . LYS A 1 122 ? -4.845  -20.024 3.439   1.00 20.67 ? 122 LYS A C     1 
ATOM   828  O O     . LYS A 1 122 ? -4.101  -21.001 3.344   1.00 18.52 ? 122 LYS A O     1 
ATOM   829  C CB    . LYS A 1 122 ? -6.689  -21.679 3.748   1.00 24.23 ? 122 LYS A CB    1 
ATOM   830  C CG    . LYS A 1 122 ? -8.162  -21.945 3.998   1.00 26.77 ? 122 LYS A CG    1 
ATOM   831  C CD    . LYS A 1 122 ? -8.443  -23.433 4.124   1.00 29.96 ? 122 LYS A CD    1 
ATOM   832  C CE    . LYS A 1 122 ? -9.920  -23.687 4.365   1.00 31.70 ? 122 LYS A CE    1 
ATOM   833  N NZ    . LYS A 1 122 ? -10.752 -23.117 3.271   1.00 33.17 ? 122 LYS A NZ    1 
ATOM   834  N N     . PRO A 1 123 ? -4.370  -18.773 3.425   1.00 20.67 ? 123 PRO A N     1 
ATOM   835  C CA    . PRO A 1 123 ? -2.927  -18.549 3.319   1.00 19.83 ? 123 PRO A CA    1 
ATOM   836  C C     . PRO A 1 123 ? -2.315  -18.874 4.681   1.00 19.74 ? 123 PRO A C     1 
ATOM   837  O O     . PRO A 1 123 ? -3.036  -18.943 5.676   1.00 21.58 ? 123 PRO A O     1 
ATOM   838  C CB    . PRO A 1 123 ? -2.839  -17.063 2.975   1.00 20.20 ? 123 PRO A CB    1 
ATOM   839  C CG    . PRO A 1 123 ? -4.019  -16.492 3.681   1.00 21.75 ? 123 PRO A CG    1 
ATOM   840  C CD    . PRO A 1 123 ? -5.108  -17.499 3.380   1.00 20.76 ? 123 PRO A CD    1 
ATOM   841  N N     . ALA A 1 124 ? -1.006  -19.087 4.733   1.00 19.06 ? 124 ALA A N     1 
ATOM   842  C CA    . ALA A 1 124 ? -0.346  -19.393 6.002   1.00 20.08 ? 124 ALA A CA    1 
ATOM   843  C C     . ALA A 1 124 ? -0.483  -18.202 6.953   1.00 20.79 ? 124 ALA A C     1 
ATOM   844  O O     . ALA A 1 124 ? -0.584  -18.364 8.170   1.00 20.69 ? 124 ALA A O     1 
ATOM   845  C CB    . ALA A 1 124 ? 1.126   -19.712 5.764   1.00 20.92 ? 124 ALA A CB    1 
ATOM   846  N N     . SER A 1 125 ? -0.484  -17.001 6.384   1.00 18.66 ? 125 SER A N     1 
ATOM   847  C CA    . SER A 1 125 ? -0.622  -15.782 7.172   1.00 18.25 ? 125 SER A CA    1 
ATOM   848  C C     . SER A 1 125 ? -0.810  -14.604 6.232   1.00 17.84 ? 125 SER A C     1 
ATOM   849  O O     . SER A 1 125 ? -0.514  -14.696 5.042   1.00 14.80 ? 125 SER A O     1 
ATOM   850  C CB    . SER A 1 125 ? 0.621   -15.541 8.034   1.00 17.34 ? 125 SER A CB    1 
ATOM   851  O OG    . SER A 1 125 ? 1.746   -15.214 7.235   1.00 18.17 ? 125 SER A OG    1 
ATOM   852  N N     . VAL A 1 126 ? -1.315  -13.503 6.774   1.00 15.87 ? 126 VAL A N     1 
ATOM   853  C CA    . VAL A 1 126 ? -1.523  -12.300 5.986   1.00 15.48 ? 126 VAL A CA    1 
ATOM   854  C C     . VAL A 1 126 ? -1.211  -11.062 6.810   1.00 16.22 ? 126 VAL A C     1 
ATOM   855  O O     . VAL A 1 126 ? -1.720  -10.900 7.919   1.00 16.42 ? 126 VAL A O     1 
ATOM   856  C CB    . VAL A 1 126 ? -2.986  -12.161 5.495   1.00 15.22 ? 126 VAL A CB    1 
ATOM   857  C CG1   . VAL A 1 126 ? -3.133  -10.879 4.673   1.00 12.91 ? 126 VAL A CG1   1 
ATOM   858  C CG2   . VAL A 1 126 ? -3.389  -13.370 4.670   1.00 16.03 ? 126 VAL A CG2   1 
ATOM   859  N N     . ARG A 1 127 ? -0.352  -10.206 6.270   1.00 15.01 ? 127 ARG A N     1 
ATOM   860  C CA    . ARG A 1 127 ? -0.028  -8.946  6.917   1.00 14.97 ? 127 ARG A CA    1 
ATOM   861  C C     . ARG A 1 127 ? -0.247  -7.861  5.877   1.00 15.53 ? 127 ARG A C     1 
ATOM   862  O O     . ARG A 1 127 ? -0.277  -8.141  4.680   1.00 15.08 ? 127 ARG A O     1 
ATOM   863  C CB    . ARG A 1 127 ? 1.410   -8.930  7.438   1.00 14.84 ? 127 ARG A CB    1 
ATOM   864  C CG    . ARG A 1 127 ? 1.550   -9.684  8.757   1.00 15.26 ? 127 ARG A CG    1 
ATOM   865  C CD    . ARG A 1 127 ? 2.884   -9.439  9.441   1.00 18.42 ? 127 ARG A CD    1 
ATOM   866  N NE    . ARG A 1 127 ? 2.927   -10.125 10.730  1.00 20.18 ? 127 ARG A NE    1 
ATOM   867  C CZ    . ARG A 1 127 ? 3.961   -10.101 11.564  1.00 21.19 ? 127 ARG A CZ    1 
ATOM   868  N NH1   . ARG A 1 127 ? 5.057   -9.421  11.252  1.00 19.96 ? 127 ARG A NH1   1 
ATOM   869  N NH2   . ARG A 1 127 ? 3.898   -10.763 12.713  1.00 19.87 ? 127 ARG A NH2   1 
ATOM   870  N N     . VAL A 1 128 ? -0.407  -6.627  6.334   1.00 13.29 ? 128 VAL A N     1 
ATOM   871  C CA    . VAL A 1 128 ? -0.669  -5.521  5.427   1.00 14.64 ? 128 VAL A CA    1 
ATOM   872  C C     . VAL A 1 128 ? 0.373   -4.412  5.475   1.00 14.76 ? 128 VAL A C     1 
ATOM   873  O O     . VAL A 1 128 ? 0.796   -3.985  6.551   1.00 14.37 ? 128 VAL A O     1 
ATOM   874  C CB    . VAL A 1 128 ? -2.055  -4.895  5.733   1.00 14.10 ? 128 VAL A CB    1 
ATOM   875  C CG1   . VAL A 1 128 ? -2.299  -3.678  4.853   1.00 14.79 ? 128 VAL A CG1   1 
ATOM   876  C CG2   . VAL A 1 128 ? -3.147  -5.931  5.523   1.00 16.09 ? 128 VAL A CG2   1 
ATOM   877  N N     . ALA A 1 129 ? 0.788   -3.963  4.297   1.00 14.10 ? 129 ALA A N     1 
ATOM   878  C CA    . ALA A 1 129 ? 1.733   -2.859  4.175   1.00 14.73 ? 129 ALA A CA    1 
ATOM   879  C C     . ALA A 1 129 ? 0.967   -1.783  3.414   1.00 14.01 ? 129 ALA A C     1 
ATOM   880  O O     . ALA A 1 129 ? 0.397   -2.055  2.359   1.00 15.31 ? 129 ALA A O     1 
ATOM   881  C CB    . ALA A 1 129 ? 2.965   -3.288  3.390   1.00 15.29 ? 129 ALA A CB    1 
ATOM   882  N N     . ALA A 1 130 ? 0.938   -0.572  3.961   1.00 13.18 ? 130 ALA A N     1 
ATOM   883  C CA    . ALA A 1 130 ? 0.235   0.538   3.333   1.00 13.13 ? 130 ALA A CA    1 
ATOM   884  C C     . ALA A 1 130 ? 1.074   1.797   3.472   1.00 13.21 ? 130 ALA A C     1 
ATOM   885  O O     . ALA A 1 130 ? 1.634   2.055   4.533   1.00 13.37 ? 130 ALA A O     1 
ATOM   886  C CB    . ALA A 1 130 ? -1.126  0.744   3.999   1.00 13.22 ? 130 ALA A CB    1 
ATOM   887  N N     . LEU A 1 131 ? 1.171   2.582   2.406   1.00 11.44 ? 131 LEU A N     1 
ATOM   888  C CA    . LEU A 1 131 ? 1.963   3.803   2.479   1.00 12.98 ? 131 LEU A CA    1 
ATOM   889  C C     . LEU A 1 131 ? 1.318   4.823   3.413   1.00 12.83 ? 131 LEU A C     1 
ATOM   890  O O     . LEU A 1 131 ? 2.002   5.433   4.232   1.00 12.40 ? 131 LEU A O     1 
ATOM   891  C CB    . LEU A 1 131 ? 2.129   4.433   1.095   1.00 13.56 ? 131 LEU A CB    1 
ATOM   892  C CG    . LEU A 1 131 ? 2.989   5.704   1.079   1.00 14.10 ? 131 LEU A CG    1 
ATOM   893  C CD1   . LEU A 1 131 ? 4.438   5.360   1.442   1.00 14.76 ? 131 LEU A CD1   1 
ATOM   894  C CD2   . LEU A 1 131 ? 2.925   6.341   -0.293  1.00 18.56 ? 131 LEU A CD2   1 
ATOM   895  N N     . LEU A 1 132 ? 0.001   4.985   3.302   1.00 12.42 ? 132 LEU A N     1 
ATOM   896  C CA    . LEU A 1 132 ? -0.720  5.964   4.110   1.00 13.04 ? 132 LEU A CA    1 
ATOM   897  C C     . LEU A 1 132 ? -1.994  5.427   4.749   1.00 14.84 ? 132 LEU A C     1 
ATOM   898  O O     . LEU A 1 132 ? -2.521  4.390   4.349   1.00 14.25 ? 132 LEU A O     1 
ATOM   899  C CB    . LEU A 1 132 ? -1.102  7.164   3.241   1.00 14.57 ? 132 LEU A CB    1 
ATOM   900  C CG    . LEU A 1 132 ? -0.007  7.854   2.423   1.00 16.57 ? 132 LEU A CG    1 
ATOM   901  C CD1   . LEU A 1 132 ? -0.654  8.760   1.383   1.00 14.58 ? 132 LEU A CD1   1 
ATOM   902  C CD2   . LEU A 1 132 ? 0.911   8.643   3.342   1.00 17.26 ? 132 LEU A CD2   1 
ATOM   903  N N     . SER A 1 133 ? -2.488  6.159   5.742   1.00 13.48 ? 133 SER A N     1 
ATOM   904  C CA    . SER A 1 133 ? -3.721  5.798   6.426   1.00 13.66 ? 133 SER A CA    1 
ATOM   905  C C     . SER A 1 133 ? -4.357  7.049   7.021   1.00 15.16 ? 133 SER A C     1 
ATOM   906  O O     . SER A 1 133 ? -3.670  7.870   7.634   1.00 14.91 ? 133 SER A O     1 
ATOM   907  C CB    . SER A 1 133 ? -3.457  4.784   7.540   1.00 13.75 ? 133 SER A CB    1 
ATOM   908  O OG    . SER A 1 133 ? -4.672  4.455   8.206   1.00 14.08 ? 133 SER A OG    1 
ATOM   909  N N     . LYS A 1 134 ? -5.666  7.186   6.817   1.00 13.55 ? 134 LYS A N     1 
ATOM   910  C CA    . LYS A 1 134 ? -6.447  8.314   7.331   1.00 15.68 ? 134 LYS A CA    1 
ATOM   911  C C     . LYS A 1 134 ? -7.447  7.721   8.325   1.00 14.74 ? 134 LYS A C     1 
ATOM   912  O O     . LYS A 1 134 ? -8.636  7.584   8.026   1.00 14.89 ? 134 LYS A O     1 
ATOM   913  C CB    . LYS A 1 134 ? -7.190  9.007   6.180   1.00 17.34 ? 134 LYS A CB    1 
ATOM   914  C CG    . LYS A 1 134 ? -6.263  9.624   5.135   1.00 19.55 ? 134 LYS A CG    1 
ATOM   915  C CD    . LYS A 1 134 ? -7.017  10.370  4.039   1.00 19.83 ? 134 LYS A CD    1 
ATOM   916  C CE    . LYS A 1 134 ? -7.831  9.428   3.162   1.00 22.66 ? 134 LYS A CE    1 
ATOM   917  N NZ    . LYS A 1 134 ? -8.448  10.141  2.006   1.00 21.93 ? 134 LYS A NZ    1 
ATOM   918  N N     . PRO A 1 135 ? -6.971  7.366   9.527   1.00 15.01 ? 135 PRO A N     1 
ATOM   919  C CA    . PRO A 1 135 ? -7.795  6.771   10.582  1.00 15.45 ? 135 PRO A CA    1 
ATOM   920  C C     . PRO A 1 135 ? -9.067  7.506   11.000  1.00 16.59 ? 135 PRO A C     1 
ATOM   921  O O     . PRO A 1 135 ? -10.014 6.871   11.462  1.00 17.25 ? 135 PRO A O     1 
ATOM   922  C CB    . PRO A 1 135 ? -6.802  6.591   11.734  1.00 15.47 ? 135 PRO A CB    1 
ATOM   923  C CG    . PRO A 1 135 ? -5.825  7.700   11.516  1.00 15.51 ? 135 PRO A CG    1 
ATOM   924  C CD    . PRO A 1 135 ? -5.610  7.643   10.025  1.00 16.17 ? 135 PRO A CD    1 
ATOM   925  N N     . SER A 1 136 ? -9.107  8.825   10.841  1.00 16.28 ? 136 SER A N     1 
ATOM   926  C CA    . SER A 1 136 ? -10.305 9.564   11.228  1.00 17.70 ? 136 SER A CA    1 
ATOM   927  C C     . SER A 1 136 ? -11.464 9.223   10.296  1.00 19.08 ? 136 SER A C     1 
ATOM   928  O O     . SER A 1 136 ? -12.615 9.541   10.584  1.00 18.59 ? 136 SER A O     1 
ATOM   929  C CB    . SER A 1 136 ? -10.042 11.078  11.218  1.00 18.65 ? 136 SER A CB    1 
ATOM   930  O OG    . SER A 1 136 ? -9.763  11.570  9.920   1.00 18.25 ? 136 SER A OG    1 
ATOM   931  N N     . ARG A 1 137 ? -11.151 8.554   9.187   1.00 18.43 ? 137 ARG A N     1 
ATOM   932  C CA    . ARG A 1 137 ? -12.154 8.165   8.198   1.00 17.86 ? 137 ARG A CA    1 
ATOM   933  C C     . ARG A 1 137 ? -12.543 6.688   8.298   1.00 17.98 ? 137 ARG A C     1 
ATOM   934  O O     . ARG A 1 137 ? -13.468 6.237   7.622   1.00 18.30 ? 137 ARG A O     1 
ATOM   935  C CB    . ARG A 1 137 ? -11.618 8.444   6.790   1.00 16.67 ? 137 ARG A CB    1 
ATOM   936  C CG    . ARG A 1 137 ? -11.519 9.915   6.428   1.00 20.13 ? 137 ARG A CG    1 
ATOM   937  C CD    . ARG A 1 137 ? -12.766 10.365  5.684   1.00 22.58 ? 137 ARG A CD    1 
ATOM   938  N NE    . ARG A 1 137 ? -12.897 9.656   4.414   1.00 24.01 ? 137 ARG A NE    1 
ATOM   939  C CZ    . ARG A 1 137 ? -13.955 9.735   3.613   1.00 26.82 ? 137 ARG A CZ    1 
ATOM   940  N NH1   . ARG A 1 137 ? -14.986 10.497  3.948   1.00 27.05 ? 137 ARG A NH1   1 
ATOM   941  N NH2   . ARG A 1 137 ? -13.982 9.044   2.479   1.00 25.66 ? 137 ARG A NH2   1 
ATOM   942  N N     . ARG A 1 138 ? -11.846 5.947   9.153   1.00 17.70 ? 138 ARG A N     1 
ATOM   943  C CA    . ARG A 1 138 ? -12.070 4.514   9.317   1.00 18.88 ? 138 ARG A CA    1 
ATOM   944  C C     . ARG A 1 138 ? -13.500 4.121   9.701   1.00 22.57 ? 138 ARG A C     1 
ATOM   945  O O     . ARG A 1 138 ? -14.031 4.568   10.721  1.00 21.87 ? 138 ARG A O     1 
ATOM   946  C CB    . ARG A 1 138 ? -11.075 3.966   10.349  1.00 17.87 ? 138 ARG A CB    1 
ATOM   947  C CG    . ARG A 1 138 ? -10.781 2.469   10.256  1.00 18.40 ? 138 ARG A CG    1 
ATOM   948  C CD    . ARG A 1 138 ? -10.360 2.059   8.841   1.00 18.05 ? 138 ARG A CD    1 
ATOM   949  N NE    . ARG A 1 138 ? -9.523  3.065   8.191   1.00 18.33 ? 138 ARG A NE    1 
ATOM   950  C CZ    . ARG A 1 138 ? -8.262  3.334   8.516   1.00 16.39 ? 138 ARG A CZ    1 
ATOM   951  N NH1   . ARG A 1 138 ? -7.660  2.663   9.489   1.00 16.67 ? 138 ARG A NH1   1 
ATOM   952  N NH2   . ARG A 1 138 ? -7.611  4.301   7.881   1.00 15.29 ? 138 ARG A NH2   1 
ATOM   953  N N     . GLN A 1 139 ? -14.114 3.279   8.871   1.00 21.53 ? 139 GLN A N     1 
ATOM   954  C CA    . GLN A 1 139 ? -15.474 2.804   9.114   1.00 24.12 ? 139 GLN A CA    1 
ATOM   955  C C     . GLN A 1 139 ? -15.459 1.338   9.538   1.00 23.54 ? 139 GLN A C     1 
ATOM   956  O O     . GLN A 1 139 ? -16.388 0.856   10.186  1.00 24.04 ? 139 GLN A O     1 
ATOM   957  C CB    . GLN A 1 139 ? -16.334 2.977   7.862   1.00 25.41 ? 139 GLN A CB    1 
ATOM   958  C CG    . GLN A 1 139 ? -16.457 4.419   7.409   1.00 30.95 ? 139 GLN A CG    1 
ATOM   959  C CD    . GLN A 1 139 ? -17.481 4.597   6.310   1.00 35.20 ? 139 GLN A CD    1 
ATOM   960  O OE1   . GLN A 1 139 ? -17.427 3.927   5.281   1.00 40.08 ? 139 GLN A OE1   1 
ATOM   961  N NE2   . GLN A 1 139 ? -18.423 5.511   6.522   1.00 38.25 ? 139 GLN A NE2   1 
ATOM   962  N N     . VAL A 1 140 ? -14.405 0.630   9.152   1.00 20.92 ? 140 VAL A N     1 
ATOM   963  C CA    . VAL A 1 140 ? -14.244 -0.770  9.518   1.00 21.79 ? 140 VAL A CA    1 
ATOM   964  C C     . VAL A 1 140 ? -12.793 -0.953  9.940   1.00 21.84 ? 140 VAL A C     1 
ATOM   965  O O     . VAL A 1 140 ? -11.875 -0.501  9.256   1.00 19.77 ? 140 VAL A O     1 
ATOM   966  C CB    . VAL A 1 140 ? -14.583 -1.718  8.341   1.00 22.74 ? 140 VAL A CB    1 
ATOM   967  C CG1   . VAL A 1 140 ? -13.746 -1.377  7.126   1.00 23.65 ? 140 VAL A CG1   1 
ATOM   968  C CG2   . VAL A 1 140 ? -14.355 -3.163  8.761   1.00 24.88 ? 140 VAL A CG2   1 
ATOM   969  N N     . GLU A 1 141 ? -12.585 -1.600  11.079  1.00 21.52 ? 141 GLU A N     1 
ATOM   970  C CA    . GLU A 1 141 ? -11.236 -1.797  11.580  1.00 22.35 ? 141 GLU A CA    1 
ATOM   971  C C     . GLU A 1 141 ? -10.469 -2.847  10.789  1.00 21.00 ? 141 GLU A C     1 
ATOM   972  O O     . GLU A 1 141 ? -10.853 -4.012  10.739  1.00 20.41 ? 141 GLU A O     1 
ATOM   973  C CB    . GLU A 1 141 ? -11.278 -2.178  13.062  1.00 25.51 ? 141 GLU A CB    1 
ATOM   974  C CG    . GLU A 1 141 ? -9.922  -2.155  13.757  1.00 28.99 ? 141 GLU A CG    1 
ATOM   975  C CD    . GLU A 1 141 ? -9.163  -0.857  13.525  1.00 29.77 ? 141 GLU A CD    1 
ATOM   976  O OE1   . GLU A 1 141 ? -9.770  0.229   13.641  1.00 32.64 ? 141 GLU A OE1   1 
ATOM   977  O OE2   . GLU A 1 141 ? -7.953  -0.924  13.232  1.00 32.99 ? 141 GLU A OE2   1 
ATOM   978  N N     . VAL A 1 142 ? -9.384  -2.412  10.158  1.00 18.58 ? 142 VAL A N     1 
ATOM   979  C CA    . VAL A 1 142 ? -8.533  -3.300  9.384   1.00 17.43 ? 142 VAL A CA    1 
ATOM   980  C C     . VAL A 1 142 ? -7.103  -3.109  9.876   1.00 18.09 ? 142 VAL A C     1 
ATOM   981  O O     . VAL A 1 142 ? -6.708  -2.011  10.266  1.00 16.70 ? 142 VAL A O     1 
ATOM   982  C CB    . VAL A 1 142 ? -8.604  -2.992  7.871   1.00 17.13 ? 142 VAL A CB    1 
ATOM   983  C CG1   . VAL A 1 142 ? -9.985  -3.342  7.337   1.00 19.04 ? 142 VAL A CG1   1 
ATOM   984  C CG2   . VAL A 1 142 ? -8.303  -1.525  7.617   1.00 18.00 ? 142 VAL A CG2   1 
ATOM   985  N N     . PRO A 1 143 ? -6.306  -4.182  9.866   1.00 17.97 ? 143 PRO A N     1 
ATOM   986  C CA    . PRO A 1 143 ? -4.923  -4.094  10.324  1.00 19.33 ? 143 PRO A CA    1 
ATOM   987  C C     . PRO A 1 143 ? -3.949  -3.543  9.290   1.00 19.38 ? 143 PRO A C     1 
ATOM   988  O O     . PRO A 1 143 ? -4.137  -3.709  8.083   1.00 19.72 ? 143 PRO A O     1 
ATOM   989  C CB    . PRO A 1 143 ? -4.603  -5.538  10.677  1.00 21.02 ? 143 PRO A CB    1 
ATOM   990  C CG    . PRO A 1 143 ? -5.315  -6.276  9.579   1.00 19.27 ? 143 PRO A CG    1 
ATOM   991  C CD    . PRO A 1 143 ? -6.657  -5.571  9.518   1.00 20.34 ? 143 PRO A CD    1 
ATOM   992  N N     . ILE A 1 144 ? -2.919  -2.865  9.782   1.00 17.88 ? 144 ILE A N     1 
ATOM   993  C CA    . ILE A 1 144 ? -1.858  -2.337  8.941   1.00 16.71 ? 144 ILE A CA    1 
ATOM   994  C C     . ILE A 1 144 ? -0.607  -2.581  9.771   1.00 17.73 ? 144 ILE A C     1 
ATOM   995  O O     . ILE A 1 144 ? -0.325  -1.853  10.726  1.00 17.33 ? 144 ILE A O     1 
ATOM   996  C CB    . ILE A 1 144 ? -1.995  -0.827  8.659   1.00 16.77 ? 144 ILE A CB    1 
ATOM   997  C CG1   . ILE A 1 144 ? -3.342  -0.527  8.001   1.00 16.57 ? 144 ILE A CG1   1 
ATOM   998  C CG2   . ILE A 1 144 ? -0.869  -0.384  7.721   1.00 14.75 ? 144 ILE A CG2   1 
ATOM   999  C CD1   . ILE A 1 144 ? -3.538  0.945   7.660   1.00 16.58 ? 144 ILE A CD1   1 
ATOM   1000 N N     . HIS A 1 145 ? 0.129   -3.626  9.415   1.00 15.09 ? 145 HIS A N     1 
ATOM   1001 C CA    . HIS A 1 145 ? 1.333   -3.997  10.144  1.00 17.44 ? 145 HIS A CA    1 
ATOM   1002 C C     . HIS A 1 145 ? 2.539   -3.152  9.773   1.00 17.28 ? 145 HIS A C     1 
ATOM   1003 O O     . HIS A 1 145 ? 3.440   -2.948  10.588  1.00 17.54 ? 145 HIS A O     1 
ATOM   1004 C CB    . HIS A 1 145 ? 1.633   -5.475  9.903   1.00 17.45 ? 145 HIS A CB    1 
ATOM   1005 C CG    . HIS A 1 145 ? 0.463   -6.369  10.168  1.00 18.49 ? 145 HIS A CG    1 
ATOM   1006 N ND1   . HIS A 1 145 ? -0.604  -6.471  9.303   1.00 19.24 ? 145 HIS A ND1   1 
ATOM   1007 C CD2   . HIS A 1 145 ? 0.163   -7.152  11.233  1.00 19.80 ? 145 HIS A CD2   1 
ATOM   1008 C CE1   . HIS A 1 145 ? -1.513  -7.278  9.822   1.00 20.10 ? 145 HIS A CE1   1 
ATOM   1009 N NE2   . HIS A 1 145 ? -1.073  -7.702  10.992  1.00 18.70 ? 145 HIS A NE2   1 
ATOM   1010 N N     . TYR A 1 146 ? 2.553   -2.666  8.538   1.00 15.58 ? 146 TYR A N     1 
ATOM   1011 C CA    . TYR A 1 146 ? 3.649   -1.844  8.046   1.00 15.90 ? 146 TYR A CA    1 
ATOM   1012 C C     . TYR A 1 146 ? 3.061   -0.589  7.412   1.00 16.41 ? 146 TYR A C     1 
ATOM   1013 O O     . TYR A 1 146 ? 2.676   -0.582  6.241   1.00 15.96 ? 146 TYR A O     1 
ATOM   1014 C CB    . TYR A 1 146 ? 4.462   -2.642  7.029   1.00 17.24 ? 146 TYR A CB    1 
ATOM   1015 C CG    . TYR A 1 146 ? 4.944   -3.955  7.592   1.00 17.21 ? 146 TYR A CG    1 
ATOM   1016 C CD1   . TYR A 1 146 ? 5.975   -3.998  8.532   1.00 16.91 ? 146 TYR A CD1   1 
ATOM   1017 C CD2   . TYR A 1 146 ? 4.335   -5.154  7.226   1.00 16.34 ? 146 TYR A CD2   1 
ATOM   1018 C CE1   . TYR A 1 146 ? 6.385   -5.206  9.095   1.00 17.61 ? 146 TYR A CE1   1 
ATOM   1019 C CE2   . TYR A 1 146 ? 4.735   -6.363  7.781   1.00 15.77 ? 146 TYR A CE2   1 
ATOM   1020 C CZ    . TYR A 1 146 ? 5.759   -6.383  8.714   1.00 16.61 ? 146 TYR A CZ    1 
ATOM   1021 O OH    . TYR A 1 146 ? 6.149   -7.579  9.261   1.00 16.87 ? 146 TYR A OH    1 
ATOM   1022 N N     . LEU A 1 147 ? 2.994   0.473   8.205   1.00 15.90 ? 147 LEU A N     1 
ATOM   1023 C CA    . LEU A 1 147 ? 2.430   1.733   7.751   1.00 15.97 ? 147 LEU A CA    1 
ATOM   1024 C C     . LEU A 1 147 ? 3.491   2.788   7.500   1.00 14.89 ? 147 LEU A C     1 
ATOM   1025 O O     . LEU A 1 147 ? 4.372   3.009   8.328   1.00 14.67 ? 147 LEU A O     1 
ATOM   1026 C CB    . LEU A 1 147 ? 1.436   2.260   8.788   1.00 14.30 ? 147 LEU A CB    1 
ATOM   1027 C CG    . LEU A 1 147 ? 0.825   3.629   8.486   1.00 15.28 ? 147 LEU A CG    1 
ATOM   1028 C CD1   . LEU A 1 147 ? 0.011   3.558   7.199   1.00 12.44 ? 147 LEU A CD1   1 
ATOM   1029 C CD2   . LEU A 1 147 ? -0.048  4.072   9.659   1.00 15.89 ? 147 LEU A CD2   1 
ATOM   1030 N N     . GLY A 1 148 ? 3.400   3.444   6.351   1.00 13.68 ? 148 GLY A N     1 
ATOM   1031 C CA    . GLY A 1 148 ? 4.360   4.483   6.043   1.00 15.20 ? 148 GLY A CA    1 
ATOM   1032 C C     . GLY A 1 148 ? 4.089   5.712   6.891   1.00 15.03 ? 148 GLY A C     1 
ATOM   1033 O O     . GLY A 1 148 ? 4.908   6.095   7.731   1.00 13.59 ? 148 GLY A O     1 
ATOM   1034 N N     . PHE A 1 149 ? 2.922   6.316   6.693   1.00 15.24 ? 149 PHE A N     1 
ATOM   1035 C CA    . PHE A 1 149 ? 2.563   7.531   7.420   1.00 15.90 ? 149 PHE A CA    1 
ATOM   1036 C C     . PHE A 1 149 ? 1.084   7.607   7.784   1.00 15.63 ? 149 PHE A C     1 
ATOM   1037 O O     . PHE A 1 149 ? 0.217   7.275   6.971   1.00 15.05 ? 149 PHE A O     1 
ATOM   1038 C CB    . PHE A 1 149 ? 2.878   8.761   6.558   1.00 15.83 ? 149 PHE A CB    1 
ATOM   1039 C CG    . PHE A 1 149 ? 4.289   8.818   6.052   1.00 17.20 ? 149 PHE A CG    1 
ATOM   1040 C CD1   . PHE A 1 149 ? 5.289   9.436   6.800   1.00 19.23 ? 149 PHE A CD1   1 
ATOM   1041 C CD2   . PHE A 1 149 ? 4.617   8.267   4.816   1.00 17.43 ? 149 PHE A CD2   1 
ATOM   1042 C CE1   . PHE A 1 149 ? 6.600   9.506   6.318   1.00 20.33 ? 149 PHE A CE1   1 
ATOM   1043 C CE2   . PHE A 1 149 ? 5.921   8.332   4.328   1.00 17.45 ? 149 PHE A CE2   1 
ATOM   1044 C CZ    . PHE A 1 149 ? 6.913   8.953   5.079   1.00 18.46 ? 149 PHE A CZ    1 
ATOM   1045 N N     . GLU A 1 150 ? 0.794   8.053   9.001   1.00 14.52 ? 150 GLU A N     1 
ATOM   1046 C CA    . GLU A 1 150 ? -0.593  8.241   9.402   1.00 14.74 ? 150 GLU A CA    1 
ATOM   1047 C C     . GLU A 1 150 ? -0.845  9.720   9.126   1.00 16.33 ? 150 GLU A C     1 
ATOM   1048 O O     . GLU A 1 150 ? -0.062  10.572  9.548   1.00 17.39 ? 150 GLU A O     1 
ATOM   1049 C CB    . GLU A 1 150 ? -0.791  7.945   10.887  1.00 13.91 ? 150 GLU A CB    1 
ATOM   1050 C CG    . GLU A 1 150 ? -2.202  8.238   11.362  1.00 14.67 ? 150 GLU A CG    1 
ATOM   1051 C CD    . GLU A 1 150 ? -2.399  7.912   12.822  1.00 14.47 ? 150 GLU A CD    1 
ATOM   1052 O OE1   . GLU A 1 150 ? -2.567  6.719   13.151  1.00 16.04 ? 150 GLU A OE1   1 
ATOM   1053 O OE2   . GLU A 1 150 ? -2.369  8.854   13.642  1.00 16.27 ? 150 GLU A OE2   1 
ATOM   1054 N N     . ILE A 1 151 ? -1.923  10.028  8.416   1.00 14.74 ? 151 ILE A N     1 
ATOM   1055 C CA    . ILE A 1 151 ? -2.213  11.418  8.080   1.00 16.42 ? 151 ILE A CA    1 
ATOM   1056 C C     . ILE A 1 151 ? -3.623  11.871  8.430   1.00 18.20 ? 151 ILE A C     1 
ATOM   1057 O O     . ILE A 1 151 ? -4.506  11.057  8.705   1.00 17.25 ? 151 ILE A O     1 
ATOM   1058 C CB    . ILE A 1 151 ? -2.000  11.681  6.569   1.00 16.27 ? 151 ILE A CB    1 
ATOM   1059 C CG1   . ILE A 1 151 ? -2.986  10.839  5.751   1.00 18.79 ? 151 ILE A CG1   1 
ATOM   1060 C CG2   . ILE A 1 151 ? -0.568  11.338  6.178   1.00 18.04 ? 151 ILE A CG2   1 
ATOM   1061 C CD1   . ILE A 1 151 ? -3.001  11.156  4.261   1.00 18.46 ? 151 ILE A CD1   1 
ATOM   1062 N N     . GLU A 1 152 ? -3.817  13.187  8.417   1.00 20.00 ? 152 GLU A N     1 
ATOM   1063 C CA    . GLU A 1 152 ? -5.116  13.773  8.700   1.00 21.52 ? 152 GLU A CA    1 
ATOM   1064 C C     . GLU A 1 152 ? -6.008  13.536  7.486   1.00 22.98 ? 152 GLU A C     1 
ATOM   1065 O O     . GLU A 1 152 ? -5.533  13.129  6.422   1.00 21.82 ? 152 GLU A O     1 
ATOM   1066 C CB    . GLU A 1 152 ? -4.983  15.277  8.951   1.00 25.12 ? 152 GLU A CB    1 
ATOM   1067 C CG    . GLU A 1 152 ? -4.439  16.057  7.764   1.00 27.84 ? 152 GLU A CG    1 
ATOM   1068 C CD    . GLU A 1 152 ? -4.420  17.558  8.003   1.00 31.29 ? 152 GLU A CD    1 
ATOM   1069 O OE1   . GLU A 1 152 ? -5.510  18.150  8.162   1.00 32.71 ? 152 GLU A OE1   1 
ATOM   1070 O OE2   . GLU A 1 152 ? -3.318  18.143  8.033   1.00 31.51 ? 152 GLU A OE2   1 
ATOM   1071 N N     . ASP A 1 153 ? -7.297  13.803  7.651   1.00 21.16 ? 153 ASP A N     1 
ATOM   1072 C CA    . ASP A 1 153 ? -8.266  13.623  6.579   1.00 23.22 ? 153 ASP A CA    1 
ATOM   1073 C C     . ASP A 1 153 ? -8.064  14.649  5.466   1.00 22.87 ? 153 ASP A C     1 
ATOM   1074 O O     . ASP A 1 153 ? -8.309  15.841  5.650   1.00 25.53 ? 153 ASP A O     1 
ATOM   1075 C CB    . ASP A 1 153 ? -9.681  13.728  7.154   1.00 25.51 ? 153 ASP A CB    1 
ATOM   1076 C CG    . ASP A 1 153 ? -10.758 13.582  6.100   1.00 27.60 ? 153 ASP A CG    1 
ATOM   1077 O OD1   . ASP A 1 153 ? -10.476 13.031  5.017   1.00 30.14 ? 153 ASP A OD1   1 
ATOM   1078 O OD2   . ASP A 1 153 ? -11.901 14.006  6.368   1.00 29.44 ? 153 ASP A OD2   1 
ATOM   1079 N N     . ALA A 1 154 ? -7.607  14.173  4.311   1.00 20.93 ? 154 ALA A N     1 
ATOM   1080 C CA    . ALA A 1 154 ? -7.376  15.027  3.152   1.00 19.38 ? 154 ALA A CA    1 
ATOM   1081 C C     . ALA A 1 154 ? -7.230  14.155  1.909   1.00 20.14 ? 154 ALA A C     1 
ATOM   1082 O O     . ALA A 1 154 ? -6.844  12.989  2.012   1.00 20.77 ? 154 ALA A O     1 
ATOM   1083 C CB    . ALA A 1 154 ? -6.110  15.857  3.355   1.00 21.31 ? 154 ALA A CB    1 
ATOM   1084 N N     . TYR A 1 155 ? -7.555  14.701  0.740   1.00 18.11 ? 155 TYR A N     1 
ATOM   1085 C CA    . TYR A 1 155 ? -7.403  13.925  -0.484  1.00 18.76 ? 155 TYR A CA    1 
ATOM   1086 C C     . TYR A 1 155 ? -5.974  14.114  -0.961  1.00 18.94 ? 155 TYR A C     1 
ATOM   1087 O O     . TYR A 1 155 ? -5.578  15.220  -1.340  1.00 19.31 ? 155 TYR A O     1 
ATOM   1088 C CB    . TYR A 1 155 ? -8.350  14.388  -1.591  1.00 19.52 ? 155 TYR A CB    1 
ATOM   1089 C CG    . TYR A 1 155 ? -8.304  13.451  -2.781  1.00 20.22 ? 155 TYR A CG    1 
ATOM   1090 C CD1   . TYR A 1 155 ? -9.025  12.260  -2.774  1.00 20.20 ? 155 TYR A CD1   1 
ATOM   1091 C CD2   . TYR A 1 155 ? -7.464  13.706  -3.867  1.00 20.24 ? 155 TYR A CD2   1 
ATOM   1092 C CE1   . TYR A 1 155 ? -8.909  11.338  -3.807  1.00 21.96 ? 155 TYR A CE1   1 
ATOM   1093 C CE2   . TYR A 1 155 ? -7.338  12.787  -4.911  1.00 20.41 ? 155 TYR A CE2   1 
ATOM   1094 C CZ    . TYR A 1 155 ? -8.063  11.604  -4.870  1.00 22.08 ? 155 TYR A CZ    1 
ATOM   1095 O OH    . TYR A 1 155 ? -7.924  10.664  -5.867  1.00 19.95 ? 155 TYR A OH    1 
ATOM   1096 N N     . VAL A 1 156 ? -5.202  13.035  -0.938  1.00 17.88 ? 156 VAL A N     1 
ATOM   1097 C CA    . VAL A 1 156 ? -3.812  13.087  -1.356  1.00 15.99 ? 156 VAL A CA    1 
ATOM   1098 C C     . VAL A 1 156 ? -3.612  12.478  -2.741  1.00 16.65 ? 156 VAL A C     1 
ATOM   1099 O O     . VAL A 1 156 ? -4.460  11.740  -3.243  1.00 14.58 ? 156 VAL A O     1 
ATOM   1100 C CB    . VAL A 1 156 ? -2.902  12.340  -0.350  1.00 18.06 ? 156 VAL A CB    1 
ATOM   1101 C CG1   . VAL A 1 156 ? -3.009  12.984  1.030   1.00 18.09 ? 156 VAL A CG1   1 
ATOM   1102 C CG2   . VAL A 1 156 ? -3.298  10.867  -0.276  1.00 18.39 ? 156 VAL A CG2   1 
ATOM   1103 N N     . TYR A 1 157 ? -2.483  12.797  -3.360  1.00 15.31 ? 157 TYR A N     1 
ATOM   1104 C CA    . TYR A 1 157 ? -2.168  12.253  -4.669  1.00 14.72 ? 157 TYR A CA    1 
ATOM   1105 C C     . TYR A 1 157 ? -0.667  12.326  -4.906  1.00 14.41 ? 157 TYR A C     1 
ATOM   1106 O O     . TYR A 1 157 ? 0.059   12.966  -4.143  1.00 14.72 ? 157 TYR A O     1 
ATOM   1107 C CB    . TYR A 1 157 ? -2.957  12.986  -5.768  1.00 15.92 ? 157 TYR A CB    1 
ATOM   1108 C CG    . TYR A 1 157 ? -2.690  14.470  -5.879  1.00 17.49 ? 157 TYR A CG    1 
ATOM   1109 C CD1   . TYR A 1 157 ? -1.741  14.962  -6.774  1.00 18.32 ? 157 TYR A CD1   1 
ATOM   1110 C CD2   . TYR A 1 157 ? -3.398  15.385  -5.098  1.00 19.88 ? 157 TYR A CD2   1 
ATOM   1111 C CE1   . TYR A 1 157 ? -1.506  16.334  -6.891  1.00 18.45 ? 157 TYR A CE1   1 
ATOM   1112 C CE2   . TYR A 1 157 ? -3.167  16.756  -5.204  1.00 19.50 ? 157 TYR A CE2   1 
ATOM   1113 C CZ    . TYR A 1 157 ? -2.221  17.223  -6.103  1.00 19.90 ? 157 TYR A CZ    1 
ATOM   1114 O OH    . TYR A 1 157 ? -1.988  18.577  -6.205  1.00 18.38 ? 157 TYR A OH    1 
ATOM   1115 N N     . GLY A 1 158 ? -0.211  11.644  -5.952  1.00 13.49 ? 158 GLY A N     1 
ATOM   1116 C CA    . GLY A 1 158 ? 1.205   11.597  -6.261  1.00 12.66 ? 158 GLY A CA    1 
ATOM   1117 C C     . GLY A 1 158 ? 1.757   10.252  -5.818  1.00 12.21 ? 158 GLY A C     1 
ATOM   1118 O O     . GLY A 1 158 ? 1.074   9.504   -5.118  1.00 13.16 ? 158 GLY A O     1 
ATOM   1119 N N     . TYR A 1 159 ? 2.980   9.934   -6.233  1.00 11.03 ? 159 TYR A N     1 
ATOM   1120 C CA    . TYR A 1 159 ? 3.625   8.677   -5.856  1.00 11.83 ? 159 TYR A CA    1 
ATOM   1121 C C     . TYR A 1 159 ? 2.689   7.484   -6.106  1.00 10.99 ? 159 TYR A C     1 
ATOM   1122 O O     . TYR A 1 159 ? 2.523   6.619   -5.242  1.00 12.16 ? 159 TYR A O     1 
ATOM   1123 C CB    . TYR A 1 159 ? 4.033   8.734   -4.373  1.00 11.14 ? 159 TYR A CB    1 
ATOM   1124 C CG    . TYR A 1 159 ? 5.021   7.667   -3.936  1.00 11.38 ? 159 TYR A CG    1 
ATOM   1125 C CD1   . TYR A 1 159 ? 6.384   7.773   -4.242  1.00 12.69 ? 159 TYR A CD1   1 
ATOM   1126 C CD2   . TYR A 1 159 ? 4.594   6.548   -3.225  1.00 11.35 ? 159 TYR A CD2   1 
ATOM   1127 C CE1   . TYR A 1 159 ? 7.294   6.783   -3.841  1.00 12.96 ? 159 TYR A CE1   1 
ATOM   1128 C CE2   . TYR A 1 159 ? 5.488   5.558   -2.826  1.00 12.20 ? 159 TYR A CE2   1 
ATOM   1129 C CZ    . TYR A 1 159 ? 6.833   5.678   -3.136  1.00 13.45 ? 159 TYR A CZ    1 
ATOM   1130 O OH    . TYR A 1 159 ? 7.702   4.679   -2.748  1.00 13.39 ? 159 TYR A OH    1 
ATOM   1131 N N     . GLY A 1 160 ? 2.074   7.451   -7.285  1.00 12.00 ? 160 GLY A N     1 
ATOM   1132 C CA    . GLY A 1 160 ? 1.179   6.356   -7.626  1.00 12.60 ? 160 GLY A CA    1 
ATOM   1133 C C     . GLY A 1 160 ? -0.301  6.655   -7.457  1.00 14.01 ? 160 GLY A C     1 
ATOM   1134 O O     . GLY A 1 160 ? -1.138  6.112   -8.184  1.00 13.48 ? 160 GLY A O     1 
ATOM   1135 N N     . LEU A 1 161 ? -0.629  7.517   -6.499  1.00 14.10 ? 161 LEU A N     1 
ATOM   1136 C CA    . LEU A 1 161 ? -2.019  7.875   -6.240  1.00 14.42 ? 161 LEU A CA    1 
ATOM   1137 C C     . LEU A 1 161 ? -2.461  8.950   -7.223  1.00 13.54 ? 161 LEU A C     1 
ATOM   1138 O O     . LEU A 1 161 ? -1.728  9.901   -7.494  1.00 14.43 ? 161 LEU A O     1 
ATOM   1139 C CB    . LEU A 1 161 ? -2.186  8.358   -4.795  1.00 13.03 ? 161 LEU A CB    1 
ATOM   1140 C CG    . LEU A 1 161 ? -2.039  7.287   -3.700  1.00 15.34 ? 161 LEU A CG    1 
ATOM   1141 C CD1   . LEU A 1 161 ? -0.623  6.739   -3.689  1.00 14.15 ? 161 LEU A CD1   1 
ATOM   1142 C CD2   . LEU A 1 161 ? -2.373  7.893   -2.339  1.00 15.62 ? 161 LEU A CD2   1 
ATOM   1143 N N     . ASP A 1 162 ? -3.671  8.800   -7.745  1.00 14.62 ? 162 ASP A N     1 
ATOM   1144 C CA    . ASP A 1 162 ? -4.186  9.730   -8.738  1.00 14.97 ? 162 ASP A CA    1 
ATOM   1145 C C     . ASP A 1 162 ? -5.166  10.786  -8.264  1.00 17.59 ? 162 ASP A C     1 
ATOM   1146 O O     . ASP A 1 162 ? -5.724  10.725  -7.166  1.00 18.28 ? 162 ASP A O     1 
ATOM   1147 C CB    . ASP A 1 162 ? -4.873  8.951   -9.858  1.00 16.62 ? 162 ASP A CB    1 
ATOM   1148 C CG    . ASP A 1 162 ? -6.209  8.374   -9.418  1.00 16.20 ? 162 ASP A CG    1 
ATOM   1149 O OD1   . ASP A 1 162 ? -6.222  7.579   -8.459  1.00 16.89 ? 162 ASP A OD1   1 
ATOM   1150 O OD2   . ASP A 1 162 ? -7.242  8.722   -10.024 1.00 17.43 ? 162 ASP A OD2   1 
ATOM   1151 N N     . ARG A 1 163 ? -5.358  11.756  -9.148  1.00 18.75 ? 163 ARG A N     1 
ATOM   1152 C CA    . ARG A 1 163 ? -6.302  12.844  -8.979  1.00 20.90 ? 163 ARG A CA    1 
ATOM   1153 C C     . ARG A 1 163 ? -6.975  12.821  -10.349 1.00 20.27 ? 163 ARG A C     1 
ATOM   1154 O O     . ARG A 1 163 ? -6.472  13.402  -11.310 1.00 20.77 ? 163 ARG A O     1 
ATOM   1155 C CB    . ARG A 1 163 ? -5.572  14.170  -8.745  1.00 23.39 ? 163 ARG A CB    1 
ATOM   1156 C CG    . ARG A 1 163 ? -6.505  15.352  -8.578  1.00 24.10 ? 163 ARG A CG    1 
ATOM   1157 C CD    . ARG A 1 163 ? -5.788  16.585  -8.047  1.00 25.97 ? 163 ARG A CD    1 
ATOM   1158 N NE    . ARG A 1 163 ? -4.662  16.987  -8.886  1.00 27.61 ? 163 ARG A NE    1 
ATOM   1159 C CZ    . ARG A 1 163 ? -4.129  18.206  -8.880  1.00 30.35 ? 163 ARG A CZ    1 
ATOM   1160 N NH1   . ARG A 1 163 ? -4.626  19.144  -8.080  1.00 32.12 ? 163 ARG A NH1   1 
ATOM   1161 N NH2   . ARG A 1 163 ? -3.102  18.490  -9.666  1.00 28.40 ? 163 ARG A NH2   1 
ATOM   1162 N N     . ALA A 1 164 ? -8.092  12.104  -10.443 1.00 20.03 ? 164 ALA A N     1 
ATOM   1163 C CA    . ALA A 1 164 ? -8.815  11.967  -11.706 1.00 19.78 ? 164 ALA A CA    1 
ATOM   1164 C C     . ALA A 1 164 ? -7.897  11.353  -12.768 1.00 19.64 ? 164 ALA A C     1 
ATOM   1165 O O     . ALA A 1 164 ? -7.836  11.825  -13.904 1.00 17.79 ? 164 ALA A O     1 
ATOM   1166 C CB    . ALA A 1 164 ? -9.334  13.326  -12.173 1.00 21.25 ? 164 ALA A CB    1 
ATOM   1167 N N     . GLN A 1 165 ? -7.181  10.301  -12.372 1.00 17.12 ? 165 GLN A N     1 
ATOM   1168 C CA    . GLN A 1 165 ? -6.259  9.569   -13.244 1.00 16.55 ? 165 GLN A CA    1 
ATOM   1169 C C     . GLN A 1 165 ? -4.912  10.248  -13.504 1.00 15.96 ? 165 GLN A C     1 
ATOM   1170 O O     . GLN A 1 165 ? -3.979  9.612   -13.993 1.00 15.45 ? 165 GLN A O     1 
ATOM   1171 C CB    . GLN A 1 165 ? -6.938  9.243   -14.579 1.00 18.35 ? 165 GLN A CB    1 
ATOM   1172 C CG    . GLN A 1 165 ? -8.109  8.272   -14.460 1.00 20.60 ? 165 GLN A CG    1 
ATOM   1173 C CD    . GLN A 1 165 ? -7.725  6.963   -13.781 1.00 22.39 ? 165 GLN A CD    1 
ATOM   1174 O OE1   . GLN A 1 165 ? -6.592  6.492   -13.902 1.00 21.43 ? 165 GLN A OE1   1 
ATOM   1175 N NE2   . GLN A 1 165 ? -8.677  6.363   -13.077 1.00 21.68 ? 165 GLN A NE2   1 
ATOM   1176 N N     . PHE A 1 166 ? -4.809  11.530  -13.177 1.00 15.51 ? 166 PHE A N     1 
ATOM   1177 C CA    . PHE A 1 166 ? -3.562  12.271  -13.373 1.00 16.86 ? 166 PHE A CA    1 
ATOM   1178 C C     . PHE A 1 166 ? -2.740  12.323  -12.084 1.00 15.68 ? 166 PHE A C     1 
ATOM   1179 O O     . PHE A 1 166 ? -3.189  11.888  -11.024 1.00 15.66 ? 166 PHE A O     1 
ATOM   1180 C CB    . PHE A 1 166 ? -3.860  13.713  -13.813 1.00 16.70 ? 166 PHE A CB    1 
ATOM   1181 C CG    . PHE A 1 166 ? -4.329  13.840  -15.235 1.00 19.96 ? 166 PHE A CG    1 
ATOM   1182 C CD1   . PHE A 1 166 ? -3.414  13.993  -16.273 1.00 21.06 ? 166 PHE A CD1   1 
ATOM   1183 C CD2   . PHE A 1 166 ? -5.689  13.822  -15.536 1.00 19.90 ? 166 PHE A CD2   1 
ATOM   1184 C CE1   . PHE A 1 166 ? -3.847  14.128  -17.594 1.00 22.73 ? 166 PHE A CE1   1 
ATOM   1185 C CE2   . PHE A 1 166 ? -6.131  13.957  -16.854 1.00 22.72 ? 166 PHE A CE2   1 
ATOM   1186 C CZ    . PHE A 1 166 ? -5.208  14.112  -17.885 1.00 22.14 ? 166 PHE A CZ    1 
ATOM   1187 N N     . ASP A 1 167 ? -1.524  12.849  -12.205 1.00 15.68 ? 167 ASP A N     1 
ATOM   1188 C CA    . ASP A 1 167 ? -0.605  13.038  -11.088 1.00 15.34 ? 167 ASP A CA    1 
ATOM   1189 C C     . ASP A 1 167 ? -0.030  11.820  -10.363 1.00 14.31 ? 167 ASP A C     1 
ATOM   1190 O O     . ASP A 1 167 ? 0.558   11.970  -9.292  1.00 12.77 ? 167 ASP A O     1 
ATOM   1191 C CB    . ASP A 1 167 ? -1.237  13.980  -10.058 1.00 16.18 ? 167 ASP A CB    1 
ATOM   1192 C CG    . ASP A 1 167 ? -1.593  15.332  -10.646 1.00 21.25 ? 167 ASP A CG    1 
ATOM   1193 O OD1   . ASP A 1 167 ? -0.728  15.931  -11.317 1.00 20.33 ? 167 ASP A OD1   1 
ATOM   1194 O OD2   . ASP A 1 167 ? -2.732  15.798  -10.434 1.00 24.18 ? 167 ASP A OD2   1 
ATOM   1195 N N     . ARG A 1 168 ? -0.189  10.624  -10.924 1.00 12.01 ? 168 ARG A N     1 
ATOM   1196 C CA    . ARG A 1 168 ? 0.379   9.436   -10.290 1.00 12.76 ? 168 ARG A CA    1 
ATOM   1197 C C     . ARG A 1 168 ? 1.904   9.512   -10.403 1.00 13.23 ? 168 ARG A C     1 
ATOM   1198 O O     . ARG A 1 168 ? 2.622   8.884   -9.628  1.00 13.21 ? 168 ARG A O     1 
ATOM   1199 C CB    . ARG A 1 168 ? -0.085  8.152   -10.992 1.00 12.39 ? 168 ARG A CB    1 
ATOM   1200 C CG    . ARG A 1 168 ? -1.574  7.818   -10.893 1.00 14.22 ? 168 ARG A CG    1 
ATOM   1201 C CD    . ARG A 1 168 ? -1.827  6.464   -11.566 1.00 13.32 ? 168 ARG A CD    1 
ATOM   1202 N NE    . ARG A 1 168 ? -3.244  6.156   -11.746 1.00 13.78 ? 168 ARG A NE    1 
ATOM   1203 C CZ    . ARG A 1 168 ? -4.059  5.732   -10.785 1.00 14.15 ? 168 ARG A CZ    1 
ATOM   1204 N NH1   . ARG A 1 168 ? -3.611  5.555   -9.548  1.00 12.42 ? 168 ARG A NH1   1 
ATOM   1205 N NH2   . ARG A 1 168 ? -5.332  5.481   -11.069 1.00 13.39 ? 168 ARG A NH2   1 
ATOM   1206 N N     . ASN A 1 169 ? 2.392   10.294  -11.367 1.00 12.90 ? 169 ASN A N     1 
ATOM   1207 C CA    . ASN A 1 169 ? 3.827   10.411  -11.604 1.00 13.28 ? 169 ASN A CA    1 
ATOM   1208 C C     . ASN A 1 169 ? 4.616   11.374  -10.714 1.00 13.76 ? 169 ASN A C     1 
ATOM   1209 O O     . ASN A 1 169 ? 5.837   11.446  -10.821 1.00 13.92 ? 169 ASN A O     1 
ATOM   1210 C CB    . ASN A 1 169 ? 4.082   10.730  -13.088 1.00 13.28 ? 169 ASN A CB    1 
ATOM   1211 C CG    . ASN A 1 169 ? 3.400   12.011  -13.547 1.00 14.63 ? 169 ASN A CG    1 
ATOM   1212 O OD1   . ASN A 1 169 ? 2.255   12.287  -13.188 1.00 15.39 ? 169 ASN A OD1   1 
ATOM   1213 N ND2   . ASN A 1 169 ? 4.096   12.784  -14.369 1.00 13.51 ? 169 ASN A ND2   1 
ATOM   1214 N N     . LEU A 1 170 ? 3.937   12.106  -9.838  1.00 13.65 ? 170 LEU A N     1 
ATOM   1215 C CA    . LEU A 1 170 ? 4.641   13.012  -8.930  1.00 15.26 ? 170 LEU A CA    1 
ATOM   1216 C C     . LEU A 1 170 ? 5.496   12.142  -8.007  1.00 15.07 ? 170 LEU A C     1 
ATOM   1217 O O     . LEU A 1 170 ? 5.015   11.150  -7.457  1.00 14.09 ? 170 LEU A O     1 
ATOM   1218 C CB    . LEU A 1 170 ? 3.644   13.841  -8.107  1.00 15.20 ? 170 LEU A CB    1 
ATOM   1219 C CG    . LEU A 1 170 ? 3.167   15.183  -8.680  1.00 18.86 ? 170 LEU A CG    1 
ATOM   1220 C CD1   . LEU A 1 170 ? 2.752   15.038  -10.131 1.00 19.11 ? 170 LEU A CD1   1 
ATOM   1221 C CD2   . LEU A 1 170 ? 2.012   15.706  -7.830  1.00 19.85 ? 170 LEU A CD2   1 
ATOM   1222 N N     . PRO A 1 171 ? 6.779   12.491  -7.835  1.00 15.89 ? 171 PRO A N     1 
ATOM   1223 C CA    . PRO A 1 171 ? 7.658   11.698  -6.967  1.00 16.35 ? 171 PRO A CA    1 
ATOM   1224 C C     . PRO A 1 171 ? 7.394   11.869  -5.473  1.00 16.06 ? 171 PRO A C     1 
ATOM   1225 O O     . PRO A 1 171 ? 7.985   11.172  -4.642  1.00 15.56 ? 171 PRO A O     1 
ATOM   1226 C CB    . PRO A 1 171 ? 9.054   12.165  -7.378  1.00 17.86 ? 171 PRO A CB    1 
ATOM   1227 C CG    . PRO A 1 171 ? 8.827   13.598  -7.742  1.00 20.06 ? 171 PRO A CG    1 
ATOM   1228 C CD    . PRO A 1 171 ? 7.536   13.549  -8.530  1.00 18.38 ? 171 PRO A CD    1 
ATOM   1229 N N     . PHE A 1 172 ? 6.495   12.785  -5.137  1.00 16.47 ? 172 PHE A N     1 
ATOM   1230 C CA    . PHE A 1 172 ? 6.160   13.052  -3.745  1.00 16.34 ? 172 PHE A CA    1 
ATOM   1231 C C     . PHE A 1 172 ? 4.659   12.950  -3.505  1.00 16.01 ? 172 PHE A C     1 
ATOM   1232 O O     . PHE A 1 172 ? 3.871   12.830  -4.444  1.00 15.72 ? 172 PHE A O     1 
ATOM   1233 C CB    . PHE A 1 172 ? 6.653   14.451  -3.358  1.00 17.37 ? 172 PHE A CB    1 
ATOM   1234 C CG    . PHE A 1 172 ? 6.223   15.528  -4.319  1.00 18.60 ? 172 PHE A CG    1 
ATOM   1235 C CD1   . PHE A 1 172 ? 4.903   15.976  -4.346  1.00 19.52 ? 172 PHE A CD1   1 
ATOM   1236 C CD2   . PHE A 1 172 ? 7.130   16.066  -5.228  1.00 19.75 ? 172 PHE A CD2   1 
ATOM   1237 C CE1   . PHE A 1 172 ? 4.493   16.941  -5.268  1.00 18.85 ? 172 PHE A CE1   1 
ATOM   1238 C CE2   . PHE A 1 172 ? 6.731   17.031  -6.156  1.00 19.68 ? 172 PHE A CE2   1 
ATOM   1239 C CZ    . PHE A 1 172 ? 5.409   17.468  -6.176  1.00 18.52 ? 172 PHE A CZ    1 
ATOM   1240 N N     . ILE A 1 173 ? 4.272   12.982  -2.235  1.00 15.00 ? 173 ILE A N     1 
ATOM   1241 C CA    . ILE A 1 173 ? 2.867   12.929  -1.869  1.00 15.99 ? 173 ILE A CA    1 
ATOM   1242 C C     . ILE A 1 173 ? 2.435   14.358  -1.566  1.00 16.66 ? 173 ILE A C     1 
ATOM   1243 O O     . ILE A 1 173 ? 3.108   15.071  -0.820  1.00 16.80 ? 173 ILE A O     1 
ATOM   1244 C CB    . ILE A 1 173 ? 2.632   12.052  -0.604  1.00 16.36 ? 173 ILE A CB    1 
ATOM   1245 C CG1   . ILE A 1 173 ? 2.626   10.568  -0.985  1.00 16.15 ? 173 ILE A CG1   1 
ATOM   1246 C CG2   . ILE A 1 173 ? 1.314   12.434  0.070   1.00 15.33 ? 173 ILE A CG2   1 
ATOM   1247 C CD1   . ILE A 1 173 ? 1.456   10.161  -1.866  1.00 16.88 ? 173 ILE A CD1   1 
ATOM   1248 N N     . THR A 1 174 ? 1.326   14.779  -2.163  1.00 16.45 ? 174 THR A N     1 
ATOM   1249 C CA    . THR A 1 174 ? 0.801   16.116  -1.928  1.00 18.19 ? 174 THR A CA    1 
ATOM   1250 C C     . THR A 1 174 ? -0.714  16.019  -1.774  1.00 18.79 ? 174 THR A C     1 
ATOM   1251 O O     . THR A 1 174 ? -1.266  14.918  -1.734  1.00 16.27 ? 174 THR A O     1 
ATOM   1252 C CB    . THR A 1 174 ? 1.185   17.086  -3.076  1.00 18.15 ? 174 THR A CB    1 
ATOM   1253 O OG1   . THR A 1 174 ? 0.721   18.407  -2.767  1.00 20.38 ? 174 THR A OG1   1 
ATOM   1254 C CG2   . THR A 1 174 ? 0.590   16.636  -4.387  1.00 15.55 ? 174 THR A CG2   1 
ATOM   1255 N N     . SER A 1 175 ? -1.390  17.157  -1.683  1.00 19.33 ? 175 SER A N     1 
ATOM   1256 C CA    . SER A 1 175 ? -2.835  17.143  -1.502  1.00 21.04 ? 175 SER A CA    1 
ATOM   1257 C C     . SER A 1 175 ? -3.481  18.451  -1.926  1.00 22.94 ? 175 SER A C     1 
ATOM   1258 O O     . SER A 1 175 ? -2.797  19.431  -2.213  1.00 22.28 ? 175 SER A O     1 
ATOM   1259 C CB    . SER A 1 175 ? -3.165  16.887  -0.028  1.00 21.06 ? 175 SER A CB    1 
ATOM   1260 O OG    . SER A 1 175 ? -2.580  17.893  0.794   1.00 20.89 ? 175 SER A OG    1 
ATOM   1261 N N     . ILE A 1 176 ? -4.810  18.449  -1.953  1.00 25.60 ? 176 ILE A N     1 
ATOM   1262 C CA    . ILE A 1 176 ? -5.580  19.635  -2.312  1.00 29.01 ? 176 ILE A CA    1 
ATOM   1263 C C     . ILE A 1 176 ? -6.366  20.053  -1.080  1.00 31.10 ? 176 ILE A C     1 
ATOM   1264 O O     . ILE A 1 176 ? -6.410  19.327  -0.086  1.00 28.93 ? 176 ILE A O     1 
ATOM   1265 C CB    . ILE A 1 176 ? -6.587  19.347  -3.446  1.00 30.03 ? 176 ILE A CB    1 
ATOM   1266 C CG1   . ILE A 1 176 ? -7.535  18.223  -3.019  1.00 31.43 ? 176 ILE A CG1   1 
ATOM   1267 C CG2   . ILE A 1 176 ? -5.848  18.983  -4.724  1.00 31.85 ? 176 ILE A CG2   1 
ATOM   1268 C CD1   . ILE A 1 176 ? -8.617  17.899  -4.031  1.00 32.47 ? 176 ILE A CD1   1 
ATOM   1269 N N     . ARG A 1 177 ? -6.982  21.226  -1.142  1.00 34.55 ? 177 ARG A N     1 
ATOM   1270 C CA    . ARG A 1 177 ? -7.779  21.710  -0.025  1.00 38.39 ? 177 ARG A CA    1 
ATOM   1271 C C     . ARG A 1 177 ? -9.190  21.157  -0.160  1.00 41.82 ? 177 ARG A C     1 
ATOM   1272 O O     . ARG A 1 177 ? -9.692  20.977  -1.270  1.00 41.05 ? 177 ARG A O     1 
ATOM   1273 C CB    . ARG A 1 177 ? -7.813  23.240  -0.019  1.00 37.95 ? 177 ARG A CB    1 
ATOM   1274 C CG    . ARG A 1 177 ? -6.455  23.877  0.201   1.00 37.82 ? 177 ARG A CG    1 
ATOM   1275 C CD    . ARG A 1 177 ? -6.553  25.393  0.223   1.00 37.69 ? 177 ARG A CD    1 
ATOM   1276 N NE    . ARG A 1 177 ? -5.253  26.013  0.457   1.00 38.60 ? 177 ARG A NE    1 
ATOM   1277 C CZ    . ARG A 1 177 ? -5.052  27.326  0.518   1.00 38.45 ? 177 ARG A CZ    1 
ATOM   1278 N NH1   . ARG A 1 177 ? -6.070  28.160  0.361   1.00 37.30 ? 177 ARG A NH1   1 
ATOM   1279 N NH2   . ARG A 1 177 ? -3.833  27.803  0.730   1.00 37.26 ? 177 ARG A NH2   1 
ATOM   1280 N N     . PRO A 1 178 ? -9.848  20.875  0.973   1.00 45.71 ? 178 PRO A N     1 
ATOM   1281 C CA    . PRO A 1 178 ? -11.212 20.339  0.940   1.00 49.54 ? 178 PRO A CA    1 
ATOM   1282 C C     . PRO A 1 178 ? -12.161 21.281  0.206   1.00 53.29 ? 178 PRO A C     1 
ATOM   1283 O O     . PRO A 1 178 ? -13.232 20.876  -0.244  1.00 54.38 ? 178 PRO A O     1 
ATOM   1284 C CB    . PRO A 1 178 ? -11.557 20.195  2.420   1.00 48.77 ? 178 PRO A CB    1 
ATOM   1285 C CG    . PRO A 1 178 ? -10.773 21.307  3.054   1.00 48.53 ? 178 PRO A CG    1 
ATOM   1286 C CD    . PRO A 1 178 ? -9.441  21.190  2.353   1.00 46.61 ? 178 PRO A CD    1 
ATOM   1287 N N     . GLU A 1 179 ? -11.746 22.539  0.082   1.00 56.30 ? 179 GLU A N     1 
ATOM   1288 C CA    . GLU A 1 179 ? -12.539 23.560  -0.588  1.00 60.43 ? 179 GLU A CA    1 
ATOM   1289 C C     . GLU A 1 179 ? -12.846 23.158  -2.027  1.00 60.92 ? 179 GLU A C     1 
ATOM   1290 O O     . GLU A 1 179 ? -11.943 22.826  -2.796  1.00 61.93 ? 179 GLU A O     1 
ATOM   1291 C CB    . GLU A 1 179 ? -11.787 24.893  -0.574  1.00 63.08 ? 179 GLU A CB    1 
ATOM   1292 C CG    . GLU A 1 179 ? -11.089 25.196  0.747   1.00 67.52 ? 179 GLU A CG    1 
ATOM   1293 C CD    . GLU A 1 179 ? -12.038 25.217  1.931   1.00 69.82 ? 179 GLU A CD    1 
ATOM   1294 O OE1   . GLU A 1 179 ? -11.554 25.349  3.075   1.00 70.70 ? 179 GLU A OE1   1 
ATOM   1295 O OE2   . GLU A 1 179 ? -13.265 25.107  1.723   1.00 71.06 ? 179 GLU A OE2   1 
HETATM 1296 P P     . IMP B 2 .   ? -11.113 2.732   1.282   1.00 19.55 ? 552 IMP A P     1 
HETATM 1297 O O1P   . IMP B 2 .   ? -12.078 3.769   1.705   1.00 20.53 ? 552 IMP A O1P   1 
HETATM 1298 O O2P   . IMP B 2 .   ? -11.910 1.401   0.874   1.00 19.68 ? 552 IMP A O2P   1 
HETATM 1299 O O3P   . IMP B 2 .   ? -10.100 2.417   2.495   1.00 17.37 ? 552 IMP A O3P   1 
HETATM 1300 O "O5'" . IMP B 2 .   ? -10.279 3.304   0.016   1.00 22.60 ? 552 IMP A "O5'" 1 
HETATM 1301 C "C5'" . IMP B 2 .   ? -9.837  2.393   -0.988  1.00 23.56 ? 552 IMP A "C5'" 1 
HETATM 1302 C "C4'" . IMP B 2 .   ? -9.126  3.125   -2.128  1.00 20.89 ? 552 IMP A "C4'" 1 
HETATM 1303 O "O4'" . IMP B 2 .   ? -9.590  4.506   -2.230  1.00 19.19 ? 552 IMP A "O4'" 1 
HETATM 1304 C "C3'" . IMP B 2 .   ? -7.619  3.279   -1.820  1.00 20.02 ? 552 IMP A "C3'" 1 
HETATM 1305 O "O3'" . IMP B 2 .   ? -6.891  2.087   -2.122  1.00 19.20 ? 552 IMP A "O3'" 1 
HETATM 1306 C "C2'" . IMP B 2 .   ? -7.249  4.430   -2.771  1.00 19.13 ? 552 IMP A "C2'" 1 
HETATM 1307 O "O2'" . IMP B 2 .   ? -6.975  3.946   -4.090  1.00 23.44 ? 552 IMP A "O2'" 1 
HETATM 1308 C "C1'" . IMP B 2 .   ? -8.513  5.307   -2.763  1.00 18.72 ? 552 IMP A "C1'" 1 
HETATM 1309 N N9    . IMP B 2 .   ? -8.270  6.505   -1.925  1.00 16.59 ? 552 IMP A N9    1 
HETATM 1310 C C8    . IMP B 2 .   ? -8.740  6.748   -0.654  1.00 17.34 ? 552 IMP A C8    1 
HETATM 1311 N N7    . IMP B 2 .   ? -8.313  7.909   -0.232  1.00 15.90 ? 552 IMP A N7    1 
HETATM 1312 C C5    . IMP B 2 .   ? -7.547  8.472   -1.189  1.00 16.21 ? 552 IMP A C5    1 
HETATM 1313 C C6    . IMP B 2 .   ? -6.822  9.702   -1.314  1.00 16.04 ? 552 IMP A C6    1 
HETATM 1314 O O6    . IMP B 2 .   ? -6.807  10.514  -0.403  1.00 16.21 ? 552 IMP A O6    1 
HETATM 1315 N N1    . IMP B 2 .   ? -6.135  9.940   -2.479  1.00 16.33 ? 552 IMP A N1    1 
HETATM 1316 C C2    . IMP B 2 .   ? -6.144  9.026   -3.511  1.00 15.50 ? 552 IMP A C2    1 
HETATM 1317 N N3    . IMP B 2 .   ? -6.808  7.895   -3.412  1.00 14.36 ? 552 IMP A N3    1 
HETATM 1318 C C4    . IMP B 2 .   ? -7.511  7.577   -2.289  1.00 15.93 ? 552 IMP A C4    1 
HETATM 1319 C C1    . DIO C 3 .   ? 6.524   -13.947 10.168  1.00 36.17 ? 591 DIO A C1    1 
HETATM 1320 C C2    . DIO C 3 .   ? 4.494   -15.103 9.626   1.00 36.86 ? 591 DIO A C2    1 
HETATM 1321 C "C1'" . DIO C 3 .   ? 5.825   -12.602 9.907   1.00 35.99 ? 591 DIO A "C1'" 1 
HETATM 1322 C "C2'" . DIO C 3 .   ? 3.777   -13.754 9.351   1.00 35.97 ? 591 DIO A "C2'" 1 
HETATM 1323 O O1    . DIO C 3 .   ? 5.920   -14.967 9.335   1.00 36.29 ? 591 DIO A O1    1 
HETATM 1324 O "O1'" . DIO C 3 .   ? 4.388   -12.740 10.201  1.00 36.54 ? 591 DIO A "O1'" 1 
HETATM 1325 C C1    . DIO D 3 .   ? 17.590  -11.222 -1.639  1.00 28.57 ? 592 DIO A C1    1 
HETATM 1326 C C2    . DIO D 3 .   ? 17.256  -13.527 -1.068  1.00 25.77 ? 592 DIO A C2    1 
HETATM 1327 C "C1'" . DIO D 3 .   ? 17.496  -11.576 -3.128  1.00 26.10 ? 592 DIO A "C1'" 1 
HETATM 1328 C "C2'" . DIO D 3 .   ? 17.170  -13.904 -2.572  1.00 27.67 ? 592 DIO A "C2'" 1 
HETATM 1329 O O1    . DIO D 3 .   ? 18.117  -12.358 -0.906  1.00 29.19 ? 592 DIO A O1    1 
HETATM 1330 O "O1'" . DIO D 3 .   ? 16.628  -12.754 -3.291  1.00 30.43 ? 592 DIO A "O1'" 1 
HETATM 1331 O O     . HOH E 4 .   ? 2.289   3.766   -5.204  1.00 10.40 ? 593 HOH A O     1 
HETATM 1332 O O     . HOH E 4 .   ? -1.186  9.815   -13.700 1.00 13.32 ? 594 HOH A O     1 
HETATM 1333 O O     . HOH E 4 .   ? 9.601   9.190   -5.325  1.00 13.88 ? 595 HOH A O     1 
HETATM 1334 O O     . HOH E 4 .   ? -3.785  7.039   -14.461 1.00 16.24 ? 596 HOH A O     1 
HETATM 1335 O O     . HOH E 4 .   ? 0.222   13.712  -14.375 1.00 14.58 ? 597 HOH A O     1 
HETATM 1336 O O     . HOH E 4 .   ? -8.137  0.272   10.831  1.00 16.51 ? 598 HOH A O     1 
HETATM 1337 O O     . HOH E 4 .   ? 5.207   -18.200 1.678   1.00 16.89 ? 599 HOH A O     1 
HETATM 1338 O O     . HOH E 4 .   ? -1.477  -14.387 -5.889  1.00 16.65 ? 600 HOH A O     1 
HETATM 1339 O O     . HOH E 4 .   ? 2.292   -12.755 6.039   1.00 14.22 ? 601 HOH A O     1 
HETATM 1340 O O     . HOH E 4 .   ? 10.992  8.481   -2.920  1.00 19.04 ? 602 HOH A O     1 
HETATM 1341 O O     . HOH E 4 .   ? 3.992   0.418   10.939  1.00 15.35 ? 603 HOH A O     1 
HETATM 1342 O O     . HOH E 4 .   ? -5.521  4.536   -7.312  1.00 21.39 ? 604 HOH A O     1 
HETATM 1343 O O     . HOH E 4 .   ? 2.391   -19.338 -4.578  1.00 19.83 ? 605 HOH A O     1 
HETATM 1344 O O     . HOH E 4 .   ? -4.857  3.292   10.511  1.00 18.56 ? 606 HOH A O     1 
HETATM 1345 O O     . HOH E 4 .   ? -6.885  0.563   0.788   1.00 15.76 ? 607 HOH A O     1 
HETATM 1346 O O     . HOH E 4 .   ? -7.002  10.766  9.841   1.00 20.11 ? 608 HOH A O     1 
HETATM 1347 O O     . HOH E 4 .   ? -9.009  -0.004  2.403   1.00 18.90 ? 609 HOH A O     1 
HETATM 1348 O O     . HOH E 4 .   ? 10.100  15.788  -2.894  1.00 17.91 ? 610 HOH A O     1 
HETATM 1349 O O     . HOH E 4 .   ? 11.557  5.748   -2.741  1.00 20.13 ? 611 HOH A O     1 
HETATM 1350 O O     . HOH E 4 .   ? -12.780 5.908   0.102   1.00 29.62 ? 612 HOH A O     1 
HETATM 1351 O O     . HOH E 4 .   ? 7.063   -18.345 3.781   1.00 25.85 ? 613 HOH A O     1 
HETATM 1352 O O     . HOH E 4 .   ? -4.238  0.624   -4.298  1.00 25.01 ? 614 HOH A O     1 
HETATM 1353 O O     . HOH E 4 .   ? -2.867  4.727   11.401  1.00 18.14 ? 615 HOH A O     1 
HETATM 1354 O O     . HOH E 4 .   ? 10.745  9.511   6.643   1.00 24.38 ? 616 HOH A O     1 
HETATM 1355 O O     . HOH E 4 .   ? 6.869   -10.181 13.256  1.00 26.11 ? 617 HOH A O     1 
HETATM 1356 O O     . HOH E 4 .   ? 8.505   -12.377 12.779  1.00 26.13 ? 618 HOH A O     1 
HETATM 1357 O O     . HOH E 4 .   ? 13.763  -0.878  9.385   1.00 23.04 ? 619 HOH A O     1 
HETATM 1358 O O     . HOH E 4 .   ? 11.960  16.527  3.323   1.00 30.94 ? 620 HOH A O     1 
HETATM 1359 O O     . HOH E 4 .   ? 10.217  -15.082 10.421  1.00 24.41 ? 621 HOH A O     1 
HETATM 1360 O O     . HOH E 4 .   ? -5.371  4.128   -14.404 1.00 26.54 ? 622 HOH A O     1 
HETATM 1361 O O     . HOH E 4 .   ? -1.062  14.671  8.296   1.00 22.15 ? 623 HOH A O     1 
HETATM 1362 O O     . HOH E 4 .   ? -8.318  14.476  10.194  1.00 29.25 ? 624 HOH A O     1 
HETATM 1363 O O     . HOH E 4 .   ? -15.419 7.867   6.625   1.00 24.96 ? 625 HOH A O     1 
HETATM 1364 O O     . HOH E 4 .   ? -8.337  17.660  0.999   1.00 25.42 ? 626 HOH A O     1 
HETATM 1365 O O     . HOH E 4 .   ? 7.328   1.042   11.984  1.00 35.15 ? 627 HOH A O     1 
HETATM 1366 O O     . HOH E 4 .   ? -6.724  15.736  -12.349 1.00 25.01 ? 628 HOH A O     1 
HETATM 1367 O O     . HOH E 4 .   ? -0.108  19.276  -7.957  1.00 24.47 ? 629 HOH A O     1 
HETATM 1368 O O     . HOH E 4 .   ? 1.494   -0.365  12.215  1.00 25.37 ? 630 HOH A O     1 
HETATM 1369 O O     . HOH E 4 .   ? 2.968   19.067  -10.835 1.00 32.79 ? 631 HOH A O     1 
HETATM 1370 O O     . HOH E 4 .   ? -4.264  17.156  -12.154 1.00 28.10 ? 632 HOH A O     1 
HETATM 1371 O O     . HOH E 4 .   ? 15.827  9.621   1.725   1.00 28.61 ? 633 HOH A O     1 
HETATM 1372 O O     . HOH E 4 .   ? -7.687  -0.221  -3.259  1.00 24.63 ? 634 HOH A O     1 
HETATM 1373 O O     . HOH E 4 .   ? 2.881   8.873   10.630  1.00 23.51 ? 635 HOH A O     1 
HETATM 1374 O O     . HOH E 4 .   ? 12.516  3.868   -0.999  1.00 28.40 ? 636 HOH A O     1 
HETATM 1375 O O     . HOH E 4 .   ? 8.242   15.887  3.723   1.00 26.85 ? 637 HOH A O     1 
HETATM 1376 O O     . HOH E 4 .   ? 16.204  -3.599  3.658   1.00 28.21 ? 638 HOH A O     1 
HETATM 1377 O O     . HOH E 4 .   ? -5.578  2.139   -6.009  1.00 24.69 ? 639 HOH A O     1 
HETATM 1378 O O     . HOH E 4 .   ? -4.968  6.306   -5.263  1.00 21.07 ? 640 HOH A O     1 
HETATM 1379 O O     . HOH E 4 .   ? -2.777  -3.113  12.846  1.00 33.73 ? 641 HOH A O     1 
HETATM 1380 O O     . HOH E 4 .   ? 0.799   -12.355 -11.833 1.00 29.57 ? 642 HOH A O     1 
HETATM 1381 O O     . HOH E 4 .   ? -4.166  22.060  -4.660  1.00 28.50 ? 643 HOH A O     1 
HETATM 1382 O O     . HOH E 4 .   ? -10.814 9.911   0.316   1.00 29.11 ? 644 HOH A O     1 
HETATM 1383 O O     . HOH E 4 .   ? -7.566  4.836   -9.364  1.00 31.67 ? 645 HOH A O     1 
HETATM 1384 O O     . HOH E 4 .   ? -8.429  24.653  3.751   1.00 30.43 ? 646 HOH A O     1 
HETATM 1385 O O     . HOH E 4 .   ? -14.515 -2.990  12.534  1.00 36.79 ? 647 HOH A O     1 
HETATM 1386 O O     . HOH E 4 .   ? -2.404  -13.831 9.544   1.00 28.16 ? 648 HOH A O     1 
HETATM 1387 O O     . HOH E 4 .   ? 14.238  -16.610 3.460   1.00 23.83 ? 649 HOH A O     1 
HETATM 1388 O O     . HOH E 4 .   ? 3.559   -18.536 8.794   1.00 27.94 ? 650 HOH A O     1 
HETATM 1389 O O     . HOH E 4 .   ? -4.500  -17.777 -7.981  1.00 35.47 ? 651 HOH A O     1 
HETATM 1390 O O     . HOH E 4 .   ? 13.724  1.002   -2.212  1.00 23.15 ? 652 HOH A O     1 
HETATM 1391 O O     . HOH E 4 .   ? 16.248  -6.238  7.834   1.00 31.69 ? 653 HOH A O     1 
HETATM 1392 O O     . HOH E 4 .   ? 1.932   16.763  5.731   1.00 33.18 ? 654 HOH A O     1 
HETATM 1393 O O     . HOH E 4 .   ? -14.347 2.004   -0.101  1.00 29.45 ? 655 HOH A O     1 
HETATM 1394 O O     . HOH E 4 .   ? -5.760  -1.863  -13.351 1.00 37.16 ? 656 HOH A O     1 
HETATM 1395 O O     . HOH E 4 .   ? -6.183  -10.955 7.422   1.00 29.43 ? 657 HOH A O     1 
HETATM 1396 O O     . HOH E 4 .   ? -2.901  -11.593 -11.245 1.00 35.81 ? 658 HOH A O     1 
HETATM 1397 O O     . HOH E 4 .   ? -3.960  -9.580  8.445   1.00 30.64 ? 659 HOH A O     1 
HETATM 1398 O O     . HOH E 4 .   ? 5.337   7.406   10.379  1.00 42.04 ? 660 HOH A O     1 
HETATM 1399 O O     . HOH E 4 .   ? -8.273  18.291  3.999   1.00 36.30 ? 661 HOH A O     1 
HETATM 1400 O O     . HOH E 4 .   ? -0.932  16.335  -13.909 1.00 33.88 ? 662 HOH A O     1 
HETATM 1401 O O     . HOH E 4 .   ? -10.578 11.731  2.722   1.00 33.28 ? 663 HOH A O     1 
HETATM 1402 O O     . HOH E 4 .   ? 0.049   18.467  -10.666 1.00 26.00 ? 664 HOH A O     1 
HETATM 1403 O O     . HOH E 4 .   ? 16.030  -11.522 7.085   1.00 34.63 ? 665 HOH A O     1 
HETATM 1404 O O     . HOH E 4 .   ? -6.973  1.796   -9.289  1.00 32.99 ? 666 HOH A O     1 
HETATM 1405 O O     . HOH E 4 .   ? -9.729  11.231  -8.164  1.00 32.56 ? 667 HOH A O     1 
HETATM 1406 O O     . HOH E 4 .   ? 11.122  -9.298  14.118  1.00 38.72 ? 668 HOH A O     1 
HETATM 1407 O O     . HOH E 4 .   ? -6.918  22.802  -3.557  1.00 38.54 ? 669 HOH A O     1 
HETATM 1408 O O     . HOH E 4 .   ? -1.470  -16.731 10.543  1.00 45.81 ? 670 HOH A O     1 
HETATM 1409 O O     . HOH E 4 .   ? 10.150  18.726  -11.700 1.00 34.85 ? 671 HOH A O     1 
HETATM 1410 O O     . HOH E 4 .   ? -11.417 -16.264 -2.049  1.00 32.99 ? 672 HOH A O     1 
HETATM 1411 O O     . HOH E 4 .   ? 17.469  -10.457 4.564   1.00 32.58 ? 673 HOH A O     1 
HETATM 1412 O O     . HOH E 4 .   ? 15.807  4.596   5.886   1.00 38.92 ? 674 HOH A O     1 
HETATM 1413 O O     . HOH E 4 .   ? -15.564 9.063   9.576   1.00 50.63 ? 675 HOH A O     1 
HETATM 1414 O O     . HOH E 4 .   ? 16.097  -1.095  4.441   1.00 30.24 ? 676 HOH A O     1 
HETATM 1415 O O     . HOH E 4 .   ? -2.161  0.224   12.165  1.00 47.99 ? 677 HOH A O     1 
HETATM 1416 O O     . HOH E 4 .   ? -8.115  3.637   -12.011 1.00 42.87 ? 678 HOH A O     1 
HETATM 1417 O O     . HOH E 4 .   ? -4.130  21.892  -7.417  1.00 44.39 ? 679 HOH A O     1 
HETATM 1418 O O     . HOH E 4 .   ? 2.704   -23.300 4.419   1.00 40.60 ? 680 HOH A O     1 
HETATM 1419 O O     . HOH E 4 .   ? -9.660  7.484   -9.517  1.00 53.33 ? 681 HOH A O     1 
HETATM 1420 O O     . HOH E 4 .   ? -13.185 10.310  13.110  1.00 33.50 ? 682 HOH A O     1 
HETATM 1421 O O     . HOH E 4 .   ? -12.206 12.573  9.161   1.00 37.17 ? 683 HOH A O     1 
HETATM 1422 O O     . HOH E 4 .   ? -16.272 -4.943  6.003   1.00 40.92 ? 684 HOH A O     1 
HETATM 1423 O O     . HOH E 4 .   ? -11.174 -18.244 -3.838  1.00 40.43 ? 685 HOH A O     1 
HETATM 1424 O O     . HOH E 4 .   ? -9.208  12.182  -16.354 1.00 36.82 ? 686 HOH A O     1 
HETATM 1425 O O     . HOH E 4 .   ? 16.205  -15.214 5.569   1.00 37.98 ? 687 HOH A O     1 
HETATM 1426 O O     . HOH E 4 .   ? 4.613   17.648  -1.415  1.00 29.29 ? 688 HOH A O     1 
HETATM 1427 O O     . HOH E 4 .   ? -0.730  -20.729 9.411   1.00 34.84 ? 689 HOH A O     1 
HETATM 1428 O O     . HOH E 4 .   ? 0.254   23.702  1.864   1.00 44.54 ? 690 HOH A O     1 
HETATM 1429 O O     . HOH E 4 .   ? 5.811   4.753   12.641  1.00 47.35 ? 691 HOH A O     1 
HETATM 1430 O O     . HOH E 4 .   ? 11.670  0.904   11.529  1.00 48.52 ? 692 HOH A O     1 
HETATM 1431 O O     . HOH E 4 .   ? -3.453  -23.044 5.442   1.00 50.29 ? 693 HOH A O     1 
HETATM 1432 O O     . HOH E 4 .   ? 1.929   -22.634 -0.602  1.00 40.41 ? 694 HOH A O     1 
HETATM 1433 O O     . HOH E 4 .   ? 6.875   -5.727  13.051  1.00 34.52 ? 695 HOH A O     1 
HETATM 1434 O O     . HOH E 4 .   ? -8.583  4.314   -6.188  1.00 32.64 ? 696 HOH A O     1 
HETATM 1435 O O     . HOH E 4 .   ? -4.456  23.122  7.463   1.00 38.05 ? 697 HOH A O     1 
HETATM 1436 O O     . HOH E 4 .   ? -4.057  -16.357 7.539   1.00 30.20 ? 698 HOH A O     1 
HETATM 1437 O O     . HOH E 4 .   ? 17.825  -1.551  -2.527  1.00 40.94 ? 700 HOH A O     1 
HETATM 1438 O O     . HOH E 4 .   ? 12.632  8.110   10.824  1.00 48.98 ? 701 HOH A O     1 
HETATM 1439 O O     . HOH E 4 .   ? -0.736  23.707  4.923   1.00 40.43 ? 702 HOH A O     1 
HETATM 1440 O O     . HOH E 4 .   ? 11.746  9.708   -6.782  1.00 23.32 ? 703 HOH A O     1 
HETATM 1441 O O     . HOH E 4 .   ? 14.589  1.958   -4.656  1.00 35.77 ? 704 HOH A O     1 
HETATM 1442 O O     . HOH E 4 .   ? -8.429  11.368  -18.873 1.00 35.12 ? 705 HOH A O     1 
HETATM 1443 O O     . HOH E 4 .   ? 3.890   2.999   11.771  1.00 28.62 ? 706 HOH A O     1 
HETATM 1444 O O     . HOH E 4 .   ? 7.007   17.714  -0.298  1.00 31.18 ? 707 HOH A O     1 
HETATM 1445 O O     . HOH E 4 .   ? 1.324   2.273   12.864  1.00 27.72 ? 708 HOH A O     1 
HETATM 1446 O O     . HOH E 4 .   ? 2.563   -21.835 -3.950  1.00 26.54 ? 709 HOH A O     1 
HETATM 1447 O O     . HOH E 4 .   ? 3.997   -6.238  12.365  1.00 38.30 ? 710 HOH A O     1 
HETATM 1448 O O     . HOH E 4 .   ? 13.476  9.226   -4.396  1.00 32.81 ? 711 HOH A O     1 
HETATM 1449 O O     . HOH E 4 .   ? -1.430  2.777   12.654  1.00 34.48 ? 712 HOH A O     1 
HETATM 1450 O O     . HOH E 4 .   ? 0.421   -11.288 11.850  1.00 35.97 ? 713 HOH A O     1 
HETATM 1451 O O     . HOH E 4 .   ? 8.783   18.061  -2.149  1.00 34.53 ? 714 HOH A O     1 
HETATM 1452 O O     . HOH E 4 .   ? -3.149  17.606  -14.864 1.00 33.11 ? 715 HOH A O     1 
HETATM 1453 O O     . HOH E 4 .   ? -2.108  -25.214 5.100   1.00 46.61 ? 716 HOH A O     1 
HETATM 1454 O O     . HOH E 4 .   ? 11.815  12.233  7.157   1.00 44.74 ? 717 HOH A O     1 
HETATM 1455 O O     . HOH E 4 .   ? 3.972   5.128   10.328  1.00 32.02 ? 718 HOH A O     1 
HETATM 1456 O O     . HOH E 4 .   ? -4.676  0.576   11.477  1.00 37.09 ? 719 HOH A O     1 
HETATM 1457 O O     . HOH E 4 .   ? -12.165 5.752   -2.556  1.00 34.93 ? 720 HOH A O     1 
HETATM 1458 O O     . HOH E 4 .   ? -7.990  17.428  7.718   1.00 30.87 ? 721 HOH A O     1 
HETATM 1459 O O     . HOH E 4 .   ? -12.777 -15.053 4.394   1.00 29.86 ? 722 HOH A O     1 
HETATM 1460 O O     . HOH E 4 .   ? 17.367  -5.576  5.434   1.00 34.30 ? 723 HOH A O     1 
HETATM 1461 O O     . HOH E 4 .   ? -1.402  21.935  -8.010  1.00 39.24 ? 724 HOH A O     1 
HETATM 1462 O O     . HOH E 4 .   ? -15.665 12.238  6.280   1.00 38.55 ? 725 HOH A O     1 
HETATM 1463 O O     . HOH E 4 .   ? 10.923  15.375  -5.600  1.00 30.17 ? 726 HOH A O     1 
HETATM 1464 O O     . HOH E 4 .   ? -10.785 17.170  -0.235  1.00 47.93 ? 727 HOH A O     1 
HETATM 1465 O O     . HOH E 4 .   ? 13.888  6.038   -4.644  1.00 43.51 ? 728 HOH A O     1 
HETATM 1466 O O     . HOH E 4 .   ? 4.142   -19.066 -6.876  1.00 49.98 ? 729 HOH A O     1 
HETATM 1467 O O     . HOH E 4 .   ? -7.836  20.679  5.500   1.00 38.44 ? 730 HOH A O     1 
HETATM 1468 O O     . HOH E 4 .   ? 16.584  11.122  -0.550  1.00 32.58 ? 731 HOH A O     1 
HETATM 1469 O O     . HOH E 4 .   ? 2.115   -1.682  14.454  1.00 43.97 ? 732 HOH A O     1 
HETATM 1470 O O     . HOH E 4 .   ? -8.730  1.801   -7.227  1.00 49.31 ? 733 HOH A O     1 
HETATM 1471 O O     . HOH E 4 .   ? 20.251  -2.704  -1.970  1.00 38.18 ? 734 HOH A O     1 
HETATM 1472 O O     . HOH E 4 .   ? -8.938  23.713  6.769   1.00 54.89 ? 735 HOH A O     1 
HETATM 1473 O O     . HOH E 4 .   ? -0.669  20.396  -12.316 1.00 34.47 ? 736 HOH A O     1 
HETATM 1474 O O     . HOH E 4 .   ? -7.699  19.562  -7.506  1.00 44.85 ? 737 HOH A O     1 
HETATM 1475 O O     . HOH E 4 .   ? -15.921 -11.325 -8.231  1.00 62.35 ? 738 HOH A O     1 
HETATM 1476 O O     . HOH E 4 .   ? 17.797  -3.509  1.083   1.00 38.79 ? 739 HOH A O     1 
HETATM 1477 O O     . HOH E 4 .   ? 5.136   -20.643 2.640   1.00 44.85 ? 740 HOH A O     1 
HETATM 1478 O O     . HOH E 4 .   ? -2.516  -18.626 -13.247 1.00 46.23 ? 741 HOH A O     1 
HETATM 1479 O O     . HOH E 4 .   ? 13.762  -3.048  11.151  1.00 37.57 ? 742 HOH A O     1 
HETATM 1480 O O     . HOH E 4 .   ? -12.717 -16.548 -5.325  1.00 62.03 ? 743 HOH A O     1 
HETATM 1481 O O     . HOH E 4 .   ? 15.881  5.864   8.327   1.00 32.47 ? 744 HOH A O     1 
HETATM 1482 O O     . HOH E 4 .   ? 12.918  13.850  -5.983  1.00 32.27 ? 745 HOH A O     1 
HETATM 1483 O O     . HOH E 4 .   ? 11.932  16.971  -12.469 1.00 42.85 ? 746 HOH A O     1 
HETATM 1484 O O     . HOH E 4 .   ? -7.212  -17.327 -9.377  1.00 63.64 ? 747 HOH A O     1 
HETATM 1485 O O     . HOH E 4 .   ? 9.107   -16.431 12.526  1.00 45.78 ? 748 HOH A O     1 
HETATM 1486 O O     . HOH E 4 .   ? -15.340 6.767   0.196   1.00 36.81 ? 749 HOH A O     1 
HETATM 1487 O O     . HOH E 4 .   ? -14.709 11.459  8.927   1.00 50.85 ? 750 HOH A O     1 
HETATM 1488 O O     . HOH E 4 .   ? -6.104  20.790  7.657   1.00 50.88 ? 751 HOH A O     1 
HETATM 1489 O O     . HOH E 4 .   ? 5.802   0.915   14.082  1.00 46.16 ? 752 HOH A O     1 
HETATM 1490 O O     . HOH E 4 .   ? -9.124  16.916  -11.313 1.00 50.35 ? 753 HOH A O     1 
HETATM 1491 O O     . HOH E 4 .   ? 1.969   -17.615 10.938  1.00 54.48 ? 754 HOH A O     1 
HETATM 1492 O O     . HOH E 4 .   ? 17.232  -0.628  1.013   1.00 46.82 ? 755 HOH A O     1 
HETATM 1493 O O     . HOH E 4 .   ? 15.734  7.993   -5.170  1.00 52.36 ? 756 HOH A O     1 
HETATM 1494 O O     . HOH E 4 .   ? 2.391   21.781  -12.833 1.00 40.01 ? 757 HOH A O     1 
HETATM 1495 O O     . HOH E 4 .   ? -2.338  25.233  -4.743  1.00 47.23 ? 758 HOH A O     1 
HETATM 1496 O O     . HOH E 4 .   ? -15.592 23.004  -0.007  1.00 62.95 ? 759 HOH A O     1 
HETATM 1497 O O     . HOH E 4 .   ? 7.487   -14.678 13.938  1.00 51.84 ? 760 HOH A O     1 
HETATM 1498 O O     . HOH E 4 .   ? 14.054  -21.094 6.747   1.00 46.71 ? 761 HOH A O     1 
HETATM 1499 O O     . HOH E 4 .   ? -0.155  20.732  7.405   1.00 45.32 ? 762 HOH A O     1 
HETATM 1500 O O     . HOH E 4 .   ? 17.090  7.341   1.971   1.00 43.58 ? 763 HOH A O     1 
HETATM 1501 O O     . HOH E 4 .   ? 2.222   -12.692 14.111  1.00 50.08 ? 764 HOH A O     1 
HETATM 1502 O O     . HOH E 4 .   ? -13.851 12.798  13.408  1.00 51.28 ? 765 HOH A O     1 
HETATM 1503 O O     . HOH E 4 .   ? -17.009 11.651  2.473   1.00 47.84 ? 766 HOH A O     1 
HETATM 1504 O O     . HOH E 4 .   ? -7.918  27.120  3.203   1.00 53.42 ? 767 HOH A O     1 
HETATM 1505 O O     . HOH E 4 .   ? 5.774   -2.245  11.820  1.00 48.94 ? 768 HOH A O     1 
HETATM 1506 O O     . HOH E 4 .   ? 17.991  -8.006  9.507   1.00 61.56 ? 769 HOH A O     1 
HETATM 1507 O O     . HOH E 4 .   ? 14.595  11.172  -2.889  1.00 30.11 ? 770 HOH A O     1 
HETATM 1508 O O     . HOH E 4 .   ? 11.273  -19.900 3.263   1.00 36.69 ? 771 HOH A O     1 
HETATM 1509 O O     . HOH E 4 .   ? -11.467 -8.270  7.101   1.00 41.88 ? 772 HOH A O     1 
HETATM 1510 O O     . HOH E 4 .   ? -10.234 -6.799  8.862   1.00 41.30 ? 773 HOH A O     1 
HETATM 1511 O O     . HOH E 4 .   ? -0.929  -22.896 5.818   1.00 47.45 ? 774 HOH A O     1 
HETATM 1512 O O     . HOH E 4 .   ? -6.484  22.831  3.779   1.00 41.92 ? 775 HOH A O     1 
HETATM 1513 O O     . HOH E 4 .   ? -10.839 14.084  -6.490  1.00 51.00 ? 776 HOH A O     1 
HETATM 1514 O O     . HOH E 4 .   ? -3.584  23.396  3.209   1.00 34.45 ? 777 HOH A O     1 
HETATM 1515 O O     . HOH E 4 .   ? 14.663  -19.115 2.764   1.00 44.08 ? 778 HOH A O     1 
# 
loop_
_pdbx_poly_seq_scheme.asym_id 
_pdbx_poly_seq_scheme.entity_id 
_pdbx_poly_seq_scheme.seq_id 
_pdbx_poly_seq_scheme.mon_id 
_pdbx_poly_seq_scheme.ndb_seq_num 
_pdbx_poly_seq_scheme.pdb_seq_num 
_pdbx_poly_seq_scheme.auth_seq_num 
_pdbx_poly_seq_scheme.pdb_mon_id 
_pdbx_poly_seq_scheme.auth_mon_id 
_pdbx_poly_seq_scheme.pdb_strand_id 
_pdbx_poly_seq_scheme.pdb_ins_code 
_pdbx_poly_seq_scheme.hetero 
A 1 1   MET 1   1   ?   ?   ?   A . n 
A 1 2   LYS 2   2   ?   ?   ?   A . n 
A 1 3   GLY 3   3   ?   ?   ?   A . n 
A 1 4   MET 4   4   4   MET MET A . n 
A 1 5   PHE 5   5   5   PHE PHE A . n 
A 1 6   THR 6   6   6   THR THR A . n 
A 1 7   PRO 7   7   7   PRO PRO A . n 
A 1 8   GLY 8   8   8   GLY GLY A . n 
A 1 9   ASN 9   9   9   ASN ASN A . n 
A 1 10  GLY 10  10  10  GLY GLY A . n 
A 1 11  PRO 11  11  11  PRO PRO A . n 
A 1 12  VAL 12  12  12  VAL VAL A . n 
A 1 13  GLN 13  13  13  GLN GLN A . n 
A 1 14  ILE 14  14  14  ILE ILE A . n 
A 1 15  SER 15  15  15  SER SER A . n 
A 1 16  ALA 16  16  16  ALA ALA A . n 
A 1 17  GLU 17  17  17  GLU GLU A . n 
A 1 18  ALA 18  18  18  ALA ALA A . n 
A 1 19  ILE 19  19  19  ILE ILE A . n 
A 1 20  LYS 20  20  20  LYS LYS A . n 
A 1 21  LYS 21  21  21  LYS LYS A . n 
A 1 22  ARG 22  22  22  ARG ARG A . n 
A 1 23  VAL 23  23  23  VAL VAL A . n 
A 1 24  GLU 24  24  24  GLU GLU A . n 
A 1 25  GLU 25  25  25  GLU GLU A . n 
A 1 26  LEU 26  26  26  LEU LEU A . n 
A 1 27  GLY 27  27  27  GLY GLY A . n 
A 1 28  GLY 28  28  28  GLY GLY A . n 
A 1 29  GLU 29  29  29  GLU GLU A . n 
A 1 30  ILE 30  30  30  ILE ILE A . n 
A 1 31  ALA 31  31  31  ALA ALA A . n 
A 1 32  ARG 32  32  32  ARG ARG A . n 
A 1 33  ASP 33  33  33  ASP ASP A . n 
A 1 34  TYR 34  34  34  TYR TYR A . n 
A 1 35  GLN 35  35  35  GLN GLN A . n 
A 1 36  GLY 36  36  36  GLY GLY A . n 
A 1 37  LYS 37  37  37  LYS LYS A . n 
A 1 38  THR 38  38  38  THR THR A . n 
A 1 39  PRO 39  39  39  PRO PRO A . n 
A 1 40  HIS 40  40  40  HIS HIS A . n 
A 1 41  LEU 41  41  41  LEU LEU A . n 
A 1 42  ILE 42  42  42  ILE ILE A . n 
A 1 43  CYS 43  43  43  CYS CYS A . n 
A 1 44  VAL 44  44  44  VAL VAL A . n 
A 1 45  LEU 45  45  45  LEU LEU A . n 
A 1 46  ASN 46  46  46  ASN ASN A . n 
A 1 47  GLY 47  47  47  GLY GLY A . n 
A 1 48  ALA 48  48  48  ALA ALA A . n 
A 1 49  PHE 49  49  49  PHE PHE A . n 
A 1 50  ILE 50  50  50  ILE ILE A . n 
A 1 51  PHE 51  51  51  PHE PHE A . n 
A 1 52  MET 52  52  52  MET MET A . n 
A 1 53  ALA 53  53  53  ALA ALA A . n 
A 1 54  ASP 54  54  54  ASP ASP A . n 
A 1 55  LEU 55  55  55  LEU LEU A . n 
A 1 56  VAL 56  56  56  VAL VAL A . n 
A 1 57  ARG 57  57  57  ARG ARG A . n 
A 1 58  ALA 58  58  58  ALA ALA A . n 
A 1 59  ILE 59  59  59  ILE ILE A . n 
A 1 60  PRO 60  60  60  PRO PRO A . n 
A 1 61  LEU 61  61  61  LEU LEU A . n 
A 1 62  PRO 62  62  62  PRO PRO A . n 
A 1 63  LEU 63  63  63  LEU LEU A . n 
A 1 64  THR 64  64  64  THR THR A . n 
A 1 65  MET 65  65  65  MET MET A . n 
A 1 66  ASP 66  66  66  ASP ASP A . n 
A 1 67  PHE 67  67  67  PHE PHE A . n 
A 1 68  ILE 68  68  68  ILE ILE A . n 
A 1 69  ALA 69  69  69  ALA ALA A . n 
A 1 70  ILE 70  70  70  ILE ILE A . n 
A 1 71  SER 71  71  71  SER SER A . n 
A 1 72  SER 72  72  ?   ?   ?   A . n 
A 1 73  TYR 73  73  ?   ?   ?   A . n 
A 1 74  GLY 74  74  ?   ?   ?   A . n 
A 1 75  ASN 75  75  ?   ?   ?   A . n 
A 1 76  ALA 76  76  ?   ?   ?   A . n 
A 1 77  PHE 77  77  ?   ?   ?   A . n 
A 1 78  LYS 78  78  ?   ?   ?   A . n 
A 1 79  SER 79  79  ?   ?   ?   A . n 
A 1 80  SER 80  80  ?   ?   ?   A . n 
A 1 81  GLY 81  81  ?   ?   ?   A . n 
A 1 82  GLU 82  82  ?   ?   ?   A . n 
A 1 83  VAL 83  83  ?   ?   ?   A . n 
A 1 84  GLU 84  84  84  GLU GLU A . n 
A 1 85  LEU 85  85  85  LEU LEU A . n 
A 1 86  LEU 86  86  86  LEU LEU A . n 
A 1 87  LYS 87  87  87  LYS LYS A . n 
A 1 88  ASP 88  88  88  ASP ASP A . n 
A 1 89  LEU 89  89  89  LEU LEU A . n 
A 1 90  ARG 90  90  90  ARG ARG A . n 
A 1 91  LEU 91  91  91  LEU LEU A . n 
A 1 92  PRO 92  92  92  PRO PRO A . n 
A 1 93  ILE 93  93  93  ILE ILE A . n 
A 1 94  HIS 94  94  94  HIS HIS A . n 
A 1 95  GLY 95  95  95  GLY GLY A . n 
A 1 96  ARG 96  96  96  ARG ARG A . n 
A 1 97  ASP 97  97  97  ASP ASP A . n 
A 1 98  VAL 98  98  98  VAL VAL A . n 
A 1 99  ILE 99  99  99  ILE ILE A . n 
A 1 100 VAL 100 100 100 VAL VAL A . n 
A 1 101 VAL 101 101 101 VAL VAL A . n 
A 1 102 GLU 102 102 102 GLU GLU A . n 
A 1 103 ASP 103 103 103 ASP ASP A . n 
A 1 104 ILE 104 104 104 ILE ILE A . n 
A 1 105 VAL 105 105 105 VAL VAL A . n 
A 1 106 ASP 106 106 106 ASP ASP A . n 
A 1 107 THR 107 107 107 THR THR A . n 
A 1 108 GLY 108 108 108 GLY GLY A . n 
A 1 109 LEU 109 109 109 LEU LEU A . n 
A 1 110 THR 110 110 110 THR THR A . n 
A 1 111 LEU 111 111 111 LEU LEU A . n 
A 1 112 SER 112 112 112 SER SER A . n 
A 1 113 TYR 113 113 113 TYR TYR A . n 
A 1 114 LEU 114 114 114 LEU LEU A . n 
A 1 115 LEU 115 115 115 LEU LEU A . n 
A 1 116 ASP 116 116 116 ASP ASP A . n 
A 1 117 TYR 117 117 117 TYR TYR A . n 
A 1 118 LEU 118 118 118 LEU LEU A . n 
A 1 119 GLU 119 119 119 GLU GLU A . n 
A 1 120 ALA 120 120 120 ALA ALA A . n 
A 1 121 ARG 121 121 121 ARG ARG A . n 
A 1 122 LYS 122 122 122 LYS LYS A . n 
A 1 123 PRO 123 123 123 PRO PRO A . n 
A 1 124 ALA 124 124 124 ALA ALA A . n 
A 1 125 SER 125 125 125 SER SER A . n 
A 1 126 VAL 126 126 126 VAL VAL A . n 
A 1 127 ARG 127 127 127 ARG ARG A . n 
A 1 128 VAL 128 128 128 VAL VAL A . n 
A 1 129 ALA 129 129 129 ALA ALA A . n 
A 1 130 ALA 130 130 130 ALA ALA A . n 
A 1 131 LEU 131 131 131 LEU LEU A . n 
A 1 132 LEU 132 132 132 LEU LEU A . n 
A 1 133 SER 133 133 133 SER SER A . n 
A 1 134 LYS 134 134 134 LYS LYS A . n 
A 1 135 PRO 135 135 135 PRO PRO A . n 
A 1 136 SER 136 136 136 SER SER A . n 
A 1 137 ARG 137 137 137 ARG ARG A . n 
A 1 138 ARG 138 138 138 ARG ARG A . n 
A 1 139 GLN 139 139 139 GLN GLN A . n 
A 1 140 VAL 140 140 140 VAL VAL A . n 
A 1 141 GLU 141 141 141 GLU GLU A . n 
A 1 142 VAL 142 142 142 VAL VAL A . n 
A 1 143 PRO 143 143 143 PRO PRO A . n 
A 1 144 ILE 144 144 144 ILE ILE A . n 
A 1 145 HIS 145 145 145 HIS HIS A . n 
A 1 146 TYR 146 146 146 TYR TYR A . n 
A 1 147 LEU 147 147 147 LEU LEU A . n 
A 1 148 GLY 148 148 148 GLY GLY A . n 
A 1 149 PHE 149 149 149 PHE PHE A . n 
A 1 150 GLU 150 150 150 GLU GLU A . n 
A 1 151 ILE 151 151 151 ILE ILE A . n 
A 1 152 GLU 152 152 152 GLU GLU A . n 
A 1 153 ASP 153 153 153 ASP ASP A . n 
A 1 154 ALA 154 154 154 ALA ALA A . n 
A 1 155 TYR 155 155 155 TYR TYR A . n 
A 1 156 VAL 156 156 156 VAL VAL A . n 
A 1 157 TYR 157 157 157 TYR TYR A . n 
A 1 158 GLY 158 158 158 GLY GLY A . n 
A 1 159 TYR 159 159 159 TYR TYR A . n 
A 1 160 GLY 160 160 160 GLY GLY A . n 
A 1 161 LEU 161 161 161 LEU LEU A . n 
A 1 162 ASP 162 162 162 ASP ASP A . n 
A 1 163 ARG 163 163 163 ARG ARG A . n 
A 1 164 ALA 164 164 164 ALA ALA A . n 
A 1 165 GLN 165 165 165 GLN GLN A . n 
A 1 166 PHE 166 166 166 PHE PHE A . n 
A 1 167 ASP 167 167 167 ASP ASP A . n 
A 1 168 ARG 168 168 168 ARG ARG A . n 
A 1 169 ASN 169 169 169 ASN ASN A . n 
A 1 170 LEU 170 170 170 LEU LEU A . n 
A 1 171 PRO 171 171 171 PRO PRO A . n 
A 1 172 PHE 172 172 172 PHE PHE A . n 
A 1 173 ILE 173 173 173 ILE ILE A . n 
A 1 174 THR 174 174 174 THR THR A . n 
A 1 175 SER 175 175 175 SER SER A . n 
A 1 176 ILE 176 176 176 ILE ILE A . n 
A 1 177 ARG 177 177 177 ARG ARG A . n 
A 1 178 PRO 178 178 178 PRO PRO A . n 
A 1 179 GLU 179 179 179 GLU GLU A . n 
A 1 180 GLU 180 180 ?   ?   ?   A . n 
A 1 181 GLU 181 181 ?   ?   ?   A . n 
# 
_pdbx_SG_project.id                    1 
_pdbx_SG_project.project_name          'NPPSFA, National Project on Protein Structural and Functional Analyses' 
_pdbx_SG_project.full_name_of_center   'RIKEN Structural Genomics/Proteomics Initiative' 
_pdbx_SG_project.initial_of_center     RSGI 
# 
loop_
_pdbx_nonpoly_scheme.asym_id 
_pdbx_nonpoly_scheme.entity_id 
_pdbx_nonpoly_scheme.mon_id 
_pdbx_nonpoly_scheme.ndb_seq_num 
_pdbx_nonpoly_scheme.pdb_seq_num 
_pdbx_nonpoly_scheme.auth_seq_num 
_pdbx_nonpoly_scheme.pdb_mon_id 
_pdbx_nonpoly_scheme.auth_mon_id 
_pdbx_nonpoly_scheme.pdb_strand_id 
_pdbx_nonpoly_scheme.pdb_ins_code 
B 2 IMP 1   552 552 IMP IMP A . 
C 3 DIO 1   591 591 DIO DIO A . 
D 3 DIO 1   592 592 DIO DIO A . 
E 4 HOH 1   593 593 HOH HOH A . 
E 4 HOH 2   594 594 HOH HOH A . 
E 4 HOH 3   595 595 HOH HOH A . 
E 4 HOH 4   596 596 HOH HOH A . 
E 4 HOH 5   597 597 HOH HOH A . 
E 4 HOH 6   598 598 HOH HOH A . 
E 4 HOH 7   599 599 HOH HOH A . 
E 4 HOH 8   600 600 HOH HOH A . 
E 4 HOH 9   601 601 HOH HOH A . 
E 4 HOH 10  602 602 HOH HOH A . 
E 4 HOH 11  603 603 HOH HOH A . 
E 4 HOH 12  604 604 HOH HOH A . 
E 4 HOH 13  605 605 HOH HOH A . 
E 4 HOH 14  606 606 HOH HOH A . 
E 4 HOH 15  607 607 HOH HOH A . 
E 4 HOH 16  608 608 HOH HOH A . 
E 4 HOH 17  609 609 HOH HOH A . 
E 4 HOH 18  610 610 HOH HOH A . 
E 4 HOH 19  611 611 HOH HOH A . 
E 4 HOH 20  612 612 HOH HOH A . 
E 4 HOH 21  613 613 HOH HOH A . 
E 4 HOH 22  614 614 HOH HOH A . 
E 4 HOH 23  615 615 HOH HOH A . 
E 4 HOH 24  616 616 HOH HOH A . 
E 4 HOH 25  617 617 HOH HOH A . 
E 4 HOH 26  618 618 HOH HOH A . 
E 4 HOH 27  619 619 HOH HOH A . 
E 4 HOH 28  620 620 HOH HOH A . 
E 4 HOH 29  621 621 HOH HOH A . 
E 4 HOH 30  622 622 HOH HOH A . 
E 4 HOH 31  623 623 HOH HOH A . 
E 4 HOH 32  624 624 HOH HOH A . 
E 4 HOH 33  625 625 HOH HOH A . 
E 4 HOH 34  626 626 HOH HOH A . 
E 4 HOH 35  627 627 HOH HOH A . 
E 4 HOH 36  628 628 HOH HOH A . 
E 4 HOH 37  629 629 HOH HOH A . 
E 4 HOH 38  630 630 HOH HOH A . 
E 4 HOH 39  631 631 HOH HOH A . 
E 4 HOH 40  632 632 HOH HOH A . 
E 4 HOH 41  633 633 HOH HOH A . 
E 4 HOH 42  634 634 HOH HOH A . 
E 4 HOH 43  635 635 HOH HOH A . 
E 4 HOH 44  636 636 HOH HOH A . 
E 4 HOH 45  637 637 HOH HOH A . 
E 4 HOH 46  638 638 HOH HOH A . 
E 4 HOH 47  639 639 HOH HOH A . 
E 4 HOH 48  640 640 HOH HOH A . 
E 4 HOH 49  641 641 HOH HOH A . 
E 4 HOH 50  642 642 HOH HOH A . 
E 4 HOH 51  643 643 HOH HOH A . 
E 4 HOH 52  644 644 HOH HOH A . 
E 4 HOH 53  645 645 HOH HOH A . 
E 4 HOH 54  646 646 HOH HOH A . 
E 4 HOH 55  647 647 HOH HOH A . 
E 4 HOH 56  648 648 HOH HOH A . 
E 4 HOH 57  649 649 HOH HOH A . 
E 4 HOH 58  650 650 HOH HOH A . 
E 4 HOH 59  651 651 HOH HOH A . 
E 4 HOH 60  652 652 HOH HOH A . 
E 4 HOH 61  653 653 HOH HOH A . 
E 4 HOH 62  654 654 HOH HOH A . 
E 4 HOH 63  655 655 HOH HOH A . 
E 4 HOH 64  656 656 HOH HOH A . 
E 4 HOH 65  657 657 HOH HOH A . 
E 4 HOH 66  658 658 HOH HOH A . 
E 4 HOH 67  659 659 HOH HOH A . 
E 4 HOH 68  660 660 HOH HOH A . 
E 4 HOH 69  661 661 HOH HOH A . 
E 4 HOH 70  662 662 HOH HOH A . 
E 4 HOH 71  663 663 HOH HOH A . 
E 4 HOH 72  664 664 HOH HOH A . 
E 4 HOH 73  665 665 HOH HOH A . 
E 4 HOH 74  666 666 HOH HOH A . 
E 4 HOH 75  667 667 HOH HOH A . 
E 4 HOH 76  668 668 HOH HOH A . 
E 4 HOH 77  669 669 HOH HOH A . 
E 4 HOH 78  670 670 HOH HOH A . 
E 4 HOH 79  671 671 HOH HOH A . 
E 4 HOH 80  672 672 HOH HOH A . 
E 4 HOH 81  673 673 HOH HOH A . 
E 4 HOH 82  674 674 HOH HOH A . 
E 4 HOH 83  675 675 HOH HOH A . 
E 4 HOH 84  676 676 HOH HOH A . 
E 4 HOH 85  677 677 HOH HOH A . 
E 4 HOH 86  678 678 HOH HOH A . 
E 4 HOH 87  679 679 HOH HOH A . 
E 4 HOH 88  680 680 HOH HOH A . 
E 4 HOH 89  681 681 HOH HOH A . 
E 4 HOH 90  682 682 HOH HOH A . 
E 4 HOH 91  683 683 HOH HOH A . 
E 4 HOH 92  684 684 HOH HOH A . 
E 4 HOH 93  685 685 HOH HOH A . 
E 4 HOH 94  686 686 HOH HOH A . 
E 4 HOH 95  687 687 HOH HOH A . 
E 4 HOH 96  688 688 HOH HOH A . 
E 4 HOH 97  689 689 HOH HOH A . 
E 4 HOH 98  690 690 HOH HOH A . 
E 4 HOH 99  691 691 HOH HOH A . 
E 4 HOH 100 692 692 HOH HOH A . 
E 4 HOH 101 693 693 HOH HOH A . 
E 4 HOH 102 694 694 HOH HOH A . 
E 4 HOH 103 695 695 HOH HOH A . 
E 4 HOH 104 696 696 HOH HOH A . 
E 4 HOH 105 697 697 HOH HOH A . 
E 4 HOH 106 698 698 HOH HOH A . 
E 4 HOH 107 700 700 HOH HOH A . 
E 4 HOH 108 701 701 HOH HOH A . 
E 4 HOH 109 702 702 HOH HOH A . 
E 4 HOH 110 703 703 HOH HOH A . 
E 4 HOH 111 704 704 HOH HOH A . 
E 4 HOH 112 705 705 HOH HOH A . 
E 4 HOH 113 706 706 HOH HOH A . 
E 4 HOH 114 707 707 HOH HOH A . 
E 4 HOH 115 708 708 HOH HOH A . 
E 4 HOH 116 709 709 HOH HOH A . 
E 4 HOH 117 710 710 HOH HOH A . 
E 4 HOH 118 711 711 HOH HOH A . 
E 4 HOH 119 712 712 HOH HOH A . 
E 4 HOH 120 713 713 HOH HOH A . 
E 4 HOH 121 714 714 HOH HOH A . 
E 4 HOH 122 715 715 HOH HOH A . 
E 4 HOH 123 716 716 HOH HOH A . 
E 4 HOH 124 717 717 HOH HOH A . 
E 4 HOH 125 718 718 HOH HOH A . 
E 4 HOH 126 719 719 HOH HOH A . 
E 4 HOH 127 720 720 HOH HOH A . 
E 4 HOH 128 721 721 HOH HOH A . 
E 4 HOH 129 722 722 HOH HOH A . 
E 4 HOH 130 723 723 HOH HOH A . 
E 4 HOH 131 724 724 HOH HOH A . 
E 4 HOH 132 725 725 HOH HOH A . 
E 4 HOH 133 726 726 HOH HOH A . 
E 4 HOH 134 727 727 HOH HOH A . 
E 4 HOH 135 728 728 HOH HOH A . 
E 4 HOH 136 729 729 HOH HOH A . 
E 4 HOH 137 730 730 HOH HOH A . 
E 4 HOH 138 731 731 HOH HOH A . 
E 4 HOH 139 732 732 HOH HOH A . 
E 4 HOH 140 733 733 HOH HOH A . 
E 4 HOH 141 734 734 HOH HOH A . 
E 4 HOH 142 735 735 HOH HOH A . 
E 4 HOH 143 736 736 HOH HOH A . 
E 4 HOH 144 737 737 HOH HOH A . 
E 4 HOH 145 738 738 HOH HOH A . 
E 4 HOH 146 739 739 HOH HOH A . 
E 4 HOH 147 740 740 HOH HOH A . 
E 4 HOH 148 741 741 HOH HOH A . 
E 4 HOH 149 742 742 HOH HOH A . 
E 4 HOH 150 743 743 HOH HOH A . 
E 4 HOH 151 744 744 HOH HOH A . 
E 4 HOH 152 745 745 HOH HOH A . 
E 4 HOH 153 746 746 HOH HOH A . 
E 4 HOH 154 747 747 HOH HOH A . 
E 4 HOH 155 748 748 HOH HOH A . 
E 4 HOH 156 749 749 HOH HOH A . 
E 4 HOH 157 750 750 HOH HOH A . 
E 4 HOH 158 751 751 HOH HOH A . 
E 4 HOH 159 752 752 HOH HOH A . 
E 4 HOH 160 753 753 HOH HOH A . 
E 4 HOH 161 754 754 HOH HOH A . 
E 4 HOH 162 755 755 HOH HOH A . 
E 4 HOH 163 756 756 HOH HOH A . 
E 4 HOH 164 757 757 HOH HOH A . 
E 4 HOH 165 758 758 HOH HOH A . 
E 4 HOH 166 759 759 HOH HOH A . 
E 4 HOH 167 760 760 HOH HOH A . 
E 4 HOH 168 761 761 HOH HOH A . 
E 4 HOH 169 762 762 HOH HOH A . 
E 4 HOH 170 763 763 HOH HOH A . 
E 4 HOH 171 764 764 HOH HOH A . 
E 4 HOH 172 765 765 HOH HOH A . 
E 4 HOH 173 766 766 HOH HOH A . 
E 4 HOH 174 767 767 HOH HOH A . 
E 4 HOH 175 768 768 HOH HOH A . 
E 4 HOH 176 769 769 HOH HOH A . 
E 4 HOH 177 770 770 HOH HOH A . 
E 4 HOH 178 771 771 HOH HOH A . 
E 4 HOH 179 772 772 HOH HOH A . 
E 4 HOH 180 773 773 HOH HOH A . 
E 4 HOH 181 774 774 HOH HOH A . 
E 4 HOH 182 775 775 HOH HOH A . 
E 4 HOH 183 776 776 HOH HOH A . 
E 4 HOH 184 777 777 HOH HOH A . 
E 4 HOH 185 778 778 HOH HOH A . 
# 
_pdbx_struct_assembly.id                   1 
_pdbx_struct_assembly.details              author_and_software_defined_assembly 
_pdbx_struct_assembly.method_details       PISA 
_pdbx_struct_assembly.oligomeric_details   dimeric 
_pdbx_struct_assembly.oligomeric_count     2 
# 
_pdbx_struct_assembly_gen.assembly_id       1 
_pdbx_struct_assembly_gen.oper_expression   1,2 
_pdbx_struct_assembly_gen.asym_id_list      A,B,C,D,E 
# 
loop_
_pdbx_struct_assembly_prop.biol_id 
_pdbx_struct_assembly_prop.type 
_pdbx_struct_assembly_prop.value 
_pdbx_struct_assembly_prop.details 
1 'ABSA (A^2)' 3030  ? 
1 MORE         -23   ? 
1 'SSA (A^2)'  14240 ? 
# 
loop_
_pdbx_struct_oper_list.id 
_pdbx_struct_oper_list.type 
_pdbx_struct_oper_list.name 
_pdbx_struct_oper_list.symmetry_operation 
_pdbx_struct_oper_list.matrix[1][1] 
_pdbx_struct_oper_list.matrix[1][2] 
_pdbx_struct_oper_list.matrix[1][3] 
_pdbx_struct_oper_list.vector[1] 
_pdbx_struct_oper_list.matrix[2][1] 
_pdbx_struct_oper_list.matrix[2][2] 
_pdbx_struct_oper_list.matrix[2][3] 
_pdbx_struct_oper_list.vector[2] 
_pdbx_struct_oper_list.matrix[3][1] 
_pdbx_struct_oper_list.matrix[3][2] 
_pdbx_struct_oper_list.matrix[3][3] 
_pdbx_struct_oper_list.vector[3] 
1 'identity operation'         1_555  x,y,z            1.0000000000 0.0000000000 0.0000000000 0.0000000000 0.0000000000 1.0000000000  0.0000000000 0.0000000000  0.0000000000 0.0000000000 1.0000000000  0.0000000000   
2 'crystal symmetry operation' 10_665 -y+1,-x+1,-z+1/6 0.2894473319 0.8083225691 0.5126742303 9.3449578617 0.8083225691 -0.4932826184 0.3213827666 -1.7297562321 0.5126742303 0.3213827666 -0.7961647135 -20.7766050067 
# 
loop_
_pdbx_audit_revision_history.ordinal 
_pdbx_audit_revision_history.data_content_type 
_pdbx_audit_revision_history.major_revision 
_pdbx_audit_revision_history.minor_revision 
_pdbx_audit_revision_history.revision_date 
1 'Structure model' 1 0 2010-02-09 
2 'Structure model' 1 1 2011-07-13 
3 'Structure model' 1 2 2023-11-01 
# 
_pdbx_audit_revision_details.ordinal             1 
_pdbx_audit_revision_details.revision_ordinal    1 
_pdbx_audit_revision_details.data_content_type   'Structure model' 
_pdbx_audit_revision_details.provider            repository 
_pdbx_audit_revision_details.type                'Initial release' 
_pdbx_audit_revision_details.description         ? 
_pdbx_audit_revision_details.details             ? 
# 
loop_
_pdbx_audit_revision_group.ordinal 
_pdbx_audit_revision_group.revision_ordinal 
_pdbx_audit_revision_group.data_content_type 
_pdbx_audit_revision_group.group 
1 2 'Structure model' 'Version format compliance' 
2 3 'Structure model' 'Data collection'           
3 3 'Structure model' 'Database references'       
4 3 'Structure model' 'Derived calculations'      
5 3 'Structure model' 'Refinement description'    
# 
loop_
_pdbx_audit_revision_category.ordinal 
_pdbx_audit_revision_category.revision_ordinal 
_pdbx_audit_revision_category.data_content_type 
_pdbx_audit_revision_category.category 
1 3 'Structure model' chem_comp_atom                
2 3 'Structure model' chem_comp_bond                
3 3 'Structure model' database_2                    
4 3 'Structure model' pdbx_initial_refinement_model 
5 3 'Structure model' struct_site                   
# 
loop_
_pdbx_audit_revision_item.ordinal 
_pdbx_audit_revision_item.revision_ordinal 
_pdbx_audit_revision_item.data_content_type 
_pdbx_audit_revision_item.item 
1 3 'Structure model' '_database_2.pdbx_DOI'                
2 3 'Structure model' '_database_2.pdbx_database_accession' 
3 3 'Structure model' '_struct_site.pdbx_auth_asym_id'      
4 3 'Structure model' '_struct_site.pdbx_auth_comp_id'      
5 3 'Structure model' '_struct_site.pdbx_auth_seq_id'       
# 
loop_
_software.name 
_software.classification 
_software.version 
_software.citation_id 
_software.pdbx_ordinal 
HKL-2000 'data collection' .   ? 1 
MOLREP   phasing           .   ? 2 
CNS      refinement        1.1 ? 3 
HKL-2000 'data reduction'  .   ? 4 
HKL-2000 'data scaling'    .   ? 5 
# 
loop_
_pdbx_validate_torsion.id 
_pdbx_validate_torsion.PDB_model_num 
_pdbx_validate_torsion.auth_comp_id 
_pdbx_validate_torsion.auth_asym_id 
_pdbx_validate_torsion.auth_seq_id 
_pdbx_validate_torsion.PDB_ins_code 
_pdbx_validate_torsion.label_alt_id 
_pdbx_validate_torsion.phi 
_pdbx_validate_torsion.psi 
1 1 ASP A 106 ? ? -102.42 -94.84 
2 1 LYS A 134 ? ? -115.87 76.19  
3 1 GLN A 165 ? ? 77.00   -14.36 
# 
loop_
_pdbx_unobs_or_zero_occ_residues.id 
_pdbx_unobs_or_zero_occ_residues.PDB_model_num 
_pdbx_unobs_or_zero_occ_residues.polymer_flag 
_pdbx_unobs_or_zero_occ_residues.occupancy_flag 
_pdbx_unobs_or_zero_occ_residues.auth_asym_id 
_pdbx_unobs_or_zero_occ_residues.auth_comp_id 
_pdbx_unobs_or_zero_occ_residues.auth_seq_id 
_pdbx_unobs_or_zero_occ_residues.PDB_ins_code 
_pdbx_unobs_or_zero_occ_residues.label_asym_id 
_pdbx_unobs_or_zero_occ_residues.label_comp_id 
_pdbx_unobs_or_zero_occ_residues.label_seq_id 
1  1 Y 1 A MET 1   ? A MET 1   
2  1 Y 1 A LYS 2   ? A LYS 2   
3  1 Y 1 A GLY 3   ? A GLY 3   
4  1 Y 1 A SER 72  ? A SER 72  
5  1 Y 1 A TYR 73  ? A TYR 73  
6  1 Y 1 A GLY 74  ? A GLY 74  
7  1 Y 1 A ASN 75  ? A ASN 75  
8  1 Y 1 A ALA 76  ? A ALA 76  
9  1 Y 1 A PHE 77  ? A PHE 77  
10 1 Y 1 A LYS 78  ? A LYS 78  
11 1 Y 1 A SER 79  ? A SER 79  
12 1 Y 1 A SER 80  ? A SER 80  
13 1 Y 1 A GLY 81  ? A GLY 81  
14 1 Y 1 A GLU 82  ? A GLU 82  
15 1 Y 1 A VAL 83  ? A VAL 83  
16 1 Y 1 A GLU 180 ? A GLU 180 
17 1 Y 1 A GLU 181 ? A GLU 181 
# 
loop_
_chem_comp_atom.comp_id 
_chem_comp_atom.atom_id 
_chem_comp_atom.type_symbol 
_chem_comp_atom.pdbx_aromatic_flag 
_chem_comp_atom.pdbx_stereo_config 
_chem_comp_atom.pdbx_ordinal 
ALA N      N N N 1   
ALA CA     C N S 2   
ALA C      C N N 3   
ALA O      O N N 4   
ALA CB     C N N 5   
ALA OXT    O N N 6   
ALA H      H N N 7   
ALA H2     H N N 8   
ALA HA     H N N 9   
ALA HB1    H N N 10  
ALA HB2    H N N 11  
ALA HB3    H N N 12  
ALA HXT    H N N 13  
ARG N      N N N 14  
ARG CA     C N S 15  
ARG C      C N N 16  
ARG O      O N N 17  
ARG CB     C N N 18  
ARG CG     C N N 19  
ARG CD     C N N 20  
ARG NE     N N N 21  
ARG CZ     C N N 22  
ARG NH1    N N N 23  
ARG NH2    N N N 24  
ARG OXT    O N N 25  
ARG H      H N N 26  
ARG H2     H N N 27  
ARG HA     H N N 28  
ARG HB2    H N N 29  
ARG HB3    H N N 30  
ARG HG2    H N N 31  
ARG HG3    H N N 32  
ARG HD2    H N N 33  
ARG HD3    H N N 34  
ARG HE     H N N 35  
ARG HH11   H N N 36  
ARG HH12   H N N 37  
ARG HH21   H N N 38  
ARG HH22   H N N 39  
ARG HXT    H N N 40  
ASN N      N N N 41  
ASN CA     C N S 42  
ASN C      C N N 43  
ASN O      O N N 44  
ASN CB     C N N 45  
ASN CG     C N N 46  
ASN OD1    O N N 47  
ASN ND2    N N N 48  
ASN OXT    O N N 49  
ASN H      H N N 50  
ASN H2     H N N 51  
ASN HA     H N N 52  
ASN HB2    H N N 53  
ASN HB3    H N N 54  
ASN HD21   H N N 55  
ASN HD22   H N N 56  
ASN HXT    H N N 57  
ASP N      N N N 58  
ASP CA     C N S 59  
ASP C      C N N 60  
ASP O      O N N 61  
ASP CB     C N N 62  
ASP CG     C N N 63  
ASP OD1    O N N 64  
ASP OD2    O N N 65  
ASP OXT    O N N 66  
ASP H      H N N 67  
ASP H2     H N N 68  
ASP HA     H N N 69  
ASP HB2    H N N 70  
ASP HB3    H N N 71  
ASP HD2    H N N 72  
ASP HXT    H N N 73  
CYS N      N N N 74  
CYS CA     C N R 75  
CYS C      C N N 76  
CYS O      O N N 77  
CYS CB     C N N 78  
CYS SG     S N N 79  
CYS OXT    O N N 80  
CYS H      H N N 81  
CYS H2     H N N 82  
CYS HA     H N N 83  
CYS HB2    H N N 84  
CYS HB3    H N N 85  
CYS HG     H N N 86  
CYS HXT    H N N 87  
DIO C1     C N N 88  
DIO C2     C N N 89  
DIO "C1'"  C N N 90  
DIO "C2'"  C N N 91  
DIO O1     O N N 92  
DIO "O1'"  O N N 93  
DIO H11    H N N 94  
DIO H12    H N N 95  
DIO H21    H N N 96  
DIO H22    H N N 97  
DIO "H1'1" H N N 98  
DIO "H1'2" H N N 99  
DIO "H2'1" H N N 100 
DIO "H2'2" H N N 101 
GLN N      N N N 102 
GLN CA     C N S 103 
GLN C      C N N 104 
GLN O      O N N 105 
GLN CB     C N N 106 
GLN CG     C N N 107 
GLN CD     C N N 108 
GLN OE1    O N N 109 
GLN NE2    N N N 110 
GLN OXT    O N N 111 
GLN H      H N N 112 
GLN H2     H N N 113 
GLN HA     H N N 114 
GLN HB2    H N N 115 
GLN HB3    H N N 116 
GLN HG2    H N N 117 
GLN HG3    H N N 118 
GLN HE21   H N N 119 
GLN HE22   H N N 120 
GLN HXT    H N N 121 
GLU N      N N N 122 
GLU CA     C N S 123 
GLU C      C N N 124 
GLU O      O N N 125 
GLU CB     C N N 126 
GLU CG     C N N 127 
GLU CD     C N N 128 
GLU OE1    O N N 129 
GLU OE2    O N N 130 
GLU OXT    O N N 131 
GLU H      H N N 132 
GLU H2     H N N 133 
GLU HA     H N N 134 
GLU HB2    H N N 135 
GLU HB3    H N N 136 
GLU HG2    H N N 137 
GLU HG3    H N N 138 
GLU HE2    H N N 139 
GLU HXT    H N N 140 
GLY N      N N N 141 
GLY CA     C N N 142 
GLY C      C N N 143 
GLY O      O N N 144 
GLY OXT    O N N 145 
GLY H      H N N 146 
GLY H2     H N N 147 
GLY HA2    H N N 148 
GLY HA3    H N N 149 
GLY HXT    H N N 150 
HIS N      N N N 151 
HIS CA     C N S 152 
HIS C      C N N 153 
HIS O      O N N 154 
HIS CB     C N N 155 
HIS CG     C Y N 156 
HIS ND1    N Y N 157 
HIS CD2    C Y N 158 
HIS CE1    C Y N 159 
HIS NE2    N Y N 160 
HIS OXT    O N N 161 
HIS H      H N N 162 
HIS H2     H N N 163 
HIS HA     H N N 164 
HIS HB2    H N N 165 
HIS HB3    H N N 166 
HIS HD1    H N N 167 
HIS HD2    H N N 168 
HIS HE1    H N N 169 
HIS HE2    H N N 170 
HIS HXT    H N N 171 
HOH O      O N N 172 
HOH H1     H N N 173 
HOH H2     H N N 174 
ILE N      N N N 175 
ILE CA     C N S 176 
ILE C      C N N 177 
ILE O      O N N 178 
ILE CB     C N S 179 
ILE CG1    C N N 180 
ILE CG2    C N N 181 
ILE CD1    C N N 182 
ILE OXT    O N N 183 
ILE H      H N N 184 
ILE H2     H N N 185 
ILE HA     H N N 186 
ILE HB     H N N 187 
ILE HG12   H N N 188 
ILE HG13   H N N 189 
ILE HG21   H N N 190 
ILE HG22   H N N 191 
ILE HG23   H N N 192 
ILE HD11   H N N 193 
ILE HD12   H N N 194 
ILE HD13   H N N 195 
ILE HXT    H N N 196 
IMP P      P N N 197 
IMP O1P    O N N 198 
IMP O2P    O N N 199 
IMP O3P    O N N 200 
IMP "O5'"  O N N 201 
IMP "C5'"  C N N 202 
IMP "C4'"  C N R 203 
IMP "O4'"  O N N 204 
IMP "C3'"  C N S 205 
IMP "O3'"  O N N 206 
IMP "C2'"  C N R 207 
IMP "O2'"  O N N 208 
IMP "C1'"  C N R 209 
IMP N9     N Y N 210 
IMP C8     C Y N 211 
IMP N7     N Y N 212 
IMP C5     C Y N 213 
IMP C6     C N N 214 
IMP O6     O N N 215 
IMP N1     N N N 216 
IMP C2     C N N 217 
IMP N3     N N N 218 
IMP C4     C Y N 219 
IMP HOP2   H N N 220 
IMP HOP3   H N N 221 
IMP "H5'1" H N N 222 
IMP "H5'2" H N N 223 
IMP "H4'"  H N N 224 
IMP "H3'"  H N N 225 
IMP "HO3'" H N N 226 
IMP "H2'"  H N N 227 
IMP "HO2'" H N N 228 
IMP "H1'"  H N N 229 
IMP H8     H N N 230 
IMP HN1    H N N 231 
IMP H2     H N N 232 
LEU N      N N N 233 
LEU CA     C N S 234 
LEU C      C N N 235 
LEU O      O N N 236 
LEU CB     C N N 237 
LEU CG     C N N 238 
LEU CD1    C N N 239 
LEU CD2    C N N 240 
LEU OXT    O N N 241 
LEU H      H N N 242 
LEU H2     H N N 243 
LEU HA     H N N 244 
LEU HB2    H N N 245 
LEU HB3    H N N 246 
LEU HG     H N N 247 
LEU HD11   H N N 248 
LEU HD12   H N N 249 
LEU HD13   H N N 250 
LEU HD21   H N N 251 
LEU HD22   H N N 252 
LEU HD23   H N N 253 
LEU HXT    H N N 254 
LYS N      N N N 255 
LYS CA     C N S 256 
LYS C      C N N 257 
LYS O      O N N 258 
LYS CB     C N N 259 
LYS CG     C N N 260 
LYS CD     C N N 261 
LYS CE     C N N 262 
LYS NZ     N N N 263 
LYS OXT    O N N 264 
LYS H      H N N 265 
LYS H2     H N N 266 
LYS HA     H N N 267 
LYS HB2    H N N 268 
LYS HB3    H N N 269 
LYS HG2    H N N 270 
LYS HG3    H N N 271 
LYS HD2    H N N 272 
LYS HD3    H N N 273 
LYS HE2    H N N 274 
LYS HE3    H N N 275 
LYS HZ1    H N N 276 
LYS HZ2    H N N 277 
LYS HZ3    H N N 278 
LYS HXT    H N N 279 
MET N      N N N 280 
MET CA     C N S 281 
MET C      C N N 282 
MET O      O N N 283 
MET CB     C N N 284 
MET CG     C N N 285 
MET SD     S N N 286 
MET CE     C N N 287 
MET OXT    O N N 288 
MET H      H N N 289 
MET H2     H N N 290 
MET HA     H N N 291 
MET HB2    H N N 292 
MET HB3    H N N 293 
MET HG2    H N N 294 
MET HG3    H N N 295 
MET HE1    H N N 296 
MET HE2    H N N 297 
MET HE3    H N N 298 
MET HXT    H N N 299 
PHE N      N N N 300 
PHE CA     C N S 301 
PHE C      C N N 302 
PHE O      O N N 303 
PHE CB     C N N 304 
PHE CG     C Y N 305 
PHE CD1    C Y N 306 
PHE CD2    C Y N 307 
PHE CE1    C Y N 308 
PHE CE2    C Y N 309 
PHE CZ     C Y N 310 
PHE OXT    O N N 311 
PHE H      H N N 312 
PHE H2     H N N 313 
PHE HA     H N N 314 
PHE HB2    H N N 315 
PHE HB3    H N N 316 
PHE HD1    H N N 317 
PHE HD2    H N N 318 
PHE HE1    H N N 319 
PHE HE2    H N N 320 
PHE HZ     H N N 321 
PHE HXT    H N N 322 
PRO N      N N N 323 
PRO CA     C N S 324 
PRO C      C N N 325 
PRO O      O N N 326 
PRO CB     C N N 327 
PRO CG     C N N 328 
PRO CD     C N N 329 
PRO OXT    O N N 330 
PRO H      H N N 331 
PRO HA     H N N 332 
PRO HB2    H N N 333 
PRO HB3    H N N 334 
PRO HG2    H N N 335 
PRO HG3    H N N 336 
PRO HD2    H N N 337 
PRO HD3    H N N 338 
PRO HXT    H N N 339 
SER N      N N N 340 
SER CA     C N S 341 
SER C      C N N 342 
SER O      O N N 343 
SER CB     C N N 344 
SER OG     O N N 345 
SER OXT    O N N 346 
SER H      H N N 347 
SER H2     H N N 348 
SER HA     H N N 349 
SER HB2    H N N 350 
SER HB3    H N N 351 
SER HG     H N N 352 
SER HXT    H N N 353 
THR N      N N N 354 
THR CA     C N S 355 
THR C      C N N 356 
THR O      O N N 357 
THR CB     C N R 358 
THR OG1    O N N 359 
THR CG2    C N N 360 
THR OXT    O N N 361 
THR H      H N N 362 
THR H2     H N N 363 
THR HA     H N N 364 
THR HB     H N N 365 
THR HG1    H N N 366 
THR HG21   H N N 367 
THR HG22   H N N 368 
THR HG23   H N N 369 
THR HXT    H N N 370 
TYR N      N N N 371 
TYR CA     C N S 372 
TYR C      C N N 373 
TYR O      O N N 374 
TYR CB     C N N 375 
TYR CG     C Y N 376 
TYR CD1    C Y N 377 
TYR CD2    C Y N 378 
TYR CE1    C Y N 379 
TYR CE2    C Y N 380 
TYR CZ     C Y N 381 
TYR OH     O N N 382 
TYR OXT    O N N 383 
TYR H      H N N 384 
TYR H2     H N N 385 
TYR HA     H N N 386 
TYR HB2    H N N 387 
TYR HB3    H N N 388 
TYR HD1    H N N 389 
TYR HD2    H N N 390 
TYR HE1    H N N 391 
TYR HE2    H N N 392 
TYR HH     H N N 393 
TYR HXT    H N N 394 
VAL N      N N N 395 
VAL CA     C N S 396 
VAL C      C N N 397 
VAL O      O N N 398 
VAL CB     C N N 399 
VAL CG1    C N N 400 
VAL CG2    C N N 401 
VAL OXT    O N N 402 
VAL H      H N N 403 
VAL H2     H N N 404 
VAL HA     H N N 405 
VAL HB     H N N 406 
VAL HG11   H N N 407 
VAL HG12   H N N 408 
VAL HG13   H N N 409 
VAL HG21   H N N 410 
VAL HG22   H N N 411 
VAL HG23   H N N 412 
VAL HXT    H N N 413 
# 
loop_
_chem_comp_bond.comp_id 
_chem_comp_bond.atom_id_1 
_chem_comp_bond.atom_id_2 
_chem_comp_bond.value_order 
_chem_comp_bond.pdbx_aromatic_flag 
_chem_comp_bond.pdbx_stereo_config 
_chem_comp_bond.pdbx_ordinal 
ALA N     CA     sing N N 1   
ALA N     H      sing N N 2   
ALA N     H2     sing N N 3   
ALA CA    C      sing N N 4   
ALA CA    CB     sing N N 5   
ALA CA    HA     sing N N 6   
ALA C     O      doub N N 7   
ALA C     OXT    sing N N 8   
ALA CB    HB1    sing N N 9   
ALA CB    HB2    sing N N 10  
ALA CB    HB3    sing N N 11  
ALA OXT   HXT    sing N N 12  
ARG N     CA     sing N N 13  
ARG N     H      sing N N 14  
ARG N     H2     sing N N 15  
ARG CA    C      sing N N 16  
ARG CA    CB     sing N N 17  
ARG CA    HA     sing N N 18  
ARG C     O      doub N N 19  
ARG C     OXT    sing N N 20  
ARG CB    CG     sing N N 21  
ARG CB    HB2    sing N N 22  
ARG CB    HB3    sing N N 23  
ARG CG    CD     sing N N 24  
ARG CG    HG2    sing N N 25  
ARG CG    HG3    sing N N 26  
ARG CD    NE     sing N N 27  
ARG CD    HD2    sing N N 28  
ARG CD    HD3    sing N N 29  
ARG NE    CZ     sing N N 30  
ARG NE    HE     sing N N 31  
ARG CZ    NH1    sing N N 32  
ARG CZ    NH2    doub N N 33  
ARG NH1   HH11   sing N N 34  
ARG NH1   HH12   sing N N 35  
ARG NH2   HH21   sing N N 36  
ARG NH2   HH22   sing N N 37  
ARG OXT   HXT    sing N N 38  
ASN N     CA     sing N N 39  
ASN N     H      sing N N 40  
ASN N     H2     sing N N 41  
ASN CA    C      sing N N 42  
ASN CA    CB     sing N N 43  
ASN CA    HA     sing N N 44  
ASN C     O      doub N N 45  
ASN C     OXT    sing N N 46  
ASN CB    CG     sing N N 47  
ASN CB    HB2    sing N N 48  
ASN CB    HB3    sing N N 49  
ASN CG    OD1    doub N N 50  
ASN CG    ND2    sing N N 51  
ASN ND2   HD21   sing N N 52  
ASN ND2   HD22   sing N N 53  
ASN OXT   HXT    sing N N 54  
ASP N     CA     sing N N 55  
ASP N     H      sing N N 56  
ASP N     H2     sing N N 57  
ASP CA    C      sing N N 58  
ASP CA    CB     sing N N 59  
ASP CA    HA     sing N N 60  
ASP C     O      doub N N 61  
ASP C     OXT    sing N N 62  
ASP CB    CG     sing N N 63  
ASP CB    HB2    sing N N 64  
ASP CB    HB3    sing N N 65  
ASP CG    OD1    doub N N 66  
ASP CG    OD2    sing N N 67  
ASP OD2   HD2    sing N N 68  
ASP OXT   HXT    sing N N 69  
CYS N     CA     sing N N 70  
CYS N     H      sing N N 71  
CYS N     H2     sing N N 72  
CYS CA    C      sing N N 73  
CYS CA    CB     sing N N 74  
CYS CA    HA     sing N N 75  
CYS C     O      doub N N 76  
CYS C     OXT    sing N N 77  
CYS CB    SG     sing N N 78  
CYS CB    HB2    sing N N 79  
CYS CB    HB3    sing N N 80  
CYS SG    HG     sing N N 81  
CYS OXT   HXT    sing N N 82  
DIO C1    "C1'"  sing N N 83  
DIO C1    O1     sing N N 84  
DIO C1    H11    sing N N 85  
DIO C1    H12    sing N N 86  
DIO C2    "C2'"  sing N N 87  
DIO C2    O1     sing N N 88  
DIO C2    H21    sing N N 89  
DIO C2    H22    sing N N 90  
DIO "C1'" "O1'"  sing N N 91  
DIO "C1'" "H1'1" sing N N 92  
DIO "C1'" "H1'2" sing N N 93  
DIO "C2'" "O1'"  sing N N 94  
DIO "C2'" "H2'1" sing N N 95  
DIO "C2'" "H2'2" sing N N 96  
GLN N     CA     sing N N 97  
GLN N     H      sing N N 98  
GLN N     H2     sing N N 99  
GLN CA    C      sing N N 100 
GLN CA    CB     sing N N 101 
GLN CA    HA     sing N N 102 
GLN C     O      doub N N 103 
GLN C     OXT    sing N N 104 
GLN CB    CG     sing N N 105 
GLN CB    HB2    sing N N 106 
GLN CB    HB3    sing N N 107 
GLN CG    CD     sing N N 108 
GLN CG    HG2    sing N N 109 
GLN CG    HG3    sing N N 110 
GLN CD    OE1    doub N N 111 
GLN CD    NE2    sing N N 112 
GLN NE2   HE21   sing N N 113 
GLN NE2   HE22   sing N N 114 
GLN OXT   HXT    sing N N 115 
GLU N     CA     sing N N 116 
GLU N     H      sing N N 117 
GLU N     H2     sing N N 118 
GLU CA    C      sing N N 119 
GLU CA    CB     sing N N 120 
GLU CA    HA     sing N N 121 
GLU C     O      doub N N 122 
GLU C     OXT    sing N N 123 
GLU CB    CG     sing N N 124 
GLU CB    HB2    sing N N 125 
GLU CB    HB3    sing N N 126 
GLU CG    CD     sing N N 127 
GLU CG    HG2    sing N N 128 
GLU CG    HG3    sing N N 129 
GLU CD    OE1    doub N N 130 
GLU CD    OE2    sing N N 131 
GLU OE2   HE2    sing N N 132 
GLU OXT   HXT    sing N N 133 
GLY N     CA     sing N N 134 
GLY N     H      sing N N 135 
GLY N     H2     sing N N 136 
GLY CA    C      sing N N 137 
GLY CA    HA2    sing N N 138 
GLY CA    HA3    sing N N 139 
GLY C     O      doub N N 140 
GLY C     OXT    sing N N 141 
GLY OXT   HXT    sing N N 142 
HIS N     CA     sing N N 143 
HIS N     H      sing N N 144 
HIS N     H2     sing N N 145 
HIS CA    C      sing N N 146 
HIS CA    CB     sing N N 147 
HIS CA    HA     sing N N 148 
HIS C     O      doub N N 149 
HIS C     OXT    sing N N 150 
HIS CB    CG     sing N N 151 
HIS CB    HB2    sing N N 152 
HIS CB    HB3    sing N N 153 
HIS CG    ND1    sing Y N 154 
HIS CG    CD2    doub Y N 155 
HIS ND1   CE1    doub Y N 156 
HIS ND1   HD1    sing N N 157 
HIS CD2   NE2    sing Y N 158 
HIS CD2   HD2    sing N N 159 
HIS CE1   NE2    sing Y N 160 
HIS CE1   HE1    sing N N 161 
HIS NE2   HE2    sing N N 162 
HIS OXT   HXT    sing N N 163 
HOH O     H1     sing N N 164 
HOH O     H2     sing N N 165 
ILE N     CA     sing N N 166 
ILE N     H      sing N N 167 
ILE N     H2     sing N N 168 
ILE CA    C      sing N N 169 
ILE CA    CB     sing N N 170 
ILE CA    HA     sing N N 171 
ILE C     O      doub N N 172 
ILE C     OXT    sing N N 173 
ILE CB    CG1    sing N N 174 
ILE CB    CG2    sing N N 175 
ILE CB    HB     sing N N 176 
ILE CG1   CD1    sing N N 177 
ILE CG1   HG12   sing N N 178 
ILE CG1   HG13   sing N N 179 
ILE CG2   HG21   sing N N 180 
ILE CG2   HG22   sing N N 181 
ILE CG2   HG23   sing N N 182 
ILE CD1   HD11   sing N N 183 
ILE CD1   HD12   sing N N 184 
ILE CD1   HD13   sing N N 185 
ILE OXT   HXT    sing N N 186 
IMP P     O1P    doub N N 187 
IMP P     O2P    sing N N 188 
IMP P     O3P    sing N N 189 
IMP P     "O5'"  sing N N 190 
IMP O2P   HOP2   sing N N 191 
IMP O3P   HOP3   sing N N 192 
IMP "O5'" "C5'"  sing N N 193 
IMP "C5'" "C4'"  sing N N 194 
IMP "C5'" "H5'1" sing N N 195 
IMP "C5'" "H5'2" sing N N 196 
IMP "C4'" "O4'"  sing N N 197 
IMP "C4'" "C3'"  sing N N 198 
IMP "C4'" "H4'"  sing N N 199 
IMP "O4'" "C1'"  sing N N 200 
IMP "C3'" "O3'"  sing N N 201 
IMP "C3'" "C2'"  sing N N 202 
IMP "C3'" "H3'"  sing N N 203 
IMP "O3'" "HO3'" sing N N 204 
IMP "C2'" "O2'"  sing N N 205 
IMP "C2'" "C1'"  sing N N 206 
IMP "C2'" "H2'"  sing N N 207 
IMP "O2'" "HO2'" sing N N 208 
IMP "C1'" N9     sing N N 209 
IMP "C1'" "H1'"  sing N N 210 
IMP N9    C8     sing Y N 211 
IMP N9    C4     sing Y N 212 
IMP C8    N7     doub Y N 213 
IMP C8    H8     sing N N 214 
IMP N7    C5     sing Y N 215 
IMP C5    C6     sing N N 216 
IMP C5    C4     doub Y N 217 
IMP C6    O6     doub N N 218 
IMP C6    N1     sing N N 219 
IMP N1    C2     sing N N 220 
IMP N1    HN1    sing N N 221 
IMP C2    N3     doub N N 222 
IMP C2    H2     sing N N 223 
IMP N3    C4     sing N N 224 
LEU N     CA     sing N N 225 
LEU N     H      sing N N 226 
LEU N     H2     sing N N 227 
LEU CA    C      sing N N 228 
LEU CA    CB     sing N N 229 
LEU CA    HA     sing N N 230 
LEU C     O      doub N N 231 
LEU C     OXT    sing N N 232 
LEU CB    CG     sing N N 233 
LEU CB    HB2    sing N N 234 
LEU CB    HB3    sing N N 235 
LEU CG    CD1    sing N N 236 
LEU CG    CD2    sing N N 237 
LEU CG    HG     sing N N 238 
LEU CD1   HD11   sing N N 239 
LEU CD1   HD12   sing N N 240 
LEU CD1   HD13   sing N N 241 
LEU CD2   HD21   sing N N 242 
LEU CD2   HD22   sing N N 243 
LEU CD2   HD23   sing N N 244 
LEU OXT   HXT    sing N N 245 
LYS N     CA     sing N N 246 
LYS N     H      sing N N 247 
LYS N     H2     sing N N 248 
LYS CA    C      sing N N 249 
LYS CA    CB     sing N N 250 
LYS CA    HA     sing N N 251 
LYS C     O      doub N N 252 
LYS C     OXT    sing N N 253 
LYS CB    CG     sing N N 254 
LYS CB    HB2    sing N N 255 
LYS CB    HB3    sing N N 256 
LYS CG    CD     sing N N 257 
LYS CG    HG2    sing N N 258 
LYS CG    HG3    sing N N 259 
LYS CD    CE     sing N N 260 
LYS CD    HD2    sing N N 261 
LYS CD    HD3    sing N N 262 
LYS CE    NZ     sing N N 263 
LYS CE    HE2    sing N N 264 
LYS CE    HE3    sing N N 265 
LYS NZ    HZ1    sing N N 266 
LYS NZ    HZ2    sing N N 267 
LYS NZ    HZ3    sing N N 268 
LYS OXT   HXT    sing N N 269 
MET N     CA     sing N N 270 
MET N     H      sing N N 271 
MET N     H2     sing N N 272 
MET CA    C      sing N N 273 
MET CA    CB     sing N N 274 
MET CA    HA     sing N N 275 
MET C     O      doub N N 276 
MET C     OXT    sing N N 277 
MET CB    CG     sing N N 278 
MET CB    HB2    sing N N 279 
MET CB    HB3    sing N N 280 
MET CG    SD     sing N N 281 
MET CG    HG2    sing N N 282 
MET CG    HG3    sing N N 283 
MET SD    CE     sing N N 284 
MET CE    HE1    sing N N 285 
MET CE    HE2    sing N N 286 
MET CE    HE3    sing N N 287 
MET OXT   HXT    sing N N 288 
PHE N     CA     sing N N 289 
PHE N     H      sing N N 290 
PHE N     H2     sing N N 291 
PHE CA    C      sing N N 292 
PHE CA    CB     sing N N 293 
PHE CA    HA     sing N N 294 
PHE C     O      doub N N 295 
PHE C     OXT    sing N N 296 
PHE CB    CG     sing N N 297 
PHE CB    HB2    sing N N 298 
PHE CB    HB3    sing N N 299 
PHE CG    CD1    doub Y N 300 
PHE CG    CD2    sing Y N 301 
PHE CD1   CE1    sing Y N 302 
PHE CD1   HD1    sing N N 303 
PHE CD2   CE2    doub Y N 304 
PHE CD2   HD2    sing N N 305 
PHE CE1   CZ     doub Y N 306 
PHE CE1   HE1    sing N N 307 
PHE CE2   CZ     sing Y N 308 
PHE CE2   HE2    sing N N 309 
PHE CZ    HZ     sing N N 310 
PHE OXT   HXT    sing N N 311 
PRO N     CA     sing N N 312 
PRO N     CD     sing N N 313 
PRO N     H      sing N N 314 
PRO CA    C      sing N N 315 
PRO CA    CB     sing N N 316 
PRO CA    HA     sing N N 317 
PRO C     O      doub N N 318 
PRO C     OXT    sing N N 319 
PRO CB    CG     sing N N 320 
PRO CB    HB2    sing N N 321 
PRO CB    HB3    sing N N 322 
PRO CG    CD     sing N N 323 
PRO CG    HG2    sing N N 324 
PRO CG    HG3    sing N N 325 
PRO CD    HD2    sing N N 326 
PRO CD    HD3    sing N N 327 
PRO OXT   HXT    sing N N 328 
SER N     CA     sing N N 329 
SER N     H      sing N N 330 
SER N     H2     sing N N 331 
SER CA    C      sing N N 332 
SER CA    CB     sing N N 333 
SER CA    HA     sing N N 334 
SER C     O      doub N N 335 
SER C     OXT    sing N N 336 
SER CB    OG     sing N N 337 
SER CB    HB2    sing N N 338 
SER CB    HB3    sing N N 339 
SER OG    HG     sing N N 340 
SER OXT   HXT    sing N N 341 
THR N     CA     sing N N 342 
THR N     H      sing N N 343 
THR N     H2     sing N N 344 
THR CA    C      sing N N 345 
THR CA    CB     sing N N 346 
THR CA    HA     sing N N 347 
THR C     O      doub N N 348 
THR C     OXT    sing N N 349 
THR CB    OG1    sing N N 350 
THR CB    CG2    sing N N 351 
THR CB    HB     sing N N 352 
THR OG1   HG1    sing N N 353 
THR CG2   HG21   sing N N 354 
THR CG2   HG22   sing N N 355 
THR CG2   HG23   sing N N 356 
THR OXT   HXT    sing N N 357 
TYR N     CA     sing N N 358 
TYR N     H      sing N N 359 
TYR N     H2     sing N N 360 
TYR CA    C      sing N N 361 
TYR CA    CB     sing N N 362 
TYR CA    HA     sing N N 363 
TYR C     O      doub N N 364 
TYR C     OXT    sing N N 365 
TYR CB    CG     sing N N 366 
TYR CB    HB2    sing N N 367 
TYR CB    HB3    sing N N 368 
TYR CG    CD1    doub Y N 369 
TYR CG    CD2    sing Y N 370 
TYR CD1   CE1    sing Y N 371 
TYR CD1   HD1    sing N N 372 
TYR CD2   CE2    doub Y N 373 
TYR CD2   HD2    sing N N 374 
TYR CE1   CZ     doub Y N 375 
TYR CE1   HE1    sing N N 376 
TYR CE2   CZ     sing Y N 377 
TYR CE2   HE2    sing N N 378 
TYR CZ    OH     sing N N 379 
TYR OH    HH     sing N N 380 
TYR OXT   HXT    sing N N 381 
VAL N     CA     sing N N 382 
VAL N     H      sing N N 383 
VAL N     H2     sing N N 384 
VAL CA    C      sing N N 385 
VAL CA    CB     sing N N 386 
VAL CA    HA     sing N N 387 
VAL C     O      doub N N 388 
VAL C     OXT    sing N N 389 
VAL CB    CG1    sing N N 390 
VAL CB    CG2    sing N N 391 
VAL CB    HB     sing N N 392 
VAL CG1   HG11   sing N N 393 
VAL CG1   HG12   sing N N 394 
VAL CG1   HG13   sing N N 395 
VAL CG2   HG21   sing N N 396 
VAL CG2   HG22   sing N N 397 
VAL CG2   HG23   sing N N 398 
VAL OXT   HXT    sing N N 399 
# 
loop_
_pdbx_entity_nonpoly.entity_id 
_pdbx_entity_nonpoly.name 
_pdbx_entity_nonpoly.comp_id 
2 'INOSINIC ACID'          IMP 
3 '1,4-DIETHYLENE DIOXIDE' DIO 
4 water                    HOH 
# 
_pdbx_initial_refinement_model.id               1 
_pdbx_initial_refinement_model.entity_id_list   ? 
_pdbx_initial_refinement_model.type             'experimental model' 
_pdbx_initial_refinement_model.source_name      PDB 
_pdbx_initial_refinement_model.accession_code   3ACB 
_pdbx_initial_refinement_model.details          ? 
# 
